data_7KUL
# 
_entry.id   7KUL 
# 
_audit_conform.dict_name       mmcif_pdbx.dic 
_audit_conform.dict_version    5.380 
_audit_conform.dict_location   http://mmcif.pdb.org/dictionaries/ascii/mmcif_pdbx.dic 
# 
loop_
_database_2.database_id 
_database_2.database_code 
_database_2.pdbx_database_accession 
_database_2.pdbx_DOI 
PDB   7KUL         pdb_00007kul 10.2210/pdb7kul/pdb 
WWPDB D_1000253077 ?            ?                   
# 
_pdbx_database_status.status_code                     REL 
_pdbx_database_status.status_code_sf                  REL 
_pdbx_database_status.status_code_mr                  ? 
_pdbx_database_status.entry_id                        7KUL 
_pdbx_database_status.recvd_initial_deposition_date   2020-11-25 
_pdbx_database_status.SG_entry                        N 
_pdbx_database_status.deposit_site                    RCSB 
_pdbx_database_status.process_site                    RCSB 
_pdbx_database_status.status_code_cs                  ? 
_pdbx_database_status.status_code_nmr_data            ? 
_pdbx_database_status.methods_development_category    ? 
_pdbx_database_status.pdb_format_compatible           Y 
# 
loop_
_audit_author.name 
_audit_author.pdbx_ordinal 
_audit_author.identifier_ORCID 
'Fang, Z.'      1 0000-0001-8679-6633 
'Giurgiu, C.'   2 0000-0003-0145-0110 
'Szostak, J.W.' 3 0000-0003-4131-1203 
# 
_citation.abstract                  ? 
_citation.abstract_id_CAS           ? 
_citation.book_id_ISBN              ? 
_citation.book_publisher            ? 
_citation.book_publisher_city       ? 
_citation.book_title                ? 
_citation.coordinate_linkage        ? 
_citation.country                   GE 
_citation.database_id_Medline       ? 
_citation.details                   ? 
_citation.id                        primary 
_citation.journal_abbrev            Angew.Chem.Int.Ed.Engl. 
_citation.journal_id_ASTM           ACIEAY 
_citation.journal_id_CSD            0179 
_citation.journal_id_ISSN           1521-3773 
_citation.journal_full              ? 
_citation.journal_issue             ? 
_citation.journal_volume            60 
_citation.language                  ? 
_citation.page_first                22925 
_citation.page_last                 22932 
_citation.title                     'Structure-Activity Relationships in Nonenzymatic Template-Directed RNA Synthesis.' 
_citation.year                      2021 
_citation.database_id_CSD           ? 
_citation.pdbx_database_id_DOI      10.1002/anie.202109714 
_citation.pdbx_database_id_PubMed   34428345 
_citation.unpublished_flag          ? 
# 
loop_
_citation_author.citation_id 
_citation_author.name 
_citation_author.ordinal 
_citation_author.identifier_ORCID 
primary 'Giurgiu, C.'    1 0000-0003-0145-0110 
primary 'Fang, Z.'       2 ?                   
primary 'Aitken, H.R.M.' 3 ?                   
primary 'Kim, S.C.'      4 ?                   
primary 'Pazienza, L.'   5 ?                   
primary 'Mittal, S.'     6 ?                   
primary 'Szostak, J.W.'  7 0000-0003-4131-1203 
# 
_cell.angle_alpha                  90.000 
_cell.angle_alpha_esd              ? 
_cell.angle_beta                   90.000 
_cell.angle_beta_esd               ? 
_cell.angle_gamma                  120.000 
_cell.angle_gamma_esd              ? 
_cell.entry_id                     7KUL 
_cell.details                      ? 
_cell.formula_units_Z              ? 
_cell.length_a                     47.443 
_cell.length_a_esd                 ? 
_cell.length_b                     47.443 
_cell.length_b_esd                 ? 
_cell.length_c                     82.803 
_cell.length_c_esd                 ? 
_cell.volume                       ? 
_cell.volume_esd                   ? 
_cell.Z_PDB                        12 
_cell.reciprocal_angle_alpha       ? 
_cell.reciprocal_angle_beta        ? 
_cell.reciprocal_angle_gamma       ? 
_cell.reciprocal_angle_alpha_esd   ? 
_cell.reciprocal_angle_beta_esd    ? 
_cell.reciprocal_angle_gamma_esd   ? 
_cell.reciprocal_length_a          ? 
_cell.reciprocal_length_b          ? 
_cell.reciprocal_length_c          ? 
_cell.reciprocal_length_a_esd      ? 
_cell.reciprocal_length_b_esd      ? 
_cell.reciprocal_length_c_esd      ? 
_cell.pdbx_unique_axis             ? 
# 
_symmetry.entry_id                         7KUL 
_symmetry.cell_setting                     ? 
_symmetry.Int_Tables_number                150 
_symmetry.space_group_name_Hall            ? 
_symmetry.space_group_name_H-M             'P 3 2 1' 
_symmetry.pdbx_full_space_group_name_H-M   ? 
# 
loop_
_entity.id 
_entity.type 
_entity.src_method 
_entity.pdbx_description 
_entity.formula_weight 
_entity.pdbx_number_of_molecules 
_entity.pdbx_ec 
_entity.pdbx_mutation 
_entity.pdbx_fragment 
_entity.details 
1 polymer     syn 
;DNA/RNA (5'-R(*(LKC)P*(LCC)P*(LCC)P*(LCG)P*AP*CP*UP*UP*AP*AP*GP*UP*C)-D(P*G)-3')
;
4416.824 2   ? ? ? ? 
2 non-polymer syn "DIGUANOSINE-5'-TRIPHOSPHATE"                                                      788.406  2   ? ? ? ? 
3 non-polymer syn 'MAGNESIUM ION'                                                                    24.305   12  ? ? ? ? 
4 water       nat water                                                                              18.015   112 ? ? ? ? 
# 
_entity_poly.entity_id                      1 
_entity_poly.type                           'polydeoxyribonucleotide/polyribonucleotide hybrid' 
_entity_poly.nstd_linkage                   no 
_entity_poly.nstd_monomer                   yes 
_entity_poly.pdbx_seq_one_letter_code       '(LKC)(LCC)(LCC)(LCG)ACUUAAGUC(DG)' 
_entity_poly.pdbx_seq_one_letter_code_can   NNNGACUUAAGUCG 
_entity_poly.pdbx_strand_id                 A,B 
_entity_poly.pdbx_target_identifier         ? 
# 
loop_
_entity_poly_seq.entity_id 
_entity_poly_seq.num 
_entity_poly_seq.mon_id 
_entity_poly_seq.hetero 
1 1  LKC n 
1 2  LCC n 
1 3  LCC n 
1 4  LCG n 
1 5  A   n 
1 6  C   n 
1 7  U   n 
1 8  U   n 
1 9  A   n 
1 10 A   n 
1 11 G   n 
1 12 U   n 
1 13 C   n 
1 14 DG  n 
# 
_pdbx_entity_src_syn.entity_id              1 
_pdbx_entity_src_syn.pdbx_src_id            1 
_pdbx_entity_src_syn.pdbx_alt_source_flag   sample 
_pdbx_entity_src_syn.pdbx_beg_seq_num       1 
_pdbx_entity_src_syn.pdbx_end_seq_num       14 
_pdbx_entity_src_syn.organism_scientific    'synthetic construct' 
_pdbx_entity_src_syn.organism_common_name   ? 
_pdbx_entity_src_syn.ncbi_taxonomy_id       32630 
_pdbx_entity_src_syn.details                ? 
# 
_struct_ref.id                         1 
_struct_ref.db_name                    PDB 
_struct_ref.db_code                    7KUL 
_struct_ref.pdbx_db_accession          7KUL 
_struct_ref.pdbx_db_isoform            ? 
_struct_ref.entity_id                  1 
_struct_ref.pdbx_seq_one_letter_code   ? 
_struct_ref.pdbx_align_begin           1 
# 
loop_
_struct_ref_seq.align_id 
_struct_ref_seq.ref_id 
_struct_ref_seq.pdbx_PDB_id_code 
_struct_ref_seq.pdbx_strand_id 
_struct_ref_seq.seq_align_beg 
_struct_ref_seq.pdbx_seq_align_beg_ins_code 
_struct_ref_seq.seq_align_end 
_struct_ref_seq.pdbx_seq_align_end_ins_code 
_struct_ref_seq.pdbx_db_accession 
_struct_ref_seq.db_align_beg 
_struct_ref_seq.pdbx_db_align_beg_ins_code 
_struct_ref_seq.db_align_end 
_struct_ref_seq.pdbx_db_align_end_ins_code 
_struct_ref_seq.pdbx_auth_seq_align_beg 
_struct_ref_seq.pdbx_auth_seq_align_end 
1 1 7KUL A 1 ? 14 ? 7KUL 1 ? 14 ? 1 14 
2 1 7KUL B 1 ? 14 ? 7KUL 1 ? 14 ? 1 14 
# 
loop_
_chem_comp.id 
_chem_comp.type 
_chem_comp.mon_nstd_flag 
_chem_comp.name 
_chem_comp.pdbx_synonyms 
_chem_comp.formula 
_chem_comp.formula_weight 
A   'RNA linking' y "ADENOSINE-5'-MONOPHOSPHATE" ? 'C10 H14 N5 O7 P'    347.221 
C   'RNA linking' y "CYTIDINE-5'-MONOPHOSPHATE" ? 'C9 H14 N3 O8 P'     323.197 
DG  'DNA linking' y "2'-DEOXYGUANOSINE-5'-MONOPHOSPHATE" ? 'C10 H14 N5 O7 P'    347.221 
G   'RNA linking' y "GUANOSINE-5'-MONOPHOSPHATE" ? 'C10 H14 N5 O8 P'    363.221 
GP3 non-polymer   . "DIGUANOSINE-5'-TRIPHOSPHATE" ? 'C20 H27 N10 O18 P3' 788.406 
HOH non-polymer   . WATER ? 'H2 O'               18.015  
LCC 'RNA linking' . 
'[(1R,3R,4R,7S)-7-HYDROXY-3-(5-METHYLCYTOSIN-1-YL)-2,5-DIOXABICYCLO[2.2.1]HEPT-1-YL]METHYL DIHYDROGEN PHOSPHATE'     ? 
'C11 H16 N3 O8 P'    349.234 
LCG 'RNA linking' n '[(1R,3R,4R,7S)-7-HYDROXY-3-(GUANIN-9-YL)-2,5-DIOXABICYCLO[2.2.1]HEPT-1-YL]METHYL DIHYDROGEN PHOSPHATE' ? 
'C11 H14 N5 O8 P'    375.231 
LKC 'RNA linking' . 
'4-AMINO-1-[(1S,3R,4R,7S)-7-HYDROXY-1-(HYDROXYMETHYL)-2,5-DIOXABICYCLO[2.2.1]HEPT-3-YL]-5-METHYLPYRIMIDIN-2(1H)-ONE' ? 
'C11 H15 N3 O5'      269.254 
MG  non-polymer   . 'MAGNESIUM ION' ? 'Mg 2'               24.305  
U   'RNA linking' y "URIDINE-5'-MONOPHOSPHATE" ? 'C9 H13 N2 O9 P'     324.181 
# 
_exptl.absorpt_coefficient_mu     ? 
_exptl.absorpt_correction_T_max   ? 
_exptl.absorpt_correction_T_min   ? 
_exptl.absorpt_correction_type    ? 
_exptl.absorpt_process_details    ? 
_exptl.entry_id                   7KUL 
_exptl.crystals_number            1 
_exptl.details                    ? 
_exptl.method                     'X-RAY DIFFRACTION' 
_exptl.method_details             ? 
# 
_exptl_crystal.colour                      ? 
_exptl_crystal.density_diffrn              ? 
_exptl_crystal.density_Matthews            3.05 
_exptl_crystal.density_method              ? 
_exptl_crystal.density_percent_sol         54.49 
_exptl_crystal.description                 ? 
_exptl_crystal.F_000                       ? 
_exptl_crystal.id                          1 
_exptl_crystal.preparation                 ? 
_exptl_crystal.size_max                    ? 
_exptl_crystal.size_mid                    ? 
_exptl_crystal.size_min                    ? 
_exptl_crystal.size_rad                    ? 
_exptl_crystal.colour_lustre               ? 
_exptl_crystal.colour_modifier             ? 
_exptl_crystal.colour_primary              ? 
_exptl_crystal.density_meas                ? 
_exptl_crystal.density_meas_esd            ? 
_exptl_crystal.density_meas_gt             ? 
_exptl_crystal.density_meas_lt             ? 
_exptl_crystal.density_meas_temp           ? 
_exptl_crystal.density_meas_temp_esd       ? 
_exptl_crystal.density_meas_temp_gt        ? 
_exptl_crystal.density_meas_temp_lt        ? 
_exptl_crystal.pdbx_crystal_image_url      ? 
_exptl_crystal.pdbx_crystal_image_format   ? 
_exptl_crystal.pdbx_mosaicity              ? 
_exptl_crystal.pdbx_mosaicity_esd          ? 
# 
_exptl_crystal_grow.apparatus       ? 
_exptl_crystal_grow.atmosphere      ? 
_exptl_crystal_grow.crystal_id      1 
_exptl_crystal_grow.details         ? 
_exptl_crystal_grow.method          'VAPOR DIFFUSION, HANGING DROP' 
_exptl_crystal_grow.method_ref      ? 
_exptl_crystal_grow.pH              6.5 
_exptl_crystal_grow.pressure        ? 
_exptl_crystal_grow.pressure_esd    ? 
_exptl_crystal_grow.seeding         ? 
_exptl_crystal_grow.seeding_ref     ? 
_exptl_crystal_grow.temp            293 
_exptl_crystal_grow.temp_details    ? 
_exptl_crystal_grow.temp_esd        ? 
_exptl_crystal_grow.time            ? 
_exptl_crystal_grow.pdbx_details    
;0.2 M Magnesium acetate tetrahydrate, 0.1 M Sodium cacodylate trihydrate pH 6.5, 30% v/v (+/-)-2-Methyl-2,4-pentanediol, 50 mM Magnesium Chloride
;
_exptl_crystal_grow.pdbx_pH_range   ? 
# 
_diffrn.ambient_environment              ? 
_diffrn.ambient_temp                     99 
_diffrn.ambient_temp_details             ? 
_diffrn.ambient_temp_esd                 ? 
_diffrn.crystal_id                       1 
_diffrn.crystal_support                  ? 
_diffrn.crystal_treatment                ? 
_diffrn.details                          ? 
_diffrn.id                               1 
_diffrn.ambient_pressure                 ? 
_diffrn.ambient_pressure_esd             ? 
_diffrn.ambient_pressure_gt              ? 
_diffrn.ambient_pressure_lt              ? 
_diffrn.ambient_temp_gt                  ? 
_diffrn.ambient_temp_lt                  ? 
_diffrn.pdbx_serial_crystal_experiment   N 
# 
_diffrn_detector.details                      ? 
_diffrn_detector.detector                     CCD 
_diffrn_detector.diffrn_id                    1 
_diffrn_detector.type                         'ADSC QUANTUM 315r' 
_diffrn_detector.area_resol_mean              ? 
_diffrn_detector.dtime                        ? 
_diffrn_detector.pdbx_frames_total            ? 
_diffrn_detector.pdbx_collection_time_total   ? 
_diffrn_detector.pdbx_collection_date         2020-10-01 
_diffrn_detector.pdbx_frequency               ? 
# 
_diffrn_radiation.collimation                      ? 
_diffrn_radiation.diffrn_id                        1 
_diffrn_radiation.filter_edge                      ? 
_diffrn_radiation.inhomogeneity                    ? 
_diffrn_radiation.monochromator                    ? 
_diffrn_radiation.polarisn_norm                    ? 
_diffrn_radiation.polarisn_ratio                   ? 
_diffrn_radiation.probe                            ? 
_diffrn_radiation.type                             ? 
_diffrn_radiation.xray_symbol                      ? 
_diffrn_radiation.wavelength_id                    1 
_diffrn_radiation.pdbx_monochromatic_or_laue_m_l   M 
_diffrn_radiation.pdbx_wavelength_list             ? 
_diffrn_radiation.pdbx_wavelength                  ? 
_diffrn_radiation.pdbx_diffrn_protocol             'SINGLE WAVELENGTH' 
_diffrn_radiation.pdbx_analyzer                    ? 
_diffrn_radiation.pdbx_scattering_type             x-ray 
# 
_diffrn_radiation_wavelength.id           1 
_diffrn_radiation_wavelength.wavelength   1.00 
_diffrn_radiation_wavelength.wt           1.0 
# 
_diffrn_source.current                     ? 
_diffrn_source.details                     ? 
_diffrn_source.diffrn_id                   1 
_diffrn_source.power                       ? 
_diffrn_source.size                        ? 
_diffrn_source.source                      SYNCHROTRON 
_diffrn_source.target                      ? 
_diffrn_source.type                        'ALS BEAMLINE 8.2.1' 
_diffrn_source.voltage                     ? 
_diffrn_source.take-off_angle              ? 
_diffrn_source.pdbx_wavelength_list        1.00 
_diffrn_source.pdbx_wavelength             ? 
_diffrn_source.pdbx_synchrotron_beamline   8.2.1 
_diffrn_source.pdbx_synchrotron_site       ALS 
# 
_reflns.B_iso_Wilson_estimate            ? 
_reflns.entry_id                         7KUL 
_reflns.data_reduction_details           ? 
_reflns.data_reduction_method            ? 
_reflns.d_resolution_high                1.64 
_reflns.d_resolution_low                 50 
_reflns.details                          ? 
_reflns.limit_h_max                      ? 
_reflns.limit_h_min                      ? 
_reflns.limit_k_max                      ? 
_reflns.limit_k_min                      ? 
_reflns.limit_l_max                      ? 
_reflns.limit_l_min                      ? 
_reflns.number_all                       ? 
_reflns.number_obs                       13719 
_reflns.observed_criterion               ? 
_reflns.observed_criterion_F_max         ? 
_reflns.observed_criterion_F_min         ? 
_reflns.observed_criterion_I_max         ? 
_reflns.observed_criterion_I_min         ? 
_reflns.observed_criterion_sigma_F       ? 
_reflns.observed_criterion_sigma_I       ? 
_reflns.percent_possible_obs             99.0 
_reflns.R_free_details                   ? 
_reflns.Rmerge_F_all                     ? 
_reflns.Rmerge_F_obs                     ? 
_reflns.Friedel_coverage                 ? 
_reflns.number_gt                        ? 
_reflns.threshold_expression             ? 
_reflns.pdbx_redundancy                  9.6 
_reflns.pdbx_Rmerge_I_obs                0.075 
_reflns.pdbx_Rmerge_I_all                ? 
_reflns.pdbx_Rsym_value                  ? 
_reflns.pdbx_netI_over_av_sigmaI         ? 
_reflns.pdbx_netI_over_sigmaI            24.9 
_reflns.pdbx_res_netI_over_av_sigmaI_2   ? 
_reflns.pdbx_res_netI_over_sigmaI_2      ? 
_reflns.pdbx_chi_squared                 0.953 
_reflns.pdbx_scaling_rejects             ? 
_reflns.pdbx_d_res_high_opt              ? 
_reflns.pdbx_d_res_low_opt               ? 
_reflns.pdbx_d_res_opt_method            ? 
_reflns.phase_calculation_details        ? 
_reflns.pdbx_Rrim_I_all                  0.079 
_reflns.pdbx_Rpim_I_all                  0.026 
_reflns.pdbx_d_opt                       ? 
_reflns.pdbx_number_measured_all         ? 
_reflns.pdbx_diffrn_id                   1 
_reflns.pdbx_ordinal                     1 
_reflns.pdbx_CC_half                     0.985 
_reflns.pdbx_CC_star                     0.996 
_reflns.pdbx_R_split                     ? 
# 
_reflns_shell.d_res_high                  1.64 
_reflns_shell.d_res_low                   1.67 
_reflns_shell.meanI_over_sigI_all         ? 
_reflns_shell.meanI_over_sigI_obs         5.3 
_reflns_shell.number_measured_all         ? 
_reflns_shell.number_measured_obs         ? 
_reflns_shell.number_possible             ? 
_reflns_shell.number_unique_all           ? 
_reflns_shell.number_unique_obs           643 
_reflns_shell.percent_possible_all        97.4 
_reflns_shell.percent_possible_obs        ? 
_reflns_shell.Rmerge_F_all                ? 
_reflns_shell.Rmerge_F_obs                ? 
_reflns_shell.Rmerge_I_all                ? 
_reflns_shell.Rmerge_I_obs                0.314 
_reflns_shell.meanI_over_sigI_gt          ? 
_reflns_shell.meanI_over_uI_all           ? 
_reflns_shell.meanI_over_uI_gt            ? 
_reflns_shell.number_measured_gt          ? 
_reflns_shell.number_unique_gt            ? 
_reflns_shell.percent_possible_gt         ? 
_reflns_shell.Rmerge_F_gt                 ? 
_reflns_shell.Rmerge_I_gt                 ? 
_reflns_shell.pdbx_redundancy             5.4 
_reflns_shell.pdbx_Rsym_value             ? 
_reflns_shell.pdbx_chi_squared            0.903 
_reflns_shell.pdbx_netI_over_sigmaI_all   ? 
_reflns_shell.pdbx_netI_over_sigmaI_obs   ? 
_reflns_shell.pdbx_Rrim_I_all             0.339 
_reflns_shell.pdbx_Rpim_I_all             0.123 
_reflns_shell.pdbx_rejects                ? 
_reflns_shell.pdbx_ordinal                1 
_reflns_shell.pdbx_diffrn_id              1 
_reflns_shell.pdbx_CC_half                0.989 
_reflns_shell.pdbx_CC_star                0.997 
_reflns_shell.pdbx_R_split                ? 
# 
_refine.aniso_B[1][1]                            0.001 
_refine.aniso_B[1][2]                            0.001 
_refine.aniso_B[1][3]                            0.000 
_refine.aniso_B[2][2]                            0.001 
_refine.aniso_B[2][3]                            -0.000 
_refine.aniso_B[3][3]                            -0.004 
_refine.B_iso_max                                ? 
_refine.B_iso_mean                               18.930 
_refine.B_iso_min                                ? 
_refine.correlation_coeff_Fo_to_Fc               0.943 
_refine.correlation_coeff_Fo_to_Fc_free          0.924 
_refine.details                                  'Hydrogens have been added in their riding positions' 
_refine.diff_density_max                         ? 
_refine.diff_density_max_esd                     ? 
_refine.diff_density_min                         ? 
_refine.diff_density_min_esd                     ? 
_refine.diff_density_rms                         ? 
_refine.diff_density_rms_esd                     ? 
_refine.entry_id                                 7KUL 
_refine.pdbx_refine_id                           'X-RAY DIFFRACTION' 
_refine.ls_abs_structure_details                 ? 
_refine.ls_abs_structure_Flack                   ? 
_refine.ls_abs_structure_Flack_esd               ? 
_refine.ls_abs_structure_Rogers                  ? 
_refine.ls_abs_structure_Rogers_esd              ? 
_refine.ls_d_res_high                            1.64 
_refine.ls_d_res_low                             50 
_refine.ls_extinction_coef                       ? 
_refine.ls_extinction_coef_esd                   ? 
_refine.ls_extinction_expression                 ? 
_refine.ls_extinction_method                     ? 
_refine.ls_goodness_of_fit_all                   ? 
_refine.ls_goodness_of_fit_all_esd               ? 
_refine.ls_goodness_of_fit_obs                   ? 
_refine.ls_goodness_of_fit_obs_esd               ? 
_refine.ls_hydrogen_treatment                    ? 
_refine.ls_matrix_type                           ? 
_refine.ls_number_constraints                    ? 
_refine.ls_number_parameters                     ? 
_refine.ls_number_reflns_all                     ? 
_refine.ls_number_reflns_obs                     12116 
_refine.ls_number_reflns_R_free                  569 
_refine.ls_number_reflns_R_work                  11547 
_refine.ls_number_restraints                     ? 
_refine.ls_percent_reflns_obs                    87.581 
_refine.ls_percent_reflns_R_free                 4.696 
_refine.ls_R_factor_all                          0.210 
_refine.ls_R_factor_obs                          ? 
_refine.ls_R_factor_R_free                       0.2470 
_refine.ls_R_factor_R_free_error                 ? 
_refine.ls_R_factor_R_free_error_details         ? 
_refine.ls_R_factor_R_work                       0.2079 
_refine.ls_R_Fsqd_factor_obs                     ? 
_refine.ls_R_I_factor_obs                        ? 
_refine.ls_redundancy_reflns_all                 ? 
_refine.ls_redundancy_reflns_obs                 ? 
_refine.ls_restrained_S_all                      ? 
_refine.ls_restrained_S_obs                      ? 
_refine.ls_shift_over_esd_max                    ? 
_refine.ls_shift_over_esd_mean                   ? 
_refine.ls_structure_factor_coef                 ? 
_refine.ls_weighting_details                     ? 
_refine.ls_weighting_scheme                      ? 
_refine.ls_wR_factor_all                         ? 
_refine.ls_wR_factor_obs                         ? 
_refine.ls_wR_factor_R_free                      ? 
_refine.ls_wR_factor_R_work                      ? 
_refine.occupancy_max                            ? 
_refine.occupancy_min                            ? 
_refine.solvent_model_details                    'MASK BULK SOLVENT' 
_refine.solvent_model_param_bsol                 ? 
_refine.solvent_model_param_ksol                 ? 
_refine.pdbx_R_complete                          ? 
_refine.ls_R_factor_gt                           ? 
_refine.ls_goodness_of_fit_gt                    ? 
_refine.ls_goodness_of_fit_ref                   ? 
_refine.ls_shift_over_su_max                     ? 
_refine.ls_shift_over_su_max_lt                  ? 
_refine.ls_shift_over_su_mean                    ? 
_refine.ls_shift_over_su_mean_lt                 ? 
_refine.pdbx_ls_sigma_I                          ? 
_refine.pdbx_ls_sigma_F                          ? 
_refine.pdbx_ls_sigma_Fsqd                       ? 
_refine.pdbx_data_cutoff_high_absF               ? 
_refine.pdbx_data_cutoff_high_rms_absF           ? 
_refine.pdbx_data_cutoff_low_absF                ? 
_refine.pdbx_isotropic_thermal_model             ? 
_refine.pdbx_ls_cross_valid_method               THROUGHOUT 
_refine.pdbx_method_to_determine_struct          'MOLECULAR REPLACEMENT' 
_refine.pdbx_starting_model                      5UEE 
_refine.pdbx_stereochemistry_target_values       ? 
_refine.pdbx_R_Free_selection_details            ? 
_refine.pdbx_stereochem_target_val_spec_case     ? 
_refine.pdbx_overall_ESU_R                       0.114 
_refine.pdbx_overall_ESU_R_Free                  0.115 
_refine.pdbx_solvent_vdw_probe_radii             1.200 
_refine.pdbx_solvent_ion_probe_radii             0.800 
_refine.pdbx_solvent_shrinkage_radii             0.800 
_refine.pdbx_real_space_R                        ? 
_refine.pdbx_density_correlation                 ? 
_refine.pdbx_pd_number_of_powder_patterns        ? 
_refine.pdbx_pd_number_of_points                 ? 
_refine.pdbx_pd_meas_number_of_points            ? 
_refine.pdbx_pd_proc_ls_prof_R_factor            ? 
_refine.pdbx_pd_proc_ls_prof_wR_factor           ? 
_refine.pdbx_pd_Marquardt_correlation_coeff      ? 
_refine.pdbx_pd_Fsqrd_R_factor                   ? 
_refine.pdbx_pd_ls_matrix_band_width             ? 
_refine.pdbx_overall_phase_error                 ? 
_refine.pdbx_overall_SU_R_free_Cruickshank_DPI   ? 
_refine.pdbx_overall_SU_R_free_Blow_DPI          ? 
_refine.pdbx_overall_SU_R_Blow_DPI               ? 
_refine.pdbx_TLS_residual_ADP_flag               ? 
_refine.pdbx_diffrn_id                           1 
_refine.overall_SU_B                             1.864 
_refine.overall_SU_ML                            0.064 
_refine.overall_SU_R_Cruickshank_DPI             ? 
_refine.overall_SU_R_free                        ? 
_refine.overall_FOM_free_R_set                   ? 
_refine.overall_FOM_work_R_set                   ? 
_refine.pdbx_average_fsc_overall                 ? 
_refine.pdbx_average_fsc_work                    ? 
_refine.pdbx_average_fsc_free                    ? 
# 
_refine_hist.pdbx_refine_id                   'X-RAY DIFFRACTION' 
_refine_hist.cycle_id                         LAST 
_refine_hist.pdbx_number_atoms_protein        0 
_refine_hist.pdbx_number_atoms_nucleic_acid   509 
_refine_hist.pdbx_number_atoms_ligand         201 
_refine_hist.number_atoms_solvent             112 
_refine_hist.number_atoms_total               822 
_refine_hist.d_res_high                       1.64 
_refine_hist.d_res_low                        50 
# 
loop_
_refine_ls_restr.pdbx_refine_id 
_refine_ls_restr.criterion 
_refine_ls_restr.dev_ideal 
_refine_ls_restr.dev_ideal_target 
_refine_ls_restr.number 
_refine_ls_restr.rejects 
_refine_ls_restr.type 
_refine_ls_restr.weight 
_refine_ls_restr.pdbx_restraint_function 
'X-RAY DIFFRACTION' ? 0.023 0.017  792  ? r_bond_refined_d               ? ? 
'X-RAY DIFFRACTION' ? 0.028 0.024  348  ? r_bond_other_d                 ? ? 
'X-RAY DIFFRACTION' ? 2.880 2.010  1200 ? r_angle_refined_deg            ? ? 
'X-RAY DIFFRACTION' ? 3.840 3.171  818  ? r_angle_other_deg              ? ? 
'X-RAY DIFFRACTION' ? 0.481 0.200  138  ? r_chiral_restr                 ? ? 
'X-RAY DIFFRACTION' ? 1.816 0.200  20   ? r_chiral_restr_other           ? ? 
'X-RAY DIFFRACTION' ? 0.019 0.021  400  ? r_gen_planes_refined           ? ? 
'X-RAY DIFFRACTION' ? 0.001 0.022  152  ? r_gen_planes_other             ? ? 
'X-RAY DIFFRACTION' ? 0.090 0.200  72   ? r_nbd_refined                  ? ? 
'X-RAY DIFFRACTION' ? 0.222 0.200  490  ? r_symmetry_nbd_other           ? ? 
'X-RAY DIFFRACTION' ? 0.252 0.200  311  ? r_nbtor_refined                ? ? 
'X-RAY DIFFRACTION' ? 0.244 0.200  175  ? r_symmetry_nbtor_other         ? ? 
'X-RAY DIFFRACTION' ? 0.166 0.200  95   ? r_xyhbond_nbd_refined          ? ? 
'X-RAY DIFFRACTION' ? 0.095 0.200  2    ? r_symmetry_xyhbond_nbd_other   ? ? 
'X-RAY DIFFRACTION' ? 0.105 0.200  6    ? r_metal_ion_refined            ? ? 
'X-RAY DIFFRACTION' ? 0.129 0.200  7    ? r_symmetry_nbd_refined         ? ? 
'X-RAY DIFFRACTION' ? 0.169 0.200  32   ? r_nbd_other                    ? ? 
'X-RAY DIFFRACTION' ? 0.138 0.200  17   ? r_symmetry_xyhbond_nbd_refined ? ? 
'X-RAY DIFFRACTION' ? 2.091 1.923  792  ? r_scbond_it                    ? ? 
'X-RAY DIFFRACTION' ? 2.090 1.923  793  ? r_scbond_other                 ? ? 
'X-RAY DIFFRACTION' ? 2.940 2.897  1200 ? r_scangle_it                   ? ? 
'X-RAY DIFFRACTION' ? 2.939 2.896  1201 ? r_scangle_other                ? ? 
'X-RAY DIFFRACTION' ? 4.730 17.943 1122 ? r_lrange_it                    ? ? 
'X-RAY DIFFRACTION' ? 4.501 17.125 1086 ? r_lrange_other                 ? ? 
# 
loop_
_refine_ls_shell.pdbx_refine_id 
_refine_ls_shell.d_res_high 
_refine_ls_shell.d_res_low 
_refine_ls_shell.number_reflns_all 
_refine_ls_shell.number_reflns_obs 
_refine_ls_shell.number_reflns_R_free 
_refine_ls_shell.number_reflns_R_work 
_refine_ls_shell.percent_reflns_obs 
_refine_ls_shell.percent_reflns_R_free 
_refine_ls_shell.R_factor_all 
_refine_ls_shell.R_factor_obs 
_refine_ls_shell.R_factor_R_free 
_refine_ls_shell.R_factor_R_free_error 
_refine_ls_shell.R_factor_R_work 
_refine_ls_shell.redundancy_reflns_all 
_refine_ls_shell.redundancy_reflns_obs 
_refine_ls_shell.wR_factor_all 
_refine_ls_shell.wR_factor_obs 
_refine_ls_shell.wR_factor_R_free 
_refine_ls_shell.wR_factor_R_work 
_refine_ls_shell.pdbx_R_complete 
_refine_ls_shell.pdbx_total_number_of_bins_used 
_refine_ls_shell.pdbx_phase_error 
_refine_ls_shell.pdbx_fsc_work 
_refine_ls_shell.pdbx_fsc_free 
'X-RAY DIFFRACTION' 1.64  1.681 . . 17 454 47.8659  . . . 0.315 . 0.214 . . . . . . . . . . . 
'X-RAY DIFFRACTION' 1.681 1.727 . . 26 508 53.9939  . . . 0.209 . 0.194 . . . . . . . . . . . 
'X-RAY DIFFRACTION' 1.727 1.777 . . 38 558 63.1356  . . . 0.223 . .     . . . . . . . . . . . 
'X-RAY DIFFRACTION' 1.777 1.831 . . 41 680 76.7838  . . . 0.256 . 0.199 . . . . . . . . . . . 
'X-RAY DIFFRACTION' 1.831 1.891 . . 25 822 96.2500  . . . 0.182 . .     . . . . . . . . . . . 
'X-RAY DIFFRACTION' 1.891 1.958 . . 46 829 99.3190  . . . 0.218 . .     . . . . . . . . . . . 
'X-RAY DIFFRACTION' 1.958 2.032 . . 20 814 100.0000 . . . 0.294 . 0.242 . . . . . . . . . . . 
'X-RAY DIFFRACTION' 2.032 2.114 . . 40 769 100.0000 . . . 0.281 . 0.222 . . . . . . . . . . . 
'X-RAY DIFFRACTION' 2.114 2.208 . . 41 730 100.0000 . . . 0.305 . 0.248 . . . . . . . . . . . 
'X-RAY DIFFRACTION' 2.208 2.316 . . 35 713 100.0000 . . . 0.223 . .     . . . . . . . . . . . 
'X-RAY DIFFRACTION' 2.316 2.441 . . 30 686 100.0000 . . . 0.328 . 0.206 . . . . . . . . . . . 
'X-RAY DIFFRACTION' 2.441 2.589 . . 34 655 99.8551  . . . 0.345 . 0.220 . . . . . . . . . . . 
'X-RAY DIFFRACTION' 2.589 2.768 . . 51 575 99.6815  . . . 0.222 . .     . . . . . . . . . . . 
'X-RAY DIFFRACTION' 2.768 2.989 . . 26 579 99.6705  . . . 0.322 . 0.212 . . . . . . . . . . . 
'X-RAY DIFFRACTION' 2.989 3.274 . . 24 509 97.6190  . . . 0.261 . 0.176 . . . . . . . . . . . 
'X-RAY DIFFRACTION' 3.274 3.660 . . 22 478 96.8992  . . . 0.258 . 0.199 . . . . . . . . . . . 
'X-RAY DIFFRACTION' 3.660 4.225 . . 15 411 95.7303  . . . 0.099 . .     . . . . . . . . . . . 
'X-RAY DIFFRACTION' 4.225 5.171 . . 27 361 97.4874  . . . 0.179 . 0.163 . . . . . . . . . . . 
'X-RAY DIFFRACTION' 5.171 7.299 . . 8  285 95.1299  . . . 0.310 . 0.179 . . . . . . . . . . . 
'X-RAY DIFFRACTION' 7.299 50    . . 3  131 66.6667  . . . 0.397 . 0.295 . . . . . . . . . . . 
# 
_struct.entry_id                     7KUL 
_struct.title                        
;DNA modification at 3' end of RNA primer complex with guanosine dinucleotide ligand G(5')ppp(5')G
;
_struct.pdbx_model_details           ? 
_struct.pdbx_formula_weight          ? 
_struct.pdbx_formula_weight_method   ? 
_struct.pdbx_model_type_details      ? 
_struct.pdbx_CASP_flag               N 
# 
_struct_keywords.entry_id        7KUL 
_struct_keywords.text            'RNA, nonenzymatic RNA extension, DNA' 
_struct_keywords.pdbx_keywords   RNA 
# 
loop_
_struct_asym.id 
_struct_asym.pdbx_blank_PDB_chainid_flag 
_struct_asym.pdbx_modified 
_struct_asym.entity_id 
_struct_asym.details 
A N N 1 ? 
B N N 1 ? 
C N N 2 ? 
D N N 3 ? 
E N N 3 ? 
F N N 3 ? 
G N N 3 ? 
H N N 3 ? 
I N N 3 ? 
J N N 2 ? 
K N N 3 ? 
L N N 3 ? 
M N N 3 ? 
N N N 3 ? 
O N N 3 ? 
P N N 3 ? 
Q N N 4 ? 
R N N 4 ? 
# 
loop_
_struct_conn.id 
_struct_conn.conn_type_id 
_struct_conn.pdbx_leaving_atom_flag 
_struct_conn.pdbx_PDB_id 
_struct_conn.ptnr1_label_asym_id 
_struct_conn.ptnr1_label_comp_id 
_struct_conn.ptnr1_label_seq_id 
_struct_conn.ptnr1_label_atom_id 
_struct_conn.pdbx_ptnr1_label_alt_id 
_struct_conn.pdbx_ptnr1_PDB_ins_code 
_struct_conn.pdbx_ptnr1_standard_comp_id 
_struct_conn.ptnr1_symmetry 
_struct_conn.ptnr2_label_asym_id 
_struct_conn.ptnr2_label_comp_id 
_struct_conn.ptnr2_label_seq_id 
_struct_conn.ptnr2_label_atom_id 
_struct_conn.pdbx_ptnr2_label_alt_id 
_struct_conn.pdbx_ptnr2_PDB_ins_code 
_struct_conn.ptnr1_auth_asym_id 
_struct_conn.ptnr1_auth_comp_id 
_struct_conn.ptnr1_auth_seq_id 
_struct_conn.ptnr2_auth_asym_id 
_struct_conn.ptnr2_auth_comp_id 
_struct_conn.ptnr2_auth_seq_id 
_struct_conn.ptnr2_symmetry 
_struct_conn.pdbx_ptnr3_label_atom_id 
_struct_conn.pdbx_ptnr3_label_seq_id 
_struct_conn.pdbx_ptnr3_label_comp_id 
_struct_conn.pdbx_ptnr3_label_asym_id 
_struct_conn.pdbx_ptnr3_label_alt_id 
_struct_conn.pdbx_ptnr3_PDB_ins_code 
_struct_conn.details 
_struct_conn.pdbx_dist_value 
_struct_conn.pdbx_value_order 
_struct_conn.pdbx_role 
covale1  covale both ? A LKC 1  "O3'" ? ? ? 1_555 A LCC 2  P   ? ? A LKC 1   A LCC 2   1_555 ? ? ? ? ? ? ?            1.599 ? ? 
covale2  covale both ? A LCC 2  "O3'" ? ? ? 1_555 A LCC 3  P   ? ? A LCC 2   A LCC 3   1_555 ? ? ? ? ? ? ?            1.573 ? ? 
covale3  covale both ? A LCC 3  "O3'" ? ? ? 1_555 A LCG 4  P   ? ? A LCC 3   A LCG 4   1_555 ? ? ? ? ? ? ?            1.624 ? ? 
covale4  covale both ? A LCG 4  "O3'" ? ? ? 1_555 A A   5  P   ? ? A LCG 4   A A   5   1_555 ? ? ? ? ? ? ?            1.580 ? ? 
covale5  covale both ? B LKC 1  "O3'" ? ? ? 1_555 B LCC 2  P   ? ? B LKC 1   B LCC 2   1_555 ? ? ? ? ? ? ?            1.610 ? ? 
covale6  covale both ? B LCC 2  "O3'" ? ? ? 1_555 B LCC 3  P   ? ? B LCC 2   B LCC 3   1_555 ? ? ? ? ? ? ?            1.577 ? ? 
covale7  covale both ? B LCC 3  "O3'" ? ? ? 1_555 B LCG 4  P   ? ? B LCC 3   B LCG 4   1_555 ? ? ? ? ? ? ?            1.636 ? ? 
covale8  covale both ? B LCG 4  "O3'" ? ? ? 1_555 B A   5  P   ? ? B LCG 4   B A   5   1_555 ? ? ? ? ? ? ?            1.584 ? ? 
metalc1  metalc ?    ? A C   6  OP1   ? ? ? 1_555 M MG  .  MG  ? ? A C   6   B MG  104 2_565 ? ? ? ? ? ? ?            2.604 ? ? 
metalc2  metalc ?    ? C GP3 .  O3D   ? ? ? 1_555 K MG  .  MG  ? ? A GP3 101 B MG  102 1_555 ? ? ? ? ? ? ?            2.100 ? ? 
metalc3  metalc ?    ? C GP3 .  O2D   ? ? ? 1_555 K MG  .  MG  ? ? A GP3 101 B MG  102 1_555 ? ? ? ? ? ? ?            2.067 ? ? 
metalc4  metalc ?    ? C GP3 .  O3D   ? ? ? 1_555 K MG  .  MG  ? ? A GP3 101 B MG  102 2_565 ? ? ? ? ? ? ?            2.446 ? ? 
metalc5  metalc ?    ? C GP3 .  O2D   ? ? ? 1_555 K MG  .  MG  ? ? A GP3 101 B MG  102 3_455 ? ? ? ? ? ? ?            2.362 ? ? 
metalc6  metalc ?    ? C GP3 .  O2A   ? ? ? 1_555 P MG  .  MG  ? ? A GP3 101 B MG  107 1_555 ? ? ? ? ? ? ?            1.932 ? ? 
metalc7  metalc ?    ? C GP3 .  O2B   ? ? ? 1_555 P MG  .  MG  ? ? A GP3 101 B MG  107 1_555 ? ? ? ? ? ? ?            1.924 ? ? 
metalc8  metalc ?    ? C GP3 .  O3B   ? ? ? 1_555 P MG  .  MG  ? ? A GP3 101 B MG  107 1_555 ? ? ? ? ? ? ?            2.938 ? ? 
metalc9  metalc ?    ? C GP3 .  O2G   ? ? ? 1_555 P MG  .  MG  ? ? A GP3 101 B MG  107 1_555 ? ? ? ? ? ? ?            1.931 ? ? 
metalc10 metalc ?    ? D MG  .  MG    ? ? ? 1_555 J GP3 .  O3D ? ? A MG  102 B GP3 101 1_555 ? ? ? ? ? ? ?            2.099 ? ? 
metalc11 metalc ?    ? D MG  .  MG    ? ? ? 1_555 J GP3 .  O2D ? ? A MG  102 B GP3 101 1_555 ? ? ? ? ? ? ?            2.076 ? ? 
metalc12 metalc ?    ? D MG  .  MG    ? ? ? 1_555 J GP3 .  O3D ? ? A MG  102 B GP3 101 2_565 ? ? ? ? ? ? ?            2.431 ? ? 
metalc13 metalc ?    ? D MG  .  MG    ? ? ? 1_555 J GP3 .  O2D ? ? A MG  102 B GP3 101 3_455 ? ? ? ? ? ? ?            2.369 ? ? 
metalc14 metalc ?    ? E MG  .  MG    ? ? ? 1_555 Q HOH .  O   ? ? A MG  103 A HOH 214 1_555 ? ? ? ? ? ? ?            2.116 ? ? 
metalc15 metalc ?    ? E MG  .  MG    ? ? ? 1_555 Q HOH .  O   ? ? A MG  103 A HOH 223 1_555 ? ? ? ? ? ? ?            2.062 ? ? 
metalc16 metalc ?    ? E MG  .  MG    ? ? ? 1_555 Q HOH .  O   ? ? A MG  103 A HOH 253 1_555 ? ? ? ? ? ? ?            2.094 ? ? 
metalc17 metalc ?    ? E MG  .  MG    ? ? ? 1_555 R HOH .  O   ? ? A MG  103 B HOH 216 1_555 ? ? ? ? ? ? ?            2.156 ? ? 
metalc18 metalc ?    ? E MG  .  MG    ? ? ? 1_555 R HOH .  O   ? ? A MG  103 B HOH 222 1_555 ? ? ? ? ? ? ?            2.095 ? ? 
metalc19 metalc ?    ? E MG  .  MG    ? ? ? 1_555 R HOH .  O   ? ? A MG  103 B HOH 252 1_555 ? ? ? ? ? ? ?            2.084 ? ? 
metalc20 metalc ?    ? F MG  .  MG    ? ? ? 1_555 Q HOH .  O   ? ? A MG  104 A HOH 203 1_555 ? ? ? ? ? ? ?            2.211 ? ? 
metalc21 metalc ?    ? F MG  .  MG    ? ? ? 1_555 Q HOH .  O   ? ? A MG  104 A HOH 227 3_455 ? ? ? ? ? ? ?            2.081 ? ? 
metalc22 metalc ?    ? F MG  .  MG    ? ? ? 1_555 Q HOH .  O   ? ? A MG  104 A HOH 236 1_555 ? ? ? ? ? ? ?            2.016 ? ? 
metalc23 metalc ?    ? F MG  .  MG    ? ? ? 1_555 R HOH .  O   ? ? A MG  104 B HOH 232 1_555 ? ? ? ? ? ? ?            2.107 ? ? 
metalc24 metalc ?    ? F MG  .  MG    ? ? ? 1_555 R HOH .  O   ? ? A MG  104 B HOH 240 1_555 ? ? ? ? ? ? ?            2.200 ? ? 
metalc25 metalc ?    ? F MG  .  MG    ? ? ? 1_555 R HOH .  O   ? ? A MG  104 B HOH 247 1_555 ? ? ? ? ? ? ?            1.973 ? ? 
metalc26 metalc ?    ? G MG  .  MG    ? ? ? 1_555 Q HOH .  O   ? ? A MG  105 A HOH 202 1_555 ? ? ? ? ? ? ?            2.041 ? ? 
metalc27 metalc ?    ? G MG  .  MG    ? ? ? 1_555 Q HOH .  O   ? ? A MG  105 A HOH 222 1_555 ? ? ? ? ? ? ?            2.049 ? ? 
metalc28 metalc ?    ? G MG  .  MG    ? ? ? 1_555 Q HOH .  O   ? ? A MG  105 A HOH 242 1_555 ? ? ? ? ? ? ?            2.047 ? ? 
metalc29 metalc ?    ? G MG  .  MG    ? ? ? 1_555 Q HOH .  O   ? ? A MG  105 A HOH 248 1_555 ? ? ? ? ? ? ?            2.132 ? ? 
metalc30 metalc ?    ? G MG  .  MG    ? ? ? 1_555 Q HOH .  O   ? ? A MG  105 A HOH 255 1_555 ? ? ? ? ? ? ?            2.054 ? ? 
metalc31 metalc ?    ? G MG  .  MG    ? ? ? 1_555 Q HOH .  O   ? ? A MG  105 A HOH 257 1_555 ? ? ? ? ? ? ?            1.878 ? ? 
metalc32 metalc ?    ? H MG  .  MG    ? ? ? 1_555 Q HOH .  O   ? ? A MG  106 A HOH 215 1_555 ? ? ? ? ? ? ?            2.127 ? ? 
metalc33 metalc ?    ? H MG  .  MG    ? ? ? 1_555 Q HOH .  O   ? ? A MG  106 A HOH 229 1_555 ? ? ? ? ? ? ?            2.219 ? ? 
metalc34 metalc ?    ? H MG  .  MG    ? ? ? 1_555 Q HOH .  O   ? ? A MG  106 A HOH 256 1_555 ? ? ? ? ? ? ?            2.093 ? ? 
metalc35 metalc ?    ? H MG  .  MG    ? ? ? 1_555 R HOH .  O   ? ? A MG  106 B HOH 205 1_555 ? ? ? ? ? ? ?            1.920 ? ? 
metalc36 metalc ?    ? I MG  .  MG    ? ? ? 1_555 J GP3 .  O2A ? ? A MG  107 B GP3 101 1_555 ? ? ? ? ? ? ?            1.934 ? ? 
metalc37 metalc ?    ? I MG  .  MG    ? ? ? 1_555 J GP3 .  O2B ? ? A MG  107 B GP3 101 1_555 ? ? ? ? ? ? ?            1.925 ? ? 
metalc38 metalc ?    ? I MG  .  MG    ? ? ? 1_555 J GP3 .  O3B ? ? A MG  107 B GP3 101 1_555 ? ? ? ? ? ? ?            2.973 ? ? 
metalc39 metalc ?    ? I MG  .  MG    ? ? ? 1_555 J GP3 .  O2G ? ? A MG  107 B GP3 101 1_555 ? ? ? ? ? ? ?            1.933 ? ? 
metalc40 metalc ?    ? I MG  .  MG    ? ? ? 1_555 R HOH .  O   ? ? A MG  107 B HOH 201 1_555 ? ? ? ? ? ? ?            2.204 ? ? 
metalc41 metalc ?    ? Q HOH .  O     ? ? ? 1_555 P MG  .  MG  ? ? A HOH 201 B MG  107 1_555 ? ? ? ? ? ? ?            2.341 ? ? 
metalc42 metalc ?    ? Q HOH .  O     ? ? ? 1_555 O MG  .  MG  ? ? A HOH 207 B MG  106 1_555 ? ? ? ? ? ? ?            1.882 ? ? 
metalc43 metalc ?    ? Q HOH .  O     ? ? ? 1_555 L MG  .  MG  ? ? A HOH 232 B MG  103 1_555 ? ? ? ? ? ? ?            2.132 ? ? 
metalc44 metalc ?    ? Q HOH .  O     ? ? ? 1_555 L MG  .  MG  ? ? A HOH 244 B MG  103 1_555 ? ? ? ? ? ? ?            2.145 ? ? 
metalc45 metalc ?    ? Q HOH .  O     ? ? ? 1_555 L MG  .  MG  ? ? A HOH 247 B MG  103 1_555 ? ? ? ? ? ? ?            1.939 ? ? 
metalc46 metalc ?    ? Q HOH .  O     ? ? ? 3_455 M MG  .  MG  ? ? A HOH 247 B MG  104 1_555 ? ? ? ? ? ? ?            2.736 ? ? 
metalc47 metalc ?    ? B C   6  OP1   ? ? ? 1_555 M MG  .  MG  ? ? B C   6   B MG  104 1_555 ? ? ? ? ? ? ?            2.644 ? ? 
metalc48 metalc ?    ? L MG  .  MG    ? ? ? 1_555 R HOH .  O   ? ? B MG  103 B HOH 203 1_555 ? ? ? ? ? ? ?            2.200 ? ? 
metalc49 metalc ?    ? L MG  .  MG    ? ? ? 1_555 R HOH .  O   ? ? B MG  103 B HOH 230 2_565 ? ? ? ? ? ? ?            2.072 ? ? 
metalc50 metalc ?    ? L MG  .  MG    ? ? ? 1_555 R HOH .  O   ? ? B MG  103 B HOH 233 1_555 ? ? ? ? ? ? ?            2.024 ? ? 
metalc51 metalc ?    ? M MG  .  MG    ? ? ? 1_555 R HOH .  O   ? ? B MG  104 B HOH 247 1_555 ? ? ? ? ? ? ?            2.733 ? ? 
metalc52 metalc ?    ? N MG  .  MG    ? ? ? 1_555 R HOH .  O   ? ? B MG  105 B HOH 202 1_555 ? ? ? ? ? ? ?            2.058 ? ? 
metalc53 metalc ?    ? N MG  .  MG    ? ? ? 1_555 R HOH .  O   ? ? B MG  105 B HOH 225 1_555 ? ? ? ? ? ? ?            2.042 ? ? 
metalc54 metalc ?    ? N MG  .  MG    ? ? ? 1_555 R HOH .  O   ? ? B MG  105 B HOH 239 1_555 ? ? ? ? ? ? ?            2.143 ? ? 
metalc55 metalc ?    ? N MG  .  MG    ? ? ? 1_555 R HOH .  O   ? ? B MG  105 B HOH 246 1_555 ? ? ? ? ? ? ?            2.073 ? ? 
metalc56 metalc ?    ? N MG  .  MG    ? ? ? 1_555 R HOH .  O   ? ? B MG  105 B HOH 254 1_555 ? ? ? ? ? ? ?            2.064 ? ? 
metalc57 metalc ?    ? N MG  .  MG    ? ? ? 1_555 R HOH .  O   ? ? B MG  105 B HOH 255 1_555 ? ? ? ? ? ? ?            1.806 ? ? 
metalc58 metalc ?    ? O MG  .  MG    ? ? ? 1_555 R HOH .  O   ? ? B MG  106 B HOH 212 1_555 ? ? ? ? ? ? ?            2.096 ? ? 
metalc59 metalc ?    ? O MG  .  MG    ? ? ? 1_555 R HOH .  O   ? ? B MG  106 B HOH 217 1_555 ? ? ? ? ? ? ?            2.265 ? ? 
metalc60 metalc ?    ? O MG  .  MG    ? ? ? 1_555 R HOH .  O   ? ? B MG  106 B HOH 253 1_555 ? ? ? ? ? ? ?            2.111 ? ? 
hydrog1  hydrog ?    ? A LCG 4  N1    ? ? ? 1_555 B C   13 N3  ? ? A LCG 4   B C   13  1_555 ? ? ? ? ? ? WATSON-CRICK ?     ? ? 
hydrog2  hydrog ?    ? A LCG 4  N2    ? ? ? 1_555 B C   13 O2  ? ? A LCG 4   B C   13  1_555 ? ? ? ? ? ? WATSON-CRICK ?     ? ? 
hydrog3  hydrog ?    ? A LCG 4  O6    ? ? ? 1_555 B C   13 N4  ? ? A LCG 4   B C   13  1_555 ? ? ? ? ? ? WATSON-CRICK ?     ? ? 
hydrog4  hydrog ?    ? A A   5  N1    ? ? ? 1_555 B U   12 N3  ? ? A A   5   B U   12  1_555 ? ? ? ? ? ? WATSON-CRICK ?     ? ? 
hydrog5  hydrog ?    ? A A   5  N6    ? ? ? 1_555 B U   12 O4  ? ? A A   5   B U   12  1_555 ? ? ? ? ? ? WATSON-CRICK ?     ? ? 
hydrog6  hydrog ?    ? A C   6  N3    ? ? ? 1_555 B G   11 N1  ? ? A C   6   B G   11  1_555 ? ? ? ? ? ? WATSON-CRICK ?     ? ? 
hydrog7  hydrog ?    ? A C   6  N4    ? ? ? 1_555 B G   11 O6  ? ? A C   6   B G   11  1_555 ? ? ? ? ? ? WATSON-CRICK ?     ? ? 
hydrog8  hydrog ?    ? A C   6  O2    ? ? ? 1_555 B G   11 N2  ? ? A C   6   B G   11  1_555 ? ? ? ? ? ? WATSON-CRICK ?     ? ? 
hydrog9  hydrog ?    ? A U   7  N3    ? ? ? 1_555 B A   10 N1  ? ? A U   7   B A   10  1_555 ? ? ? ? ? ? WATSON-CRICK ?     ? ? 
hydrog10 hydrog ?    ? A U   7  O4    ? ? ? 1_555 B A   10 N6  ? ? A U   7   B A   10  1_555 ? ? ? ? ? ? WATSON-CRICK ?     ? ? 
hydrog11 hydrog ?    ? A U   8  N3    ? ? ? 1_555 B A   9  N1  ? ? A U   8   B A   9   1_555 ? ? ? ? ? ? WATSON-CRICK ?     ? ? 
hydrog12 hydrog ?    ? A U   8  O4    ? ? ? 1_555 B A   9  N6  ? ? A U   8   B A   9   1_555 ? ? ? ? ? ? WATSON-CRICK ?     ? ? 
hydrog13 hydrog ?    ? A A   9  N1    ? ? ? 1_555 B U   8  N3  ? ? A A   9   B U   8   1_555 ? ? ? ? ? ? WATSON-CRICK ?     ? ? 
hydrog14 hydrog ?    ? A A   9  N6    ? ? ? 1_555 B U   8  O4  ? ? A A   9   B U   8   1_555 ? ? ? ? ? ? WATSON-CRICK ?     ? ? 
hydrog15 hydrog ?    ? A A   10 N1    ? ? ? 1_555 B U   7  N3  ? ? A A   10  B U   7   1_555 ? ? ? ? ? ? WATSON-CRICK ?     ? ? 
hydrog16 hydrog ?    ? A A   10 N6    ? ? ? 1_555 B U   7  O4  ? ? A A   10  B U   7   1_555 ? ? ? ? ? ? WATSON-CRICK ?     ? ? 
hydrog17 hydrog ?    ? A G   11 N1    ? ? ? 1_555 B C   6  N3  ? ? A G   11  B C   6   1_555 ? ? ? ? ? ? WATSON-CRICK ?     ? ? 
hydrog18 hydrog ?    ? A G   11 N2    ? ? ? 1_555 B C   6  O2  ? ? A G   11  B C   6   1_555 ? ? ? ? ? ? WATSON-CRICK ?     ? ? 
hydrog19 hydrog ?    ? A G   11 O6    ? ? ? 1_555 B C   6  N4  ? ? A G   11  B C   6   1_555 ? ? ? ? ? ? WATSON-CRICK ?     ? ? 
hydrog20 hydrog ?    ? A U   12 N3    ? ? ? 1_555 B A   5  N1  ? ? A U   12  B A   5   1_555 ? ? ? ? ? ? WATSON-CRICK ?     ? ? 
hydrog21 hydrog ?    ? A U   12 O4    ? ? ? 1_555 B A   5  N6  ? ? A U   12  B A   5   1_555 ? ? ? ? ? ? WATSON-CRICK ?     ? ? 
hydrog22 hydrog ?    ? A C   13 N3    ? ? ? 1_555 B LCG 4  N1  ? ? A C   13  B LCG 4   1_555 ? ? ? ? ? ? WATSON-CRICK ?     ? ? 
hydrog23 hydrog ?    ? A C   13 N4    ? ? ? 1_555 B LCG 4  O6  ? ? A C   13  B LCG 4   1_555 ? ? ? ? ? ? WATSON-CRICK ?     ? ? 
hydrog24 hydrog ?    ? A C   13 O2    ? ? ? 1_555 B LCG 4  N2  ? ? A C   13  B LCG 4   1_555 ? ? ? ? ? ? WATSON-CRICK ?     ? ? 
# 
loop_
_struct_conn_type.id 
_struct_conn_type.criteria 
_struct_conn_type.reference 
covale ? ? 
metalc ? ? 
hydrog ? ? 
# 
_atom_sites.entry_id                    7KUL 
_atom_sites.Cartn_transf_matrix[1][1]   ? 
_atom_sites.Cartn_transf_matrix[1][2]   ? 
_atom_sites.Cartn_transf_matrix[1][3]   ? 
_atom_sites.Cartn_transf_matrix[2][1]   ? 
_atom_sites.Cartn_transf_matrix[2][2]   ? 
_atom_sites.Cartn_transf_matrix[2][3]   ? 
_atom_sites.Cartn_transf_matrix[3][1]   ? 
_atom_sites.Cartn_transf_matrix[3][2]   ? 
_atom_sites.Cartn_transf_matrix[3][3]   ? 
_atom_sites.Cartn_transf_vector[1]      ? 
_atom_sites.Cartn_transf_vector[2]      ? 
_atom_sites.Cartn_transf_vector[3]      ? 
_atom_sites.fract_transf_matrix[1][1]   0.01786213 
_atom_sites.fract_transf_matrix[1][2]   -0.00170793 
_atom_sites.fract_transf_matrix[1][3]   -0.01644366 
_atom_sites.fract_transf_matrix[2][1]   -0.00536867 
_atom_sites.fract_transf_matrix[2][2]   -0.00349865 
_atom_sites.fract_transf_matrix[2][3]   -0.02348028 
_atom_sites.fract_transf_matrix[3][1]   -0.00041027 
_atom_sites.fract_transf_matrix[3][2]   0.01195155 
_atom_sites.fract_transf_matrix[3][3]   -0.00168702 
_atom_sites.fract_transf_vector[1]      -0.201059 
_atom_sites.fract_transf_vector[2]      0.202008 
_atom_sites.fract_transf_vector[3]      0.250030 
_atom_sites.solution_primary            ? 
_atom_sites.solution_secondary          ? 
_atom_sites.solution_hydrogens          ? 
_atom_sites.special_details             ? 
# 
loop_
_atom_type.symbol 
_atom_type.pdbx_scat_Z 
_atom_type.pdbx_N_electrons 
_atom_type.scat_Cromer_Mann_a1 
_atom_type.scat_Cromer_Mann_b1 
_atom_type.scat_Cromer_Mann_a2 
_atom_type.scat_Cromer_Mann_b2 
_atom_type.scat_Cromer_Mann_a3 
_atom_type.scat_Cromer_Mann_b3 
_atom_type.scat_Cromer_Mann_a4 
_atom_type.scat_Cromer_Mann_b4 
_atom_type.scat_Cromer_Mann_c 
C  6  6  2.310  20.844 1.020 10.208 1.589 0.569  0.865 51.651 0.216   
H  1  1  0.493  10.511 0.323 26.126 0.140 3.142  0.041 57.800 0.003   
MG 12 12 5.427  2.828  2.176 79.261 1.228 0.381  2.310 7.194  0.859   
N  7  7  12.222 0.006  3.135 9.893  2.014 28.997 1.167 0.583  -11.538 
O  8  8  3.049  13.277 2.287 5.701  1.546 0.324  0.867 32.909 0.251   
P  15 15 6.435  1.907  4.179 27.157 1.780 0.526  1.491 68.164 1.115   
# 
loop_
_atom_site.group_PDB 
_atom_site.id 
_atom_site.type_symbol 
_atom_site.label_atom_id 
_atom_site.label_alt_id 
_atom_site.label_comp_id 
_atom_site.label_asym_id 
_atom_site.label_entity_id 
_atom_site.label_seq_id 
_atom_site.pdbx_PDB_ins_code 
_atom_site.Cartn_x 
_atom_site.Cartn_y 
_atom_site.Cartn_z 
_atom_site.occupancy 
_atom_site.B_iso_or_equiv 
_atom_site.pdbx_formal_charge 
_atom_site.auth_seq_id 
_atom_site.auth_comp_id 
_atom_site.auth_asym_id 
_atom_site.auth_atom_id 
_atom_site.pdbx_PDB_model_num 
_atom_site.calc_flag 
HETATM 1   N  N1    . LKC A 1 1  ? -2.099  19.957  7.435   1.000 13.107 0 1   LKC A N1    1 ? 
HETATM 2   C  C2    . LKC A 1 1  ? -2.715  19.976  6.225   1.000 12.108 0 1   LKC A C2    1 ? 
HETATM 3   N  N3    . LKC A 1 1  ? -2.040  19.995  5.112   1.000 11.382 0 1   LKC A N3    1 ? 
HETATM 4   C  C4    . LKC A 1 1  ? -0.708  19.963  5.184   1.000 14.354 0 1   LKC A C4    1 ? 
HETATM 5   C  C5    . LKC A 1 1  ? 0.011   19.926  6.413   1.000 14.747 0 1   LKC A C5    1 ? 
HETATM 6   C  C6    . LKC A 1 1  ? -0.748  19.921  7.538   1.000 13.366 0 1   LKC A C6    1 ? 
HETATM 7   O  O2    . LKC A 1 1  ? -3.933  19.971  6.246   1.000 10.501 0 1   LKC A O2    1 ? 
HETATM 8   N  N4    . LKC A 1 1  ? -0.059  19.990  4.049   1.000 15.531 0 1   LKC A N4    1 ? 
HETATM 9   C  "C1'" . LKC A 1 1  ? -2.942  19.985  8.643   1.000 14.979 0 1   LKC A "C1'" 1 ? 
HETATM 10  C  "C2'" . LKC A 1 1  ? -3.545  18.702  9.089   1.000 15.660 0 1   LKC A "C2'" 1 ? 
HETATM 11  C  "C3'" . LKC A 1 1  ? -2.414  18.064  9.837   1.000 15.248 0 1   LKC A "C3'" 1 ? 
HETATM 12  C  "C4'" . LKC A 1 1  ? -2.343  19.317  10.763  1.000 15.690 0 1   LKC A "C4'" 1 ? 
HETATM 13  O  "O4'" . LKC A 1 1  ? -2.042  20.334  9.748   1.000 15.844 0 1   LKC A "O4'" 1 ? 
HETATM 14  O  "O3'" . LKC A 1 1  ? -2.790  16.909  10.538  1.000 17.185 0 1   LKC A "O3'" 1 ? 
HETATM 15  C  "C5'" . LKC A 1 1  ? -1.256  19.236  11.841  1.000 15.913 0 1   LKC A "C5'" 1 ? 
HETATM 16  O  "O5'" . LKC A 1 1  ? 0.008   19.076  11.125  1.000 19.532 0 1   LKC A "O5'" 1 ? 
HETATM 17  C  C5A   . LKC A 1 1  ? 1.417   19.897  6.574   1.000 16.031 0 1   LKC A C5A   1 ? 
HETATM 18  O  "O2'" . LKC A 1 1  ? -4.562  19.017  10.096  1.000 16.895 0 1   LKC A "O2'" 1 ? 
HETATM 19  C  "C6'" . LKC A 1 1  ? -3.727  19.383  11.288  1.000 16.079 0 1   LKC A "C6'" 1 ? 
HETATM 20  O  "O5'" . LCC A 1 2  ? -3.986  15.474  8.897   1.000 15.274 0 2   LCC A "O5'" 1 ? 
HETATM 21  C  "C5'" . LCC A 1 2  ? -5.325  15.504  9.296   1.000 14.347 0 2   LCC A "C5'" 1 ? 
HETATM 22  C  "C4'" . LCC A 1 2  ? -6.060  15.668  7.983   1.000 13.486 0 2   LCC A "C4'" 1 ? 
HETATM 23  O  "O4'" . LCC A 1 2  ? -5.677  16.787  7.156   1.000 12.057 0 2   LCC A "O4'" 1 ? 
HETATM 24  C  "C1'" . LCC A 1 2  ? -6.075  16.495  5.782   1.000 11.607 0 2   LCC A "C1'" 1 ? 
HETATM 25  N  N1    . LCC A 1 2  ? -4.915  16.548  4.953   1.000 10.172 0 2   LCC A N1    1 ? 
HETATM 26  C  C6    . LCC A 1 2  ? -3.610  16.531  5.465   1.000 9.678  0 2   LCC A C6    1 ? 
HETATM 27  C  C5    . LCC A 1 2  ? -2.584  16.639  4.586   1.000 9.536  0 2   LCC A C5    1 ? 
HETATM 28  C  C5M   . LCC A 1 2  ? -1.294  16.567  5.110   1.000 10.634 0 2   LCC A C5M   1 ? 
HETATM 29  C  C4    . LCC A 1 2  ? -2.878  16.747  3.204   1.000 9.008  0 2   LCC A C4    1 ? 
HETATM 30  N  N4    . LCC A 1 2  ? -1.875  16.864  2.419   1.000 9.642  0 2   LCC A N4    1 ? 
HETATM 31  N  N3    . LCC A 1 2  ? -4.141  16.783  2.713   1.000 9.075  0 2   LCC A N3    1 ? 
HETATM 32  C  C2    . LCC A 1 2  ? -5.131  16.676  3.598   1.000 9.152  0 2   LCC A C2    1 ? 
HETATM 33  O  O2    . LCC A 1 2  ? -6.314  16.644  3.276   1.000 9.678  0 2   LCC A O2    1 ? 
HETATM 34  C  "C3'" . LCC A 1 2  ? -5.776  14.522  6.997   1.000 13.256 0 2   LCC A "C3'" 1 ? 
HETATM 35  C  "C2'" . LCC A 1 2  ? -6.701  15.156  5.983   1.000 11.793 0 2   LCC A "C2'" 1 ? 
HETATM 36  O  "O2'" . LCC A 1 2  ? -7.909  15.381  6.714   1.000 15.223 0 2   LCC A "O2'" 1 ? 
HETATM 37  O  "O3'" . LCC A 1 2  ? -6.304  13.266  7.492   1.000 15.495 0 2   LCC A "O3'" 1 ? 
HETATM 38  C  "C6'" . LCC A 1 2  ? -7.558  15.634  8.167   1.000 14.197 0 2   LCC A "C6'" 1 ? 
HETATM 39  P  P     . LCC A 1 2  ? -2.791  15.433  9.923   1.000 16.834 0 2   LCC A P     1 ? 
HETATM 40  O  O1P   . LCC A 1 2  ? -1.530  15.223  9.223   1.000 14.682 0 2   LCC A O1P   1 ? 
HETATM 41  O  O2P   . LCC A 1 2  ? -3.209  14.601  11.083  1.000 15.395 0 2   LCC A O2P   1 ? 
HETATM 42  O  "O5'" . LCC A 1 3  ? -6.594  11.782  5.517   1.000 12.674 0 3   LCC A "O5'" 1 ? 
HETATM 43  C  "C5'" . LCC A 1 3  ? -8.017  11.698  5.466   1.000 10.067 0 3   LCC A "C5'" 1 ? 
HETATM 44  C  "C4'" . LCC A 1 3  ? -8.327  11.940  3.997   1.000 9.226  0 3   LCC A "C4'" 1 ? 
HETATM 45  O  "O4'" . LCC A 1 3  ? -7.808  13.154  3.401   1.000 9.198  0 3   LCC A "O4'" 1 ? 
HETATM 46  C  "C1'" . LCC A 1 3  ? -7.620  12.967  2.004   1.000 8.670  0 3   LCC A "C1'" 1 ? 
HETATM 47  N  N1    . LCC A 1 3  ? -6.239  13.125  1.643   1.000 8.514  0 3   LCC A N1    1 ? 
HETATM 48  C  C6    . LCC A 1 3  ? -5.215  13.138  2.614   1.000 8.171  0 3   LCC A C6    1 ? 
HETATM 49  C  C5    . LCC A 1 3  ? -3.940  13.305  2.115   1.000 8.495  0 3   LCC A C5    1 ? 
HETATM 50  C  C5M   . LCC A 1 3  ? -2.904  13.308  3.050   1.000 9.625  0 3   LCC A C5M   1 ? 
HETATM 51  C  C4    . LCC A 1 3  ? -3.745  13.552  0.756   1.000 9.047  0 3   LCC A C4    1 ? 
HETATM 52  N  N4    . LCC A 1 3  ? -2.534  13.767  0.306   1.000 10.653 0 3   LCC A N4    1 ? 
HETATM 53  N  N3    . LCC A 1 3  ? -4.777  13.500  -0.133  1.000 8.615  0 3   LCC A N3    1 ? 
HETATM 54  C  C2    . LCC A 1 3  ? -5.989  13.267  0.341   1.000 7.788  0 3   LCC A C2    1 ? 
HETATM 55  O  O2    . LCC A 1 3  ? -6.945  13.220  -0.489  1.000 8.258  0 3   LCC A O2    1 ? 
HETATM 56  C  "C3'" . LCC A 1 3  ? -7.775  10.888  3.009   1.000 8.740  0 3   LCC A "C3'" 1 ? 
HETATM 57  C  "C2'" . LCC A 1 3  ? -8.301  11.621  1.813   1.000 8.823  0 3   LCC A "C2'" 1 ? 
HETATM 58  O  "O2'" . LCC A 1 3  ? -9.698  11.758  2.158   1.000 9.052  0 3   LCC A "O2'" 1 ? 
HETATM 59  O  "O3'" . LCC A 1 3  ? -8.343  9.633   3.312   1.000 9.754  0 3   LCC A "O3'" 1 ? 
HETATM 60  C  "C6'" . LCC A 1 3  ? -9.780  11.860  3.708   1.000 9.028  0 3   LCC A "C6'" 1 ? 
HETATM 61  P  P     . LCC A 1 3  ? -5.772  11.901  6.918   1.000 13.072 0 3   LCC A P     1 ? 
HETATM 62  O  O1P   . LCC A 1 3  ? -4.399  11.884  6.446   1.000 12.580 0 3   LCC A O1P   1 ? 
HETATM 63  O  O2P   . LCC A 1 3  ? -6.285  10.912  7.807   1.000 14.880 0 3   LCC A O2P   1 ? 
HETATM 64  P  P     . LCG A 1 4  ? -7.614  8.236   2.917   1.000 9.541  0 4   LCG A P     1 ? 
HETATM 65  O  OP1   . LCG A 1 4  ? -8.593  7.249   3.533   1.000 9.941  0 4   LCG A OP1   1 ? 
HETATM 66  O  "O5'" . LCG A 1 4  ? -7.640  8.292   1.332   1.000 8.571  0 4   LCG A "O5'" 1 ? 
HETATM 67  C  "C5'" . LCG A 1 4  ? -8.871  8.067   0.642   1.000 8.004  0 4   LCG A "C5'" 1 ? 
HETATM 68  C  "C3'" . LCG A 1 4  ? -7.356  7.260   -1.263  1.000 7.844  0 4   LCG A "C3'" 1 ? 
HETATM 69  C  "C6'" . LCG A 1 4  ? -9.658  7.967   -1.869  1.000 8.249  0 4   LCG A "C6'" 1 ? 
HETATM 70  N  N9    . LCG A 1 4  ? -5.760  9.732   -2.007  1.000 7.567  0 4   LCG A N9    1 ? 
HETATM 71  C  C8    . LCG A 1 4  ? -5.224  9.954   -0.786  1.000 7.632  0 4   LCG A C8    1 ? 
HETATM 72  C  C4    . LCG A 1 4  ? -4.810  9.982   -2.905  1.000 7.536  0 4   LCG A C4    1 ? 
HETATM 73  N  N7    . LCG A 1 4  ? -3.940  10.310  -0.941  1.000 8.399  0 4   LCG A N7    1 ? 
HETATM 74  C  C5    . LCG A 1 4  ? -3.690  10.393  -2.235  1.000 8.115  0 4   LCG A C5    1 ? 
HETATM 75  C  C6    . LCG A 1 4  ? -2.580  10.736  -2.943  1.000 9.592  0 4   LCG A C6    1 ? 
HETATM 76  C  "C2'" . LCG A 1 4  ? -7.353  7.830   -2.638  1.000 7.811  0 4   LCG A "C2'" 1 ? 
HETATM 77  O  O6    . LCG A 1 4  ? -1.502  11.139  -2.485  1.000 11.082 0 4   LCG A O6    1 ? 
HETATM 78  C  "C4'" . LCG A 1 4  ? -8.477  8.240   -0.846  1.000 7.754  0 4   LCG A "C4'" 1 ? 
HETATM 79  C  "C1'" . LCG A 1 4  ? -7.064  9.305   -2.364  1.000 7.807  0 4   LCG A "C1'" 1 ? 
HETATM 80  C  C2    . LCG A 1 4  ? -3.829  10.214  -4.958  1.000 8.508  0 4   LCG A C2    1 ? 
HETATM 81  N  N1    . LCG A 1 4  ? -2.687  10.616  -4.288  1.000 8.388  0 4   LCG A N1    1 ? 
HETATM 82  O  "O4'" . LCG A 1 4  ? -7.883  9.547   -1.222  1.000 7.537  0 4   LCG A "O4'" 1 ? 
HETATM 83  O  OP2   . LCG A 1 4  ? -6.262  8.242   3.380   1.000 8.892  0 4   LCG A OP2   1 ? 
HETATM 84  N  N2    . LCG A 1 4  ? -3.781  10.107  -6.274  1.000 7.616  0 4   LCG A N2    1 ? 
HETATM 85  N  N3    . LCG A 1 4  ? -4.922  9.862   -4.247  1.000 7.242  0 4   LCG A N3    1 ? 
HETATM 86  O  "O2'" . LCG A 1 4  ? -8.741  7.807   -3.099  1.000 8.086  0 4   LCG A "O2'" 1 ? 
HETATM 87  O  "O3'" . LCG A 1 4  ? -7.844  5.925   -1.220  1.000 7.778  0 4   LCG A "O3'" 1 ? 
ATOM   88  P  P     . A   A 1 5  ? -6.806  4.743   -1.077  1.000 7.988  0 5   A   A P     1 ? 
ATOM   89  O  OP1   . A   A 1 5  ? -7.599  3.561   -0.746  1.000 7.334  0 5   A   A OP1   1 ? 
ATOM   90  O  OP2   . A   A 1 5  ? -5.550  5.039   -0.347  1.000 7.549  0 5   A   A OP2   1 ? 
ATOM   91  O  "O5'" . A   A 1 5  ? -6.293  4.584   -2.570  1.000 7.575  0 5   A   A "O5'" 1 ? 
ATOM   92  C  "C5'" . A   A 1 5  ? -7.201  4.352   -3.643  1.000 7.466  0 5   A   A "C5'" 1 ? 
ATOM   93  C  "C4'" . A   A 1 5  ? -6.453  4.431   -4.952  1.000 7.679  0 5   A   A "C4'" 1 ? 
ATOM   94  O  "O4'" . A   A 1 5  ? -6.074  5.820   -5.177  1.000 7.428  0 5   A   A "O4'" 1 ? 
ATOM   95  C  "C3'" . A   A 1 5  ? -5.135  3.688   -5.078  1.000 8.072  0 5   A   A "C3'" 1 ? 
ATOM   96  O  "O3'" . A   A 1 5  ? -5.342  2.319   -5.429  1.000 7.922  0 5   A   A "O3'" 1 ? 
ATOM   97  C  "C2'" . A   A 1 5  ? -4.531  4.433   -6.252  1.000 7.487  0 5   A   A "C2'" 1 ? 
ATOM   98  O  "O2'" . A   A 1 5  ? -5.197  4.150   -7.468  1.000 7.700  0 5   A   A "O2'" 1 ? 
ATOM   99  C  "C1'" . A   A 1 5  ? -4.819  5.869   -5.832  1.000 8.638  0 5   A   A "C1'" 1 ? 
ATOM   100 N  N9    . A   A 1 5  ? -3.841  6.373   -4.877  1.000 7.984  0 5   A   A N9    1 ? 
ATOM   101 C  C8    . A   A 1 5  ? -3.942  6.447   -3.507  1.000 9.482  0 5   A   A C8    1 ? 
ATOM   102 N  N7    . A   A 1 5  ? -2.912  7.017   -2.934  1.000 9.460  0 5   A   A N7    1 ? 
ATOM   103 C  C5    . A   A 1 5  ? -2.065  7.306   -3.988  1.000 9.591  0 5   A   A C5    1 ? 
ATOM   104 C  C6    . A   A 1 5  ? -0.806  7.922   -4.033  1.000 10.697 0 5   A   A C6    1 ? 
ATOM   105 N  N6    . A   A 1 5  ? -0.152  8.325   -2.943  1.000 10.272 0 5   A   A N6    1 ? 
ATOM   106 N  N1    . A   A 1 5  ? -0.228  8.075   -5.241  1.000 10.530 0 5   A   A N1    1 ? 
ATOM   107 C  C2    . A   A 1 5  ? -0.892  7.663   -6.327  1.000 10.463 0 5   A   A C2    1 ? 
ATOM   108 N  N3    . A   A 1 5  ? -2.088  7.081   -6.414  1.000 10.095 0 5   A   A N3    1 ? 
ATOM   109 C  C4    . A   A 1 5  ? -2.622  6.923   -5.190  1.000 9.234  0 5   A   A C4    1 ? 
ATOM   110 P  P     . C   A 1 6  ? -4.306  1.197   -5.018  1.000 8.309  0 6   C   A P     1 ? 
ATOM   111 O  OP1   . C   A 1 6  ? -4.896  -0.102  -5.348  1.000 6.720  0 6   C   A OP1   1 ? 
ATOM   112 O  OP2   . C   A 1 6  ? -3.757  1.474   -3.651  1.000 8.823  0 6   C   A OP2   1 ? 
ATOM   113 O  "O5'" . C   A 1 6  ? -3.046  1.461   -5.941  1.000 9.230  0 6   C   A "O5'" 1 ? 
ATOM   114 C  "C5'" . C   A 1 6  ? -3.088  1.257   -7.347  1.000 9.034  0 6   C   A "C5'" 1 ? 
ATOM   115 C  "C4'" . C   A 1 6  ? -1.898  1.937   -7.986  1.000 10.218 0 6   C   A "C4'" 1 ? 
ATOM   116 O  "O4'" . C   A 1 6  ? -1.845  3.342   -7.635  1.000 10.897 0 6   C   A "O4'" 1 ? 
ATOM   117 C  "C3'" . C   A 1 6  ? -0.547  1.387   -7.566  1.000 11.278 0 6   C   A "C3'" 1 ? 
ATOM   118 O  "O3'" . C   A 1 6  ? -0.352  0.186   -8.289  1.000 13.274 0 6   C   A "O3'" 1 ? 
ATOM   119 C  "C2'" . C   A 1 6  ? 0.373   2.538   -7.923  1.000 12.060 0 6   C   A "C2'" 1 ? 
ATOM   120 O  "O2'" . C   A 1 6  ? 0.607   2.610   -9.310  1.000 14.140 0 6   C   A "O2'" 1 ? 
ATOM   121 C  "C1'" . C   A 1 6  ? -0.462  3.731   -7.455  1.000 11.928 0 6   C   A "C1'" 1 ? 
ATOM   122 N  N1    . C   A 1 6  ? -0.213  4.076   -6.033  1.000 11.970 0 6   C   A N1    1 ? 
ATOM   123 C  C2    . C   A 1 6  ? 0.937   4.828   -5.729  1.000 13.453 0 6   C   A C2    1 ? 
ATOM   124 O  O2    . C   A 1 6  ? 1.693   5.166   -6.649  1.000 15.002 0 6   C   A O2    1 ? 
ATOM   125 N  N3    . C   A 1 6  ? 1.185   5.159   -4.446  1.000 13.101 0 6   C   A N3    1 ? 
ATOM   126 C  C4    . C   A 1 6  ? 0.325   4.814   -3.490  1.000 12.534 0 6   C   A C4    1 ? 
ATOM   127 N  N4    . C   A 1 6  ? 0.600   5.182   -2.236  1.000 11.471 0 6   C   A N4    1 ? 
ATOM   128 C  C5    . C   A 1 6  ? -0.815  4.003   -3.760  1.000 12.046 0 6   C   A C5    1 ? 
ATOM   129 C  C6    . C   A 1 6  ? -1.048  3.670   -5.032  1.000 11.503 0 6   C   A C6    1 ? 
ATOM   130 P  P     . U   A 1 7  ? 0.550   -0.996  -7.701  1.000 15.883 0 7   U   A P     1 ? 
ATOM   131 O  OP1   . U   A 1 7  ? 0.548   -2.084  -8.709  1.000 18.328 0 7   U   A OP1   1 ? 
ATOM   132 O  OP2   . U   A 1 7  ? 0.348   -1.220  -6.280  1.000 12.611 0 7   U   A OP2   1 ? 
ATOM   133 O  "O5'" . U   A 1 7  ? 2.005   -0.331  -7.672  1.000 17.341 0 7   U   A "O5'" 1 ? 
ATOM   134 C  "C5'" . U   A 1 7  ? 2.714   -0.037  -8.871  1.000 19.820 0 7   U   A "C5'" 1 ? 
ATOM   135 C  "C4'" . U   A 1 7  ? 4.058   0.570   -8.534  1.000 21.487 0 7   U   A "C4'" 1 ? 
ATOM   136 O  "O4'" . U   A 1 7  ? 3.867   1.860   -7.908  1.000 22.248 0 7   U   A "O4'" 1 ? 
ATOM   137 C  "C3'" . U   A 1 7  ? 4.940   -0.178  -7.548  1.000 21.911 0 7   U   A "C3'" 1 ? 
ATOM   138 O  "O3'" . U   A 1 7  ? 5.617   -1.242  -8.203  1.000 23.171 0 7   U   A "O3'" 1 ? 
ATOM   139 C  "C2'" . U   A 1 7  ? 5.878   0.926   -7.089  1.000 22.716 0 7   U   A "C2'" 1 ? 
ATOM   140 O  "O2'" . U   A 1 7  ? 6.847   1.257   -8.077  1.000 25.158 0 7   U   A "O2'" 1 ? 
ATOM   141 C  "C1'" . U   A 1 7  ? 4.902   2.094   -6.966  1.000 20.916 0 7   U   A "C1'" 1 ? 
ATOM   142 N  N1    . U   A 1 7  ? 4.307   2.249   -5.634  1.000 20.201 0 7   U   A N1    1 ? 
ATOM   143 C  C2    . U   A 1 7  ? 5.075   2.874   -4.674  1.000 20.251 0 7   U   A C2    1 ? 
ATOM   144 O  O2    . U   A 1 7  ? 6.204   3.286   -4.899  1.000 22.302 0 7   U   A O2    1 ? 
ATOM   145 N  N3    . U   A 1 7  ? 4.455   3.053   -3.463  1.000 18.318 0 7   U   A N3    1 ? 
ATOM   146 C  C4    . U   A 1 7  ? 3.186   2.645   -3.109  1.000 17.041 0 7   U   A C4    1 ? 
ATOM   147 O  O4    . U   A 1 7  ? 2.766   2.878   -1.977  1.000 15.404 0 7   U   A O4    1 ? 
ATOM   148 C  C5    . U   A 1 7  ? 2.472   1.968   -4.147  1.000 17.335 0 7   U   A C5    1 ? 
ATOM   149 C  C6    . U   A 1 7  ? 3.033   1.813   -5.348  1.000 17.700 0 7   U   A C6    1 ? 
ATOM   150 P  P     . U   A 1 8  ? 5.953   -2.576  -7.420  1.000 26.070 0 8   U   A P     1 ? 
ATOM   151 O  OP1   . U   A 1 8  ? 6.294   -3.592  -8.458  1.000 28.146 0 8   U   A OP1   1 ? 
ATOM   152 O  OP2   . U   A 1 8  ? 4.863   -2.879  -6.431  1.000 24.750 0 8   U   A OP2   1 ? 
ATOM   153 O  "O5'" . U   A 1 8  ? 7.150   -2.173  -6.464  1.000 28.776 0 8   U   A "O5'" 1 ? 
ATOM   154 C  "C5'" . U   A 1 8  ? 8.424   -1.893  -7.050  1.000 30.168 0 8   U   A "C5'" 1 ? 
ATOM   155 C  "C4'" . U   A 1 8  ? 9.329   -1.350  -5.998  1.000 30.703 0 8   U   A "C4'" 1 ? 
ATOM   156 O  "O4'" . U   A 1 8  ? 8.785   -0.099  -5.517  1.000 29.130 0 8   U   A "O4'" 1 ? 
ATOM   157 C  "C3'" . U   A 1 8  ? 9.482   -2.180  -4.735  1.000 32.821 0 8   U   A "C3'" 1 ? 
ATOM   158 O  "O3'" . U   A 1 8  ? 10.348  -3.296  -4.934  1.000 32.165 0 8   U   A "O3'" 1 ? 
ATOM   159 C  "C2'" . U   A 1 8  ? 10.011  -1.127  -3.775  1.000 33.704 0 8   U   A "C2'" 1 ? 
ATOM   160 O  "O2'" . U   A 1 8  ? 11.366  -0.774  -3.994  1.000 34.866 0 8   U   A "O2'" 1 ? 
ATOM   161 C  "C1'" . U   A 1 8  ? 9.154   0.079   -4.171  1.000 30.706 0 8   U   A "C1'" 1 ? 
ATOM   162 N  N1    . U   A 1 8  ? 7.936   0.191   -3.365  1.000 29.077 0 8   U   A N1    1 ? 
ATOM   163 C  C2    . U   A 1 8  ? 8.080   0.755   -2.119  1.000 28.863 0 8   U   A C2    1 ? 
ATOM   164 O  O2    . U   A 1 8  ? 9.149   1.153   -1.695  1.000 32.036 0 8   U   A O2    1 ? 
ATOM   165 N  N3    . U   A 1 8  ? 6.929   0.826   -1.382  1.000 25.458 0 8   U   A N3    1 ? 
ATOM   166 C  C4    . U   A 1 8  ? 5.667   0.415   -1.761  1.000 25.460 0 8   U   A C4    1 ? 
ATOM   167 O  O4    . U   A 1 8  ? 4.730   0.552   -0.978  1.000 21.273 0 8   U   A O4    1 ? 
ATOM   168 C  C5    . U   A 1 8  ? 5.603   -0.195  -3.054  1.000 24.536 0 8   U   A C5    1 ? 
ATOM   169 C  C6    . U   A 1 8  ? 6.711   -0.276  -3.799  1.000 28.649 0 8   U   A C6    1 ? 
ATOM   170 P  P     . A   A 1 9  ? 10.167  -4.630  -4.075  1.000 33.828 0 9   A   A P     1 ? 
ATOM   171 O  OP1   . A   A 1 9  ? 11.182  -5.610  -4.546  1.000 36.575 0 9   A   A OP1   1 ? 
ATOM   172 O  OP2   . A   A 1 9  ? 8.736   -5.031  -4.077  1.000 32.776 0 9   A   A OP2   1 ? 
ATOM   173 O  "O5'" . A   A 1 9  ? 10.590  -4.194  -2.608  1.000 34.343 0 9   A   A "O5'" 1 ? 
ATOM   174 C  "C5'" . A   A 1 9  ? 11.943  -3.817  -2.317  1.000 34.026 0 9   A   A "C5'" 1 ? 
ATOM   175 C  "C4'" . A   A 1 9  ? 12.083  -3.488  -0.856  1.000 35.245 0 9   A   A "C4'" 1 ? 
ATOM   176 O  "O4'" . A   A 1 9  ? 11.429  -2.225  -0.565  1.000 31.531 0 9   A   A "O4'" 1 ? 
ATOM   177 C  "C3'" . A   A 1 9  ? 11.456  -4.461  0.133   1.000 34.816 0 9   A   A "C3'" 1 ? 
ATOM   178 O  "O3'" . A   A 1 9  ? 12.236  -5.635  0.343   1.000 38.703 0 9   A   A "O3'" 1 ? 
ATOM   179 C  "C2'" . A   A 1 9  ? 11.335  -3.590  1.369   1.000 34.768 0 9   A   A "C2'" 1 ? 
ATOM   180 O  "O2'" . A   A 1 9  ? 12.510  -3.508  2.148   1.000 40.150 0 9   A   A "O2'" 1 ? 
ATOM   181 C  "C1'" . A   A 1 9  ? 10.910  -2.260  0.746   1.000 32.690 0 9   A   A "C1'" 1 ? 
ATOM   182 N  N9    . A   A 1 9  ? 9.456   -2.156  0.651   1.000 31.817 0 9   A   A N9    1 ? 
ATOM   183 C  C8    . A   A 1 9  ? 8.631   -2.519  -0.386  1.000 30.953 0 9   A   A C8    1 ? 
ATOM   184 N  N7    . A   A 1 9  ? 7.359   -2.322  -0.141  1.000 28.379 0 9   A   A N7    1 ? 
ATOM   185 C  C5    . A   A 1 9  ? 7.349   -1.768  1.131   1.000 27.659 0 9   A   A C5    1 ? 
ATOM   186 C  C6    . A   A 1 9  ? 6.307   -1.328  1.961   1.000 26.539 0 9   A   A C6    1 ? 
ATOM   187 N  N6    . A   A 1 9  ? 5.017   -1.362  1.610   1.000 25.935 0 9   A   A N6    1 ? 
ATOM   188 N  N1    . A   A 1 9  ? 6.634   -0.841  3.176   1.000 28.310 0 9   A   A N1    1 ? 
ATOM   189 C  C2    . A   A 1 9  ? 7.929   -0.802  3.527   1.000 28.045 0 9   A   A C2    1 ? 
ATOM   190 N  N3    . A   A 1 9  ? 8.994   -1.198  2.838   1.000 28.512 0 9   A   A N3    1 ? 
ATOM   191 C  C4    . A   A 1 9  ? 8.633   -1.658  1.628   1.000 27.943 0 9   A   A C4    1 ? 
ATOM   192 P  P     . A   A 1 10 ? 11.518  -7.043  0.631   1.000 41.211 0 10  A   A P     1 ? 
ATOM   193 O  OP1   . A   A 1 10 ? 12.537  -8.112  0.450   1.000 48.357 0 10  A   A OP1   1 ? 
ATOM   194 O  OP2   . A   A 1 10 ? 10.265  -7.122  -0.164  1.000 47.839 0 10  A   A OP2   1 ? 
ATOM   195 O  "O5'" . A   A 1 10 ? 11.117  -6.937  2.165   1.000 38.513 0 10  A   A "O5'" 1 ? 
ATOM   196 C  "C5'" . A   A 1 10 ? 12.116  -6.712  3.163   1.000 37.740 0 10  A   A "C5'" 1 ? 
ATOM   197 C  "C4'" . A   A 1 10 ? 11.496  -6.150  4.414   1.000 39.065 0 10  A   A "C4'" 1 ? 
ATOM   198 O  "O4'" . A   A 1 10 ? 10.875  -4.862  4.143   1.000 39.510 0 10  A   A "O4'" 1 ? 
ATOM   199 C  "C3'" . A   A 1 10 ? 10.366  -6.968  5.024   1.000 39.639 0 10  A   A "C3'" 1 ? 
ATOM   200 O  "O3'" . A   A 1 10 ? 10.832  -8.090  5.752   1.000 39.384 0 10  A   A "O3'" 1 ? 
ATOM   201 C  "C2'" . A   A 1 10 ? 9.674   -5.928  5.893   1.000 37.523 0 10  A   A "C2'" 1 ? 
ATOM   202 O  "O2'" . A   A 1 10 ? 10.251  -5.676  7.155   1.000 42.873 0 10  A   A "O2'" 1 ? 
ATOM   203 C  "C1'" . A   A 1 10 ? 9.736   -4.700  4.983   1.000 36.307 0 10  A   A "C1'" 1 ? 
ATOM   204 N  N9    . A   A 1 10 ? 8.532   -4.629  4.145   1.000 32.365 0 10  A   A N9    1 ? 
ATOM   205 C  C8    . A   A 1 10 ? 8.353   -5.048  2.849   1.000 29.151 0 10  A   A C8    1 ? 
ATOM   206 N  N7    . A   A 1 10 ? 7.127   -4.892  2.409   1.000 28.832 0 10  A   A N7    1 ? 
ATOM   207 C  C5    . A   A 1 10 ? 6.445   -4.377  3.500   1.000 28.527 0 10  A   A C5    1 ? 
ATOM   208 C  C6    . A   A 1 10 ? 5.108   -3.979  3.677   1.000 26.251 0 10  A   A C6    1 ? 
ATOM   209 N  N6    . A   A 1 10 ? 4.173   -4.088  2.732   1.000 24.423 0 10  A   A N6    1 ? 
ATOM   210 N  N1    . A   A 1 10 ? 4.750   -3.505  4.889   1.000 25.623 0 10  A   A N1    1 ? 
ATOM   211 C  C2    . A   A 1 10 ? 5.688   -3.396  5.838   1.000 29.651 0 10  A   A C2    1 ? 
ATOM   212 N  N3    . A   A 1 10 ? 6.972   -3.741  5.793   1.000 28.452 0 10  A   A N3    1 ? 
ATOM   213 C  C4    . A   A 1 10 ? 7.295   -4.211  4.576   1.000 28.514 0 10  A   A C4    1 ? 
ATOM   214 P  P     . G   A 1 11 ? 9.956   -9.428  5.801   1.000 44.082 0 11  G   A P     1 ? 
ATOM   215 O  OP1   . G   A 1 11 ? 10.769  -10.528 6.467   1.000 45.380 0 11  G   A OP1   1 ? 
ATOM   216 O  OP2   . G   A 1 11 ? 9.437   -9.734  4.428   1.000 38.690 0 11  G   A OP2   1 ? 
ATOM   217 O  "O5'" . G   A 1 11 ? 8.736   -9.094  6.762   1.000 38.591 0 11  G   A "O5'" 1 ? 
ATOM   218 C  "C5'" . G   A 1 11 ? 9.003   -8.945  8.162   1.000 35.873 0 11  G   A "C5'" 1 ? 
ATOM   219 C  "C4'" . G   A 1 11 ? 7.796   -8.336  8.816   1.000 35.388 0 11  G   A "C4'" 1 ? 
ATOM   220 O  "O4'" . G   A 1 11 ? 7.399   -7.144  8.092   1.000 33.838 0 11  G   A "O4'" 1 ? 
ATOM   221 C  "C3'" . G   A 1 11 ? 6.521   -9.179  8.817   1.000 36.236 0 11  G   A "C3'" 1 ? 
ATOM   222 O  "O3'" . G   A 1 11 ? 6.520   -10.184 9.821   1.000 33.521 0 11  G   A "O3'" 1 ? 
ATOM   223 C  "C2'" . G   A 1 11 ? 5.500   -8.086  9.124   1.000 33.264 0 11  G   A "C2'" 1 ? 
ATOM   224 O  "O2'" . G   A 1 11 ? 5.516   -7.714  10.487  1.000 36.838 0 11  G   A "O2'" 1 ? 
ATOM   225 C  "C1'" . G   A 1 11 ? 6.000   -6.973  8.210   1.000 31.893 0 11  G   A "C1'" 1 ? 
ATOM   226 N  N9    . G   A 1 11 ? 5.383   -6.997  6.884   1.000 27.902 0 11  G   A N9    1 ? 
ATOM   227 C  C8    . G   A 1 11 ? 5.927   -7.373  5.680   1.000 26.148 0 11  G   A C8    1 ? 
ATOM   228 N  N7    . G   A 1 11 ? 5.089   -7.280  4.673   1.000 26.281 0 11  G   A N7    1 ? 
ATOM   229 C  C5    . G   A 1 11 ? 3.919   -6.799  5.250   1.000 23.714 0 11  G   A C5    1 ? 
ATOM   230 C  C6    . G   A 1 11 ? 2.668   -6.468  4.656   1.000 21.748 0 11  G   A C6    1 ? 
ATOM   231 O  O6    . G   A 1 11 ? 2.341   -6.560  3.471   1.000 17.272 0 11  G   A O6    1 ? 
ATOM   232 N  N1    . G   A 1 11 ? 1.756   -6.048  5.611   1.000 21.720 0 11  G   A N1    1 ? 
ATOM   233 C  C2    . G   A 1 11 ? 2.011   -5.886  6.947   1.000 24.512 0 11  G   A C2    1 ? 
ATOM   234 N  N2    . G   A 1 11 ? 1.010   -5.446  7.718   1.000 23.069 0 11  G   A N2    1 ? 
ATOM   235 N  N3    . G   A 1 11 ? 3.192   -6.180  7.503   1.000 24.899 0 11  G   A N3    1 ? 
ATOM   236 C  C4    . G   A 1 11 ? 4.092   -6.609  6.597   1.000 23.920 0 11  G   A C4    1 ? 
ATOM   237 P  P     . U   A 1 12 ? 5.753   -11.557 9.585   1.000 36.483 0 12  U   A P     1 ? 
ATOM   238 O  OP1   . U   A 1 12 ? 6.283   -12.552 10.566  1.000 40.077 0 12  U   A OP1   1 ? 
ATOM   239 O  OP2   . U   A 1 12 ? 5.798   -11.886 8.143   1.000 32.586 0 12  U   A OP2   1 ? 
ATOM   240 O  "O5'" . U   A 1 12 ? 4.284   -11.237 10.092  1.000 33.686 0 12  U   A "O5'" 1 ? 
ATOM   241 C  "C5'" . U   A 1 12 ? 4.024   -10.481 11.279  1.000 29.709 0 12  U   A "C5'" 1 ? 
ATOM   242 C  "C4'" . U   A 1 12 ? 2.553   -10.144 11.338  1.000 28.809 0 12  U   A "C4'" 1 ? 
ATOM   243 O  "O4'" . U   A 1 12 ? 2.301   -8.993  10.482  1.000 27.765 0 12  U   A "O4'" 1 ? 
ATOM   244 C  "C3'" . U   A 1 12 ? 1.583   -11.199 10.824  1.000 28.563 0 12  U   A "C3'" 1 ? 
ATOM   245 O  "O3'" . U   A 1 12 ? 1.288   -12.246 11.754  1.000 25.596 0 12  U   A "O3'" 1 ? 
ATOM   246 C  "C2'" . U   A 1 12 ? 0.369   -10.337 10.512  1.000 27.472 0 12  U   A "C2'" 1 ? 
ATOM   247 O  "O2'" . U   A 1 12 ? -0.319  -9.784  11.620  1.000 29.291 0 12  U   A "O2'" 1 ? 
ATOM   248 C  "C1'" . U   A 1 12 ? 1.033   -9.134  9.848   1.000 26.228 0 12  U   A "C1'" 1 ? 
ATOM   249 N  N1    . U   A 1 12 ? 1.222   -9.264  8.394   1.000 23.089 0 12  U   A N1    1 ? 
ATOM   250 C  C2    . U   A 1 12 ? 0.154   -8.894  7.580   1.000 21.059 0 12  U   A C2    1 ? 
ATOM   251 O  O2    . U   A 1 12 ? -0.927  -8.563  8.023   1.000 20.398 0 12  U   A O2    1 ? 
ATOM   252 N  N3    . U   A 1 12 ? 0.390   -9.000  6.231   1.000 18.784 0 12  U   A N3    1 ? 
ATOM   253 C  C4    . U   A 1 12 ? 1.538   -9.439  5.619   1.000 19.528 0 12  U   A C4    1 ? 
ATOM   254 O  O4    . U   A 1 12 ? 1.579   -9.509  4.393   1.000 19.385 0 12  U   A O4    1 ? 
ATOM   255 C  C5    . U   A 1 12 ? 2.602   -9.787  6.522   1.000 20.095 0 12  U   A C5    1 ? 
ATOM   256 C  C6    . U   A 1 12 ? 2.411   -9.688  7.844   1.000 20.671 0 12  U   A C6    1 ? 
ATOM   257 P  P     . C   A 1 13 ? 0.788   -13.669 11.254  1.000 29.228 0 13  C   A P     1 ? 
ATOM   258 O  OP1   . C   A 1 13 ? 0.688   -14.592 12.430  1.000 29.844 0 13  C   A OP1   1 ? 
ATOM   259 O  OP2   . C   A 1 13 ? 1.524   -14.084 10.002  1.000 24.124 0 13  C   A OP2   1 ? 
ATOM   260 O  "O5'" . C   A 1 13 ? -0.720  -13.434 10.775  1.000 24.199 0 13  C   A "O5'" 1 ? 
ATOM   261 C  "C5'" . C   A 1 13 ? -1.772  -12.948 11.623  1.000 21.053 0 13  C   A "C5'" 1 ? 
ATOM   262 C  "C4'" . C   A 1 13 ? -2.948  -12.571 10.738  1.000 19.245 0 13  C   A "C4'" 1 ? 
ATOM   263 O  "O4'" . C   A 1 13 ? -2.514  -11.520 9.831   1.000 18.256 0 13  C   A "O4'" 1 ? 
ATOM   264 C  "C3'" . C   A 1 13 ? -3.477  -13.638 9.786   1.000 18.889 0 13  C   A "C3'" 1 ? 
ATOM   265 O  "O3'" . C   A 1 13 ? -4.289  -14.564 10.493  1.000 20.408 0 13  C   A "O3'" 1 ? 
ATOM   266 C  "C2'" . C   A 1 13 ? -4.252  -12.765 8.792   1.000 16.364 0 13  C   A "C2'" 1 ? 
ATOM   267 O  "O2'" . C   A 1 13 ? -5.397  -12.225 9.407   1.000 15.209 0 13  C   A "O2'" 1 ? 
ATOM   268 C  "C1'" . C   A 1 13 ? -3.270  -11.608 8.615   1.000 16.483 0 13  C   A "C1'" 1 ? 
ATOM   269 N  N1    . C   A 1 13 ? -2.343  -11.804 7.488   1.000 15.391 0 13  C   A N1    1 ? 
ATOM   270 C  C2    . C   A 1 13 ? -2.794  -11.460 6.212   1.000 14.416 0 13  C   A C2    1 ? 
ATOM   271 O  O2    . C   A 1 13 ? -3.941  -11.026 6.086   1.000 11.653 0 13  C   A O2    1 ? 
ATOM   272 N  N3    . C   A 1 13 ? -1.989  -11.654 5.149   1.000 14.616 0 13  C   A N3    1 ? 
ATOM   273 C  C4    . C   A 1 13 ? -0.766  -12.158 5.324   1.000 16.955 0 13  C   A C4    1 ? 
ATOM   274 N  N4    . C   A 1 13 ? -0.003  -12.314 4.250   1.000 17.351 0 13  C   A N4    1 ? 
ATOM   275 C  C5    . C   A 1 13 ? -0.284  -12.538 6.612   1.000 16.585 0 13  C   A C5    1 ? 
ATOM   276 C  C6    . C   A 1 13 ? -1.111  -12.373 7.653   1.000 15.135 0 13  C   A C6    1 ? 
ATOM   277 P  P     . DG  A 1 14 ? -4.662  -15.969 9.882   1.000 24.300 0 14  DG  A P     1 ? 
ATOM   278 O  OP1   . DG  A 1 14 ? -5.655  -16.610 10.796  1.000 27.914 0 14  DG  A OP1   1 ? 
ATOM   279 O  OP2   . DG  A 1 14 ? -3.436  -16.646 9.435   1.000 21.901 0 14  DG  A OP2   1 ? 
ATOM   280 O  "O5'" . DG  A 1 14 ? -5.287  -15.668 8.438   1.000 21.583 0 14  DG  A "O5'" 1 ? 
ATOM   281 C  "C5'" . DG  A 1 14 ? -6.667  -15.677 8.177   1.000 19.290 0 14  DG  A "C5'" 1 ? 
ATOM   282 C  "C4'" . DG  A 1 14 ? -6.945  -15.156 6.785   1.000 17.324 0 14  DG  A "C4'" 1 ? 
ATOM   283 O  "O4'" . DG  A 1 14 ? -5.942  -14.224 6.332   1.000 15.518 0 14  DG  A "O4'" 1 ? 
ATOM   284 C  "C3'" . DG  A 1 14 ? -6.993  -16.203 5.684   1.000 16.370 0 14  DG  A "C3'" 1 ? 
ATOM   285 O  "O3'" . DG  A 1 14 ? -8.161  -17.021 5.763   1.000 18.507 0 14  DG  A "O3'" 1 ? 
ATOM   286 C  "C2'" . DG  A 1 14 ? -6.952  -15.322 4.450   1.000 15.440 0 14  DG  A "C2'" 1 ? 
ATOM   287 C  "C1'" . DG  A 1 14 ? -5.957  -14.256 4.895   1.000 14.470 0 14  DG  A "C1'" 1 ? 
ATOM   288 N  N9    . DG  A 1 14 ? -4.600  -14.469 4.407   1.000 12.799 0 14  DG  A N9    1 ? 
ATOM   289 C  C8    . DG  A 1 14 ? -3.432  -14.741 5.076   1.000 12.953 0 14  DG  A C8    1 ? 
ATOM   290 N  N7    . DG  A 1 14 ? -2.402  -14.830 4.281   1.000 12.174 0 14  DG  A N7    1 ? 
ATOM   291 C  C5    . DG  A 1 14 ? -2.922  -14.577 3.016   1.000 11.101 0 14  DG  A C5    1 ? 
ATOM   292 C  C6    . DG  A 1 14 ? -2.287  -14.515 1.747   1.000 10.743 0 14  DG  A C6    1 ? 
ATOM   293 O  O6    . DG  A 1 14 ? -1.099  -14.678 1.473   1.000 13.075 0 14  DG  A O6    1 ? 
ATOM   294 N  N1    . DG  A 1 14 ? -3.201  -14.277 0.728   1.000 10.152 0 14  DG  A N1    1 ? 
ATOM   295 C  C2    . DG  A 1 14 ? -4.552  -14.117 0.901   1.000 9.856  0 14  DG  A C2    1 ? 
ATOM   296 N  N2    . DG  A 1 14 ? -5.272  -13.868 -0.196  1.000 9.619  0 14  DG  A N2    1 ? 
ATOM   297 N  N3    . DG  A 1 14 ? -5.137  -14.100 2.074   1.000 9.975  0 14  DG  A N3    1 ? 
ATOM   298 C  C4    . DG  A 1 14 ? -4.274  -14.372 3.078   1.000 11.146 0 14  DG  A C4    1 ? 
HETATM 299 N  N1    . LKC B 1 1  ? 5.188   -19.695 -6.428  1.000 13.150 0 1   LKC B N1    1 ? 
HETATM 300 C  C2    . LKC B 1 1  ? 4.011   -19.882 -5.781  1.000 12.041 0 1   LKC B C2    1 ? 
HETATM 301 N  N3    . LKC B 1 1  ? 3.947   -19.857 -4.492  1.000 11.861 0 1   LKC B N3    1 ? 
HETATM 302 C  C4    . LKC B 1 1  ? 5.036   -19.628 -3.758  1.000 14.392 0 1   LKC B C4    1 ? 
HETATM 303 C  C5    . LKC B 1 1  ? 6.303   -19.401 -4.351  1.000 15.083 0 1   LKC B C5    1 ? 
HETATM 304 C  C6    . LKC B 1 1  ? 6.328   -19.464 -5.716  1.000 13.080 0 1   LKC B C6    1 ? 
HETATM 305 O  O2    . LKC B 1 1  ? 3.019   -20.053 -6.479  1.000 10.728 0 1   LKC B O2    1 ? 
HETATM 306 N  N4    . LKC B 1 1  ? 4.898   -19.619 -2.450  1.000 17.037 0 1   LKC B N4    1 ? 
HETATM 307 C  "C1'" . LKC B 1 1  ? 5.168   -19.789 -7.891  1.000 14.770 0 1   LKC B "C1'" 1 ? 
HETATM 308 C  "C2'" . LKC B 1 1  ? 4.726   -18.586 -8.652  1.000 15.858 0 1   LKC B "C2'" 1 ? 
HETATM 309 C  "C3'" . LKC B 1 1  ? 6.003   -17.758 -8.683  1.000 15.327 0 1   LKC B "C3'" 1 ? 
HETATM 310 C  "C4'" . LKC B 1 1  ? 6.745   -18.967 -9.365  1.000 15.833 0 1   LKC B "C4'" 1 ? 
HETATM 311 O  "O4'" . LKC B 1 1  ? 6.580   -19.973 -8.319  1.000 16.546 0 1   LKC B "O4'" 1 ? 
HETATM 312 O  "O3'" . LKC B 1 1  ? 5.896   -16.585 -9.520  1.000 18.581 0 1   LKC B "O3'" 1 ? 
HETATM 313 C  "C5'" . LKC B 1 1  ? 8.238   -18.672 -9.621  1.000 16.318 0 1   LKC B "C5'" 1 ? 
HETATM 314 O  "O5'" . LKC B 1 1  ? 8.818   -18.385 -8.323  1.000 20.390 0 1   LKC B "O5'" 1 ? 
HETATM 315 C  C5A   . LKC B 1 1  ? 7.525   -19.160 -3.686  1.000 15.715 0 1   LKC B C5A   1 ? 
HETATM 316 O  "O2'" . LKC B 1 1  ? 4.508   -18.995 -10.035 1.000 17.082 0 1   LKC B "O2'" 1 ? 
HETATM 317 C  "C6'" . LKC B 1 1  ? 5.902   -19.210 -10.566 1.000 16.312 0 1   LKC B "C6'" 1 ? 
HETATM 318 O  "O5'" . LCC B 1 2  ? 3.797   -15.521 -8.913  1.000 14.566 0 2   LCC B "O5'" 1 ? 
HETATM 319 C  "C5'" . LCC B 1 2  ? 2.906   -15.688 -9.974  1.000 13.927 0 2   LCC B "C5'" 1 ? 
HETATM 320 C  "C4'" . LCC B 1 2  ? 1.591   -16.008 -9.294  1.000 13.393 0 2   LCC B "C4'" 1 ? 
HETATM 321 O  "O4'" . LCC B 1 2  ? 1.648   -17.092 -8.351  1.000 12.152 0 2   LCC B "O4'" 1 ? 
HETATM 322 C  "C1'" . LCC B 1 2  ? 0.536   -16.932 -7.410  1.000 11.729 0 2   LCC B "C1'" 1 ? 
HETATM 323 N  N1    . LCC B 1 2  ? 1.039   -16.841 -6.097  1.000 10.635 0 2   LCC B N1    1 ? 
HETATM 324 C  C6    . LCC B 1 2  ? 2.398   -16.630 -5.801  1.000 10.158 0 2   LCC B C6    1 ? 
HETATM 325 C  C5    . LCC B 1 2  ? 2.771   -16.613 -4.513  1.000 10.310 0 2   LCC B C5    1 ? 
HETATM 326 C  C5M   . LCC B 1 2  ? 4.110   -16.335 -4.224  1.000 11.007 0 2   LCC B C5M   1 ? 
HETATM 327 C  C4    . LCC B 1 2  ? 1.778   -16.837 -3.521  1.000 9.471  0 2   LCC B C4    1 ? 
HETATM 328 N  N4    . LCC B 1 2  ? 2.134   -16.844 -2.292  1.000 10.276 0 2   LCC B N4    1 ? 
HETATM 329 N  N3    . LCC B 1 2  ? 0.476   -17.063 -3.806  1.000 9.756  0 2   LCC B N3    1 ? 
HETATM 330 C  C2    . LCC B 1 2  ? 0.140   -17.074 -5.087  1.000 9.686  0 2   LCC B C2    1 ? 
HETATM 331 O  O2    . LCC B 1 2  ? -1.021  -17.241 -5.445  1.000 10.071 0 2   LCC B O2    1 ? 
HETATM 332 C  "C3'" . LCC B 1 2  ? 1.158   -14.860 -8.378  1.000 12.842 0 2   LCC B "C3'" 1 ? 
HETATM 333 C  "C2'" . LCC B 1 2  ? -0.067  -15.654 -7.961  1.000 11.973 0 2   LCC B "C2'" 1 ? 
HETATM 334 O  "O2'" . LCC B 1 2  ? -0.684  -16.052 -9.205  1.000 14.605 0 2   LCC B "O2'" 1 ? 
HETATM 335 O  "O3'" . LCC B 1 2  ? 0.790   -13.628 -9.114  1.000 15.350 0 2   LCC B "O3'" 1 ? 
HETATM 336 C  "C6'" . LCC B 1 2  ? 0.406   -16.169 -10.255 1.000 13.689 0 2   LCC B "C6'" 1 ? 
HETATM 337 P  P     . LCC B 1 2  ? 5.319   -15.158 -9.049  1.000 16.447 0 2   LCC B P     1 ? 
HETATM 338 O  O1P   . LCC B 1 2  ? 5.589   -14.471 -10.314 1.000 15.460 0 2   LCC B O1P   1 ? 
HETATM 339 O  O2P   . LCC B 1 2  ? 5.995   -14.936 -7.799  1.000 14.524 0 2   LCC B O2P   1 ? 
HETATM 340 O  "O5'" . LCC B 1 3  ? -0.726  -12.403 -7.685  1.000 12.564 0 3   LCC B "O5'" 1 ? 
HETATM 341 C  "C5'" . LCC B 1 3  ? -1.909  -12.456 -8.435  1.000 9.591  0 3   LCC B "C5'" 1 ? 
HETATM 342 C  "C4'" . LCC B 1 3  ? -2.983  -12.818 -7.396  1.000 8.832  0 3   LCC B "C4'" 1 ? 
HETATM 343 O  "O4'" . LCC B 1 3  ? -2.663  -13.949 -6.556  1.000 8.921  0 3   LCC B "O4'" 1 ? 
HETATM 344 C  "C1'" . LCC B 1 3  ? -3.354  -13.814 -5.295  1.000 8.363  0 3   LCC B "C1'" 1 ? 
HETATM 345 N  N1    . LCC B 1 3  ? -2.387  -13.785 -4.218  1.000 8.329  0 3   LCC B N1    1 ? 
HETATM 346 C  C6    . LCC B 1 3  ? -1.007  -13.609 -4.451  1.000 8.272  0 3   LCC B C6    1 ? 
HETATM 347 C  C5    . LCC B 1 3  ? -0.215  -13.620 -3.341  1.000 8.720  0 3   LCC B C5    1 ? 
HETATM 348 C  C5M   . LCC B 1 3  ? 1.158   -13.428 -3.531  1.000 9.892  0 3   LCC B C5M   1 ? 
HETATM 349 C  C4    . LCC B 1 3  ? -0.771  -13.903 -2.100  1.000 9.162  0 3   LCC B C4    1 ? 
HETATM 350 N  N4    . LCC B 1 3  ? 0.002   -13.943 -1.060  1.000 9.965  0 3   LCC B N4    1 ? 
HETATM 351 N  N3    . LCC B 1 3  ? -2.103  -14.027 -1.918  1.000 8.851  0 3   LCC B N3    1 ? 
HETATM 352 C  C2    . LCC B 1 3  ? -2.864  -13.954 -2.984  1.000 8.016  0 3   LCC B C2    1 ? 
HETATM 353 O  O2    . LCC B 1 3  ? -4.091  -14.082 -2.816  1.000 8.735  0 3   LCC B O2    1 ? 
HETATM 354 C  "C3'" . LCC B 1 3  ? -3.199  -11.738 -6.320  1.000 8.178  0 3   LCC B "C3'" 1 ? 
HETATM 355 C  "C2'" . LCC B 1 3  ? -4.175  -12.579 -5.543  1.000 8.383  0 3   LCC B "C2'" 1 ? 
HETATM 356 O  "O2'" . LCC B 1 3  ? -5.146  -12.870 -6.570  1.000 8.563  0 3   LCC B "O2'" 1 ? 
HETATM 357 O  "O3'" . LCC B 1 3  ? -3.701  -10.554 -6.944  1.000 9.406  0 3   LCC B "O3'" 1 ? 
HETATM 358 C  "C6'" . LCC B 1 3  ? -4.366  -12.945 -7.931  1.000 8.479  0 3   LCC B "C6'" 1 ? 
HETATM 359 P  P     . LCC B 1 3  ? 0.709   -12.246 -8.358  1.000 13.173 0 3   LCC B P     1 ? 
HETATM 360 O  O1P   . LCC B 1 3  ? 0.668   -11.450 -9.508  1.000 15.066 0 3   LCC B O1P   1 ? 
HETATM 361 O  O2P   . LCC B 1 3  ? 1.610   -12.141 -7.260  1.000 13.163 0 3   LCC B O2P   1 ? 
HETATM 362 P  P     . LCG B 1 4  ? -3.491  -9.098  -6.228  1.000 9.866  0 4   LCG B P     1 ? 
HETATM 363 O  OP1   . LCG B 1 4  ? -4.103  -8.232  -7.280  1.000 10.214 0 4   LCG B OP1   1 ? 
HETATM 364 O  "O5'" . LCG B 1 4  ? -4.359  -9.238  -4.945  1.000 8.866  0 4   LCG B "O5'" 1 ? 
HETATM 365 C  "C5'" . LCG B 1 4  ? -5.783  -9.163  -5.035  1.000 8.299  0 4   LCG B "C5'" 1 ? 
HETATM 366 C  "C3'" . LCG B 1 4  ? -5.751  -8.249  -2.623  1.000 8.047  0 4   LCG B "C3'" 1 ? 
HETATM 367 C  "C6'" . LCG B 1 4  ? -7.816  -9.331  -3.443  1.000 8.926  0 4   LCG B "C6'" 1 ? 
HETATM 368 N  N9    . LCG B 1 4  ? -4.492  -10.508 -1.058  1.000 7.625  0 4   LCG B N9    1 ? 
HETATM 369 C  C8    . LCG B 1 4  ? -3.339  -10.605 -1.785  1.000 7.701  0 4   LCG B C8    1 ? 
HETATM 370 C  C4    . LCG B 1 4  ? -4.189  -10.656 0.224   1.000 7.373  0 4   LCG B C4    1 ? 
HETATM 371 N  N7    . LCG B 1 4  ? -2.338  -10.801 -0.923  1.000 8.424  0 4   LCG B N7    1 ? 
HETATM 372 C  C5    . LCG B 1 4  ? -2.861  -10.909 0.301   1.000 7.844  0 4   LCG B C5    1 ? 
HETATM 373 C  C6    . LCG B 1 4  ? -2.301  -11.095 1.535   1.000 9.574  0 4   LCG B C6    1 ? 
HETATM 374 C  "C2'" . LCG B 1 4  ? -6.468  -8.904  -1.480  1.000 8.110  0 4   LCG B "C2'" 1 ? 
HETATM 375 O  O6    . LCG B 1 4  ? -1.097  -11.345 1.735   1.000 10.383 0 4   LCG B O6    1 ? 
HETATM 376 C  "C4'" . LCG B 1 4  ? -6.263  -9.361  -3.583  1.000 8.200  0 4   LCG B "C4'" 1 ? 
HETATM 377 C  "C1'" . LCG B 1 4  ? -5.848  -10.288 -1.476  1.000 7.953  0 4   LCG B "C1'" 1 ? 
HETATM 378 C  C2    . LCG B 1 4  ? -4.501  -10.838 2.522   1.000 8.218  0 4   LCG B C2    1 ? 
HETATM 379 N  N1    . LCG B 1 4  ? -3.143  -11.085 2.597   1.000 8.278  0 4   LCG B N1    1 ? 
HETATM 380 O  "O4'" . LCG B 1 4  ? -5.863  -10.596 -2.892  1.000 7.574  0 4   LCG B "O4'" 1 ? 
HETATM 381 O  OP2   . LCG B 1 4  ? -2.123  -8.897  -5.884  1.000 8.581  0 4   LCG B OP2   1 ? 
HETATM 382 N  N2    . LCG B 1 4  ? -5.179  -10.804 3.643   1.000 7.552  0 4   LCG B N2    1 ? 
HETATM 383 N  N3    . LCG B 1 4  ? -5.031  -10.630 1.289   1.000 7.360  0 4   LCG B N3    1 ? 
HETATM 384 O  "O2'" . LCG B 1 4  ? -7.859  -9.070  -1.940  1.000 8.842  0 4   LCG B "O2'" 1 ? 
HETATM 385 O  "O3'" . LCG B 1 4  ? -6.301  -7.017  -3.008  1.000 8.145  0 4   LCG B "O3'" 1 ? 
ATOM   386 P  P     . A   B 1 5  ? -5.542  -5.691  -2.593  1.000 8.263  0 5   A   B P     1 ? 
ATOM   387 O  OP1   . A   B 1 5  ? -6.191  -4.630  -3.372  1.000 7.638  0 5   A   B OP1   1 ? 
ATOM   388 O  OP2   . A   B 1 5  ? -4.058  -5.805  -2.522  1.000 7.549  0 5   A   B OP2   1 ? 
ATOM   389 O  "O5'" . A   B 1 5  ? -5.964  -5.525  -1.068  1.000 7.601  0 5   A   B "O5'" 1 ? 
ATOM   390 C  "C5'" . A   B 1 5  ? -7.330  -5.446  -0.700  1.000 7.877  0 5   A   B "C5'" 1 ? 
ATOM   391 C  "C4'" . A   B 1 5  ? -7.428  -5.481  0.795   1.000 7.701  0 5   A   B "C4'" 1 ? 
ATOM   392 O  "O4'" . A   B 1 5  ? -7.049  -6.823  1.227   1.000 7.631  0 5   A   B "O4'" 1 ? 
ATOM   393 C  "C3'" . A   B 1 5  ? -6.512  -4.579  1.604   1.000 8.114  0 5   A   B "C3'" 1 ? 
ATOM   394 O  "O3'" . A   B 1 5  ? -7.063  -3.282  1.742   1.000 8.142  0 5   A   B "O3'" 1 ? 
ATOM   395 C  "C2'" . A   B 1 5  ? -6.553  -5.296  2.931   1.000 7.488  0 5   A   B "C2'" 1 ? 
ATOM   396 O  "O2'" . A   B 1 5  ? -7.805  -5.151  3.544   1.000 7.665  0 5   A   B "O2'" 1 ? 
ATOM   397 C  "C1'" . A   B 1 5  ? -6.358  -6.735  2.465   1.000 8.581  0 5   A   B "C1'" 1 ? 
ATOM   398 N  N9    . A   B 1 5  ? -4.962  -7.062  2.238   1.000 8.172  0 5   A   B N9    1 ? 
ATOM   399 C  C8    . A   B 1 5  ? -4.266  -7.094  1.055   1.000 9.359  0 5   A   B C8    1 ? 
ATOM   400 N  N7    . A   B 1 5  ? -3.025  -7.493  1.185   1.000 9.047  0 5   A   B N7    1 ? 
ATOM   401 C  C5    . A   B 1 5  ? -2.888  -7.710  2.545   1.000 9.969  0 5   A   B C5    1 ? 
ATOM   402 C  C6    . A   B 1 5  ? -1.804  -8.144  3.321   1.000 10.800 0 5   A   B C6    1 ? 
ATOM   403 N  N6    . A   B 1 5  ? -0.606  -8.413  2.808   1.000 11.103 0 5   A   B N6    1 ? 
ATOM   404 N  N1    . A   B 1 5  ? -1.985  -8.245  4.652   1.000 10.835 0 5   A   B N1    1 ? 
ATOM   405 C  C2    . A   B 1 5  ? -3.195  -7.976  5.157   1.000 10.963 0 5   A   B C2    1 ? 
ATOM   406 N  N3    . A   B 1 5  ? -4.301  -7.574  4.527   1.000 10.898 0 5   A   B N3    1 ? 
ATOM   407 C  C4    . A   B 1 5  ? -4.062  -7.427  3.211   1.000 9.393  0 5   A   B C4    1 ? 
ATOM   408 P  P     . C   B 1 6  ? -6.144  -1.997  1.900   1.000 8.351  0 6   C   B P     1 ? 
ATOM   409 O  OP1   . C   B 1 6  ? -7.002  -0.808  1.773   1.000 6.798  0 6   C   B OP1   1 ? 
ATOM   410 O  OP2   . C   B 1 6  ? -4.913  -2.135  1.067   1.000 9.197  0 6   C   B OP2   1 ? 
ATOM   411 O  "O5'" . C   B 1 6  ? -5.574  -2.098  3.368   1.000 9.491  0 6   C   B "O5'" 1 ? 
ATOM   412 C  "C5'" . C   B 1 6  ? -6.439  -2.008  4.506   1.000 8.870  0 6   C   B "C5'" 1 ? 
ATOM   413 C  "C4'" . C   B 1 6  ? -5.715  -2.523  5.729   1.000 10.323 0 6   C   B "C4'" 1 ? 
ATOM   414 O  "O4'" . C   B 1 6  ? -5.270  -3.886  5.523   1.000 11.120 0 6   C   B "O4'" 1 ? 
ATOM   415 C  "C3'" . C   B 1 6  ? -4.461  -1.758  6.099   1.000 11.579 0 6   C   B "C3'" 1 ? 
ATOM   416 O  "O3'" . C   B 1 6  ? -4.855  -0.581  6.780   1.000 12.688 0 6   C   B "O3'" 1 ? 
ATOM   417 C  "C2'" . C   B 1 6  ? -3.726  -2.770  6.947   1.000 12.067 0 6   C   B "C2'" 1 ? 
ATOM   418 O  "O2'" . C   B 1 6  ? -4.310  -2.884  8.220   1.000 13.903 0 6   C   B "O2'" 1 ? 
ATOM   419 C  "C1'" . C   B 1 6  ? -3.990  -4.055  6.156   1.000 11.885 0 6   C   B "C1'" 1 ? 
ATOM   420 N  N1    . C   B 1 6  ? -2.965  -4.291  5.122   1.000 12.048 0 6   C   B N1    1 ? 
ATOM   421 C  C2    . C   B 1 6  ? -1.751  -4.869  5.537   1.000 13.759 0 6   C   B C2    1 ? 
ATOM   422 O  O2    . C   B 1 6  ? -1.598  -5.135  6.733   1.000 15.744 0 6   C   B O2    1 ? 
ATOM   423 N  N3    . C   B 1 6  ? -0.800  -5.131  4.623   1.000 13.335 0 6   C   B N3    1 ? 
ATOM   424 C  C4    . C   B 1 6  ? -1.017  -4.854  3.338   1.000 12.506 0 6   C   B C4    1 ? 
ATOM   425 N  N4    . C   B 1 6  ? -0.044  -5.126  2.465   1.000 11.916 0 6   C   B N4    1 ? 
ATOM   426 C  C5    . C   B 1 6  ? -2.214  -4.215  2.896   1.000 12.145 0 6   C   B C5    1 ? 
ATOM   427 C  C6    . C   B 1 6  ? -3.157  -3.973  3.811   1.000 11.676 0 6   C   B C6    1 ? 
ATOM   428 P  P     . U   B 1 7  ? -3.960  0.734   6.726   1.000 16.024 0 7   U   B P     1 ? 
ATOM   429 O  OP1   . U   B 1 7  ? -4.663  1.767   7.512   1.000 16.961 0 7   U   B OP1   1 ? 
ATOM   430 O  OP2   . U   B 1 7  ? -3.365  0.973   5.427   1.000 12.245 0 7   U   B OP2   1 ? 
ATOM   431 O  "O5'" . U   B 1 7  ? -2.644  0.298   7.531   1.000 16.823 0 7   U   B "O5'" 1 ? 
ATOM   432 C  "C5'" . U   B 1 7  ? -2.666  0.109   8.933   1.000 20.029 0 7   U   B "C5'" 1 ? 
ATOM   433 C  "C4'" . U   B 1 7  ? -1.300  -0.332  9.400   1.000 20.975 0 7   U   B "C4'" 1 ? 
ATOM   434 O  "O4'" . U   B 1 7  ? -0.956  -1.595  8.789   1.000 21.152 0 7   U   B "O4'" 1 ? 
ATOM   435 C  "C3'" . U   B 1 7  ? -0.127  0.554   9.025   1.000 22.058 0 7   U   B "C3'" 1 ? 
ATOM   436 O  "O3'" . U   B 1 7  ? -0.100  1.675   9.890   1.000 23.206 0 7   U   B "O3'" 1 ? 
ATOM   437 C  "C2'" . U   B 1 7  ? 1.037   -0.404  9.216   1.000 22.207 0 7   U   B "C2'" 1 ? 
ATOM   438 O  "O2'" . U   B 1 7  ? 1.326   -0.612  10.594  1.000 24.464 0 7   U   B "O2'" 1 ? 
ATOM   439 C  "C1'" . U   B 1 7  ? 0.448   -1.676  8.616   1.000 20.802 0 7   U   B "C1'" 1 ? 
ATOM   440 N  N1    . U   B 1 7  ? 0.727   -1.858  7.188   1.000 19.242 0 7   U   B N1    1 ? 
ATOM   441 C  C2    . U   B 1 7  ? 1.971   -2.341  6.855   1.000 20.024 0 7   U   B C2    1 ? 
ATOM   442 O  O2    . U   B 1 7  ? 2.823   -2.597  7.696   1.000 20.612 0 7   U   B O2    1 ? 
ATOM   443 N  N3    . U   B 1 7  ? 2.163   -2.565  5.516   1.000 17.177 0 7   U   B N3    1 ? 
ATOM   444 C  C4    . U   B 1 7  ? 1.274   -2.307  4.492   1.000 16.214 0 7   U   B C4    1 ? 
ATOM   445 O  O4    . U   B 1 7  ? 1.607   -2.524  3.330   1.000 14.935 0 7   U   B O4    1 ? 
ATOM   446 C  C5    . U   B 1 7  ? 0.021   -1.770  4.918   1.000 16.883 0 7   U   B C5    1 ? 
ATOM   447 C  C6    . U   B 1 7  ? -0.209  -1.576  6.218   1.000 17.543 0 7   U   B C6    1 ? 
ATOM   448 P  P     . U   B 1 8  ? 0.426   3.067   9.360   1.000 26.011 0 8   U   B P     1 ? 
ATOM   449 O  OP1   . U   B 1 8  ? -0.007  4.075   10.378  1.000 28.051 0 8   U   B OP1   1 ? 
ATOM   450 O  OP2   . U   B 1 8  ? 0.044   3.258   7.919   1.000 23.485 0 8   U   B OP2   1 ? 
ATOM   451 O  "O5'" . U   B 1 8  ? 1.991   2.874   9.263   1.000 28.743 0 8   U   B "O5'" 1 ? 
ATOM   452 C  "C5'" . U   B 1 8  ? 2.734   2.693   10.473  1.000 30.718 0 8   U   B "C5'" 1 ? 
ATOM   453 C  "C4'" . U   B 1 8  ? 4.146   2.363   10.129  1.000 31.169 0 8   U   B "C4'" 1 ? 
ATOM   454 O  "O4'" . U   B 1 8  ? 4.165   1.069   9.486   1.000 29.472 0 8   U   B "O4'" 1 ? 
ATOM   455 C  "C3'" . U   B 1 8  ? 4.838   3.274   9.128   1.000 33.399 0 8   U   B "C3'" 1 ? 
ATOM   456 O  "O3'" . U   B 1 8  ? 5.271   4.503   9.720   1.000 33.227 0 8   U   B "O3'" 1 ? 
ATOM   457 C  "C2'" . U   B 1 8  ? 5.963   2.366   8.659   1.000 34.550 0 8   U   B "C2'" 1 ? 
ATOM   458 O  "O2'" . U   B 1 8  ? 7.017   2.216   9.594   1.000 35.827 0 8   U   B "O2'" 1 ? 
ATOM   459 C  "C1'" . U   B 1 8  ? 5.229   1.026   8.567   1.000 30.867 0 8   U   B "C1'" 1 ? 
ATOM   460 N  N1    . U   B 1 8  ? 4.686   0.782   7.227   1.000 29.003 0 8   U   B N1    1 ? 
ATOM   461 C  C2    . U   B 1 8  ? 5.581   0.316   6.293   1.000 28.557 0 8   U   B C2    1 ? 
ATOM   462 O  O2    . U   B 1 8  ? 6.747   0.094   6.555   1.000 32.164 0 8   U   B O2    1 ? 
ATOM   463 N  N3    . U   B 1 8  ? 5.061   0.114   5.044   1.000 24.843 0 8   U   B N3    1 ? 
ATOM   464 C  C4    . U   B 1 8  ? 3.757   0.315   4.639   1.000 25.605 0 8   U   B C4    1 ? 
ATOM   465 O  O4    . U   B 1 8  ? 3.451   0.091   3.469   1.000 20.495 0 8   U   B O4    1 ? 
ATOM   466 C  C5    . U   B 1 8  ? 2.893   0.845   5.653   1.000 24.204 0 8   U   B C5    1 ? 
ATOM   467 C  C6    . U   B 1 8  ? 3.373   1.045   6.886   1.000 28.427 0 8   U   B C6    1 ? 
ATOM   468 P  P     . A   B 1 9  ? 5.420   5.835   8.841   1.000 34.062 0 9   A   B P     1 ? 
ATOM   469 O  OP1   . A   B 1 9  ? 5.860   6.935   9.748   1.000 35.657 0 9   A   B OP1   1 ? 
ATOM   470 O  OP2   . A   B 1 9  ? 4.207   6.028   8.004   1.000 35.753 0 9   A   B OP2   1 ? 
ATOM   471 O  "O5'" . A   B 1 9  ? 6.636   5.512   7.879   1.000 34.613 0 9   A   B "O5'" 1 ? 
ATOM   472 C  "C5'" . A   B 1 9  ? 7.958   5.389   8.408   1.000 34.312 0 9   A   B "C5'" 1 ? 
ATOM   473 C  "C4'" . A   B 1 9  ? 8.924   5.158   7.288   1.000 35.073 0 9   A   B "C4'" 1 ? 
ATOM   474 O  "O4'" . A   B 1 9  ? 8.719   3.830   6.738   1.000 32.127 0 9   A   B "O4'" 1 ? 
ATOM   475 C  "C3'" . A   B 1 9  ? 8.808   6.077   6.079   1.000 35.872 0 9   A   B "C3'" 1 ? 
ATOM   476 O  "O3'" . A   B 1 9  ? 9.395   7.363   6.283   1.000 38.790 0 9   A   B "O3'" 1 ? 
ATOM   477 C  "C2'" . A   B 1 9  ? 9.522   5.252   5.026   1.000 35.021 0 9   A   B "C2'" 1 ? 
ATOM   478 O  "O2'" . A   B 1 9  ? 10.930  5.363   5.085   1.000 41.539 0 9   A   B "O2'" 1 ? 
ATOM   479 C  "C1'" . A   B 1 9  ? 9.009   3.849   5.357   1.000 33.392 0 9   A   B "C1'" 1 ? 
ATOM   480 N  N9    . A   B 1 9  ? 7.778   3.528   4.637   1.000 32.035 0 9   A   B N9    1 ? 
ATOM   481 C  C8    . A   B 1 9  ? 6.472   3.716   5.022   1.000 31.312 0 9   A   B C8    1 ? 
ATOM   482 N  N7    . A   B 1 9  ? 5.598   3.330   4.125   1.000 28.660 0 9   A   B N7    1 ? 
ATOM   483 C  C5    . A   B 1 9  ? 6.379   2.835   3.091   1.000 27.855 0 9   A   B C5    1 ? 
ATOM   484 C  C6    . A   B 1 9  ? 6.053   2.263   1.851   1.000 27.421 0 9   A   B C6    1 ? 
ATOM   485 N  N6    . A   B 1 9  ? 4.800   2.088   1.422   1.000 26.835 0 9   A   B N6    1 ? 
ATOM   486 N  N1    . A   B 1 9  ? 7.071   1.878   1.050   1.000 28.544 0 9   A   B N1    1 ? 
ATOM   487 C  C2    . A   B 1 9  ? 8.330   2.054   1.479   1.000 28.580 0 9   A   B C2    1 ? 
ATOM   488 N  N3    . A   B 1 9  ? 8.759   2.582   2.622   1.000 29.374 0 9   A   B N3    1 ? 
ATOM   489 C  C4    . A   B 1 9  ? 7.721   2.936   3.401   1.000 28.704 0 9   A   B C4    1 ? 
ATOM   490 P  P     . A   B 1 10 ? 8.833   8.660   5.509   1.000 41.467 0 10  A   B P     1 ? 
ATOM   491 O  OP1   . A   B 1 10 ? 9.449   9.858   6.133   1.000 47.683 0 10  A   B OP1   1 ? 
ATOM   492 O  OP2   . A   B 1 10 ? 7.352   8.586   5.431   1.000 46.815 0 10  A   B OP2   1 ? 
ATOM   493 O  "O5'" . A   B 1 10 ? 9.387   8.480   4.031   1.000 39.615 0 10  A   B "O5'" 1 ? 
ATOM   494 C  "C5'" . A   B 1 10 ? 10.791  8.436   3.775   1.000 37.612 0 10  A   B "C5'" 1 ? 
ATOM   495 C  "C4'" . A   B 1 10 ? 11.032  7.875   2.404   1.000 38.348 0 10  A   B "C4'" 1 ? 
ATOM   496 O  "O4'" . A   B 1 10 ? 10.547  6.508   2.327   1.000 39.515 0 10  A   B "O4'" 1 ? 
ATOM   497 C  "C3'" . A   B 1 10 ? 10.293  8.576   1.275   1.000 38.572 0 10  A   B "C3'" 1 ? 
ATOM   498 O  "O3'" . A   B 1 10 ? 10.918  9.791   0.904   1.000 38.330 0 10  A   B "O3'" 1 ? 
ATOM   499 C  "C2'" . A   B 1 10 ? 10.332  7.513   0.190   1.000 37.747 0 10  A   B "C2'" 1 ? 
ATOM   500 O  "O2'" . A   B 1 10 ? 11.524  7.436   -0.557  1.000 42.132 0 10  A   B "O2'" 1 ? 
ATOM   501 C  "C1'" . A   B 1 10 ? 10.069  6.249   1.012   1.000 36.997 0 10  A   B "C1'" 1 ? 
ATOM   502 N  N9    . A   B 1 10 ? 8.627   5.968   1.066   1.000 33.726 0 10  A   B N9    1 ? 
ATOM   503 C  C8    . A   B 1 10 ? 7.709   6.313   2.025   1.000 29.887 0 10  A   B C8    1 ? 
ATOM   504 N  N7    . A   B 1 10 ? 6.481   5.960   1.732   1.000 29.794 0 10  A   B N7    1 ? 
ATOM   505 C  C5    . A   B 1 10 ? 6.593   5.385   0.474   1.000 29.347 0 10  A   B C5    1 ? 
ATOM   506 C  C6    . A   B 1 10 ? 5.649   4.798   -0.385  1.000 27.640 0 10  A   B C6    1 ? 
ATOM   507 N  N6    . A   B 1 10 ? 4.345   4.730   -0.112  1.000 25.238 0 10  A   B N6    1 ? 
ATOM   508 N  N1    . A   B 1 10 ? 6.091   4.310   -1.563  1.000 26.098 0 10  A   B N1    1 ? 
ATOM   509 C  C2    . A   B 1 10 ? 7.398   4.380   -1.838  1.000 30.366 0 10  A   B C2    1 ? 
ATOM   510 N  N3    . A   B 1 10 ? 8.379   4.913   -1.116  1.000 28.802 0 10  A   B N3    1 ? 
ATOM   511 C  C4    . A   B 1 10 ? 7.908   5.382   0.053   1.000 29.361 0 10  A   B C4    1 ? 
ATOM   512 P  P     . G   B 1 11 ? 10.046  10.995  0.311   1.000 43.386 0 11  G   B P     1 ? 
ATOM   513 O  OP1   . G   B 1 11 ? 10.940  12.215  0.145   1.000 42.884 0 11  G   B OP1   1 ? 
ATOM   514 O  OP2   . G   B 1 11 ? 8.812   11.176  1.141   1.000 37.988 0 11  G   B OP2   1 ? 
ATOM   515 O  "O5'" . G   B 1 11 ? 9.625   10.532  -1.146  1.000 37.075 0 11  G   B "O5'" 1 ? 
ATOM   516 C  "C5'" . G   B 1 11 ? 10.654  10.420  -2.139  1.000 35.453 0 11  G   B "C5'" 1 ? 
ATOM   517 C  "C4'" . G   B 1 11 ? 10.081  9.711   -3.330  1.000 34.993 0 11  G   B "C4'" 1 ? 
ATOM   518 O  "O4'" . G   B 1 11 ? 9.504   8.452   -2.901  1.000 33.628 0 11  G   B "O4'" 1 ? 
ATOM   519 C  "C3'" . G   B 1 11 ? 8.919   10.395  -4.051  1.000 35.794 0 11  G   B "C3'" 1 ? 
ATOM   520 O  "O3'" . G   B 1 11 ? 9.345   11.417  -4.942  1.000 33.088 0 11  G   B "O3'" 1 ? 
ATOM   521 C  "C2'" . G   B 1 11 ? 8.374   9.199   -4.829  1.000 33.756 0 11  G   B "C2'" 1 ? 
ATOM   522 O  "O2'" . G   B 1 11 ? 9.173   8.882   -5.950  1.000 37.924 0 11  G   B "O2'" 1 ? 
ATOM   523 C  "C1'" . G   B 1 11 ? 8.444   8.110   -3.767  1.000 32.322 0 11  G   B "C1'" 1 ? 
ATOM   524 N  N9    . G   B 1 11 ? 7.206   7.983   -2.999  1.000 28.677 0 11  G   B N9    1 ? 
ATOM   525 C  C8    . G   B 1 11 ? 6.934   8.380   -1.714  1.000 26.570 0 11  G   B C8    1 ? 
ATOM   526 N  N7    . G   B 1 11 ? 5.706   8.121   -1.334  1.000 26.417 0 11  G   B N7    1 ? 
ATOM   527 C  C5    . G   B 1 11 ? 5.134   7.507   -2.441  1.000 24.590 0 11  G   B C5    1 ? 
ATOM   528 C  C6    . G   B 1 11 ? 3.822   6.984   -2.630  1.000 22.341 0 11  G   B C6    1 ? 
ATOM   529 O  O6    . G   B 1 11 ? 2.883   6.977   -1.829  1.000 19.803 0 11  G   B O6    1 ? 
ATOM   530 N  N1    . G   B 1 11 ? 3.668   6.469   -3.905  1.000 21.955 0 11  G   B N1    1 ? 
ATOM   531 C  C2    . G   B 1 11 ? 4.635   6.418   -4.874  1.000 24.649 0 11  G   B C2    1 ? 
ATOM   532 N  N2    . G   B 1 11 ? 4.302   5.874   -6.051  1.000 22.630 0 11  G   B N2    1 ? 
ATOM   533 N  N3    . G   B 1 11 ? 5.870   6.896   -4.693  1.000 25.294 0 11  G   B N3    1 ? 
ATOM   534 C  C4    . G   B 1 11 ? 6.045   7.409   -3.461  1.000 24.273 0 11  G   B C4    1 ? 
ATOM   535 P  P     . U   B 1 12 ? 8.391   12.632  -5.303  1.000 34.932 0 12  U   B P     1 ? 
ATOM   536 O  OP1   . U   B 1 12 ? 9.232   13.710  -5.906  1.000 38.839 0 12  U   B OP1   1 ? 
ATOM   537 O  OP2   . U   B 1 12 ? 7.561   12.947  -4.129  1.000 30.251 0 12  U   B OP2   1 ? 
ATOM   538 O  "O5'" . U   B 1 12 ? 7.504   12.071  -6.495  1.000 34.008 0 12  U   B "O5'" 1 ? 
ATOM   539 C  "C5'" . U   B 1 12 ? 8.058   11.405  -7.630  1.000 30.539 0 12  U   B "C5'" 1 ? 
ATOM   540 C  "C4'" . U   B 1 12 ? 6.924   10.877  -8.472  1.000 29.688 0 12  U   B "C4'" 1 ? 
ATOM   541 O  "O4'" . U   B 1 12 ? 6.403   9.672   -7.845  1.000 28.583 0 12  U   B "O4'" 1 ? 
ATOM   542 C  "C3'" . U   B 1 12 ? 5.695   11.767  -8.597  1.000 28.666 0 12  U   B "C3'" 1 ? 
ATOM   543 O  "O3'" . U   B 1 12 ? 5.819   12.800  -9.564  1.000 25.827 0 12  U   B "O3'" 1 ? 
ATOM   544 C  "C2'" . U   B 1 12 ? 4.642   10.740  -8.985  1.000 26.632 0 12  U   B "C2'" 1 ? 
ATOM   545 O  "O2'" . U   B 1 12 ? 4.730   10.143  -10.270 1.000 27.578 0 12  U   B "O2'" 1 ? 
ATOM   546 C  "C1'" . U   B 1 12 ? 4.991   9.608   -8.027  1.000 25.785 0 12  U   B "C1'" 1 ? 
ATOM   547 N  N1    . U   B 1 12 ? 4.319   9.700   -6.723  1.000 22.857 0 12  U   B N1    1 ? 
ATOM   548 C  C2    . U   B 1 12 ? 3.047   9.141   -6.627  1.000 20.859 0 12  U   B C2    1 ? 
ATOM   549 O  O2    . U   B 1 12 ? 2.477   8.644   -7.578  1.000 19.420 0 12  U   B O2    1 ? 
ATOM   550 N  N3    . U   B 1 12 ? 2.471   9.216   -5.383  1.000 18.817 0 12  U   B N3    1 ? 
ATOM   551 C  C4    . U   B 1 12 ? 3.011   9.780   -4.249  1.000 19.981 0 12  U   B C4    1 ? 
ATOM   552 O  O4    . U   B 1 12 ? 2.357   9.794   -3.211  1.000 19.983 0 12  U   B O4    1 ? 
ATOM   553 C  C5    . U   B 1 12 ? 4.326   10.333  -4.424  1.000 20.422 0 12  U   B C5    1 ? 
ATOM   554 C  C6    . U   B 1 12 ? 4.918   10.277  -5.625  1.000 20.611 0 12  U   B C6    1 ? 
ATOM   555 P  P     . C   B 1 13 ? 4.946   14.107  -9.481  1.000 28.625 0 13  C   B P     1 ? 
ATOM   556 O  OP1   . C   B 1 13 ? 5.394   15.049  -10.556 1.000 30.262 0 13  C   B OP1   1 ? 
ATOM   557 O  OP2   . C   B 1 13 ? 4.775   14.568  -8.040  1.000 23.139 0 13  C   B OP2   1 ? 
ATOM   558 O  "O5'" . C   B 1 13 ? 3.467   13.654  -9.895  1.000 25.039 0 13  C   B "O5'" 1 ? 
ATOM   559 C  "C5'" . C   B 1 13 ? 3.128   13.063  -11.166 1.000 20.612 0 13  C   B "C5'" 1 ? 
ATOM   560 C  "C4'" . C   B 1 13 ? 1.728   12.482  -11.067 1.000 18.902 0 13  C   B "C4'" 1 ? 
ATOM   561 O  "O4'" . C   B 1 13 ? 1.729   11.466  -10.027 1.000 17.367 0 13  C   B "O4'" 1 ? 
ATOM   562 C  "C3'" . C   B 1 13 ? 0.613   13.422  -10.631 1.000 18.379 0 13  C   B "C3'" 1 ? 
ATOM   563 O  "O3'" . C   B 1 13 ? 0.209   14.255  -11.717 1.000 19.930 0 13  C   B "O3'" 1 ? 
ATOM   564 C  "C2'" . C   B 1 13 ? -0.448  12.413  -10.168 1.000 15.790 0 13  C   B "C2'" 1 ? 
ATOM   565 O  "O2'" . C   B 1 13 ? -0.943  11.734  -11.288 1.000 14.993 0 13  C   B "O2'" 1 ? 
ATOM   566 C  "C1'" . C   B 1 13 ? 0.421   11.399  -9.431  1.000 15.866 0 13  C   B "C1'" 1 ? 
ATOM   567 N  N1    . C   B 1 13 ? 0.534   11.670  -7.983  1.000 15.161 0 13  C   B N1    1 ? 
ATOM   568 C  C2    . C   B 1 13 ? -0.495  11.208  -7.155  1.000 14.643 0 13  C   B C2    1 ? 
ATOM   569 O  O2    . C   B 1 13 ? -1.437  10.597  -7.668  1.000 12.134 0 13  C   B O2    1 ? 
ATOM   570 N  N3    . C   B 1 13 ? -0.449  11.469  -5.833  1.000 15.489 0 13  C   B N3    1 ? 
ATOM   571 C  C4    . C   B 1 13 ? 0.581   12.151  -5.324  1.000 16.709 0 13  C   B C4    1 ? 
ATOM   572 N  N4    . C   B 1 13 ? 0.596   12.364  -4.012  1.000 17.685 0 13  C   B N4    1 ? 
ATOM   573 C  C5    . C   B 1 13 ? 1.623   12.669  -6.149  1.000 16.221 0 13  C   B C5    1 ? 
ATOM   574 C  C6    . C   B 1 13 ? 1.548   12.426  -7.464  1.000 15.895 0 13  C   B C6    1 ? 
ATOM   575 P  P     . DG  B 1 14 ? -0.648  15.541  -11.462 1.000 24.311 0 14  DG  B P     1 ? 
ATOM   576 O  OP1   . DG  B 1 14 ? -1.040  16.098  -12.785 1.000 28.691 0 14  DG  B OP1   1 ? 
ATOM   577 O  OP2   . DG  B 1 14 ? 0.007   16.356  -10.414 1.000 21.220 0 14  DG  B OP2   1 ? 
ATOM   578 O  "O5'" . DG  B 1 14 ? -1.904  15.045  -10.600 1.000 21.547 0 14  DG  B "O5'" 1 ? 
ATOM   579 C  "C5'" . DG  B 1 14 ? -3.198  14.932  -11.129 1.000 19.690 0 14  DG  B "C5'" 1 ? 
ATOM   580 C  "C4'" . DG  B 1 14 ? -4.110  14.290  -10.107 1.000 17.749 0 14  DG  B "C4'" 1 ? 
ATOM   581 O  "O4'" . DG  B 1 14 ? -3.389  13.497  -9.137  1.000 16.097 0 14  DG  B "O4'" 1 ? 
ATOM   582 C  "C3'" . DG  B 1 14 ? -4.897  15.268  -9.256  1.000 16.321 0 14  DG  B "C3'" 1 ? 
ATOM   583 O  "O3'" . DG  B 1 14 ? -5.939  15.935  -9.984  1.000 18.861 0 14  DG  B "O3'" 1 ? 
ATOM   584 C  "C2'" . DG  B 1 14 ? -5.415  14.346  -8.166  1.000 15.676 0 14  DG  B "C2'" 1 ? 
ATOM   585 C  "C1'" . DG  B 1 14 ? -4.200  13.461  -7.943  1.000 14.713 0 14  DG  B "C1'" 1 ? 
ATOM   586 N  N9    . DG  B 1 14 ? -3.384  13.835  -6.785  1.000 13.062 0 14  DG  B N9    1 ? 
ATOM   587 C  C8    . DG  B 1 14 ? -2.095  14.300  -6.711  1.000 13.674 0 14  DG  B C8    1 ? 
ATOM   588 N  N7    . DG  B 1 14 ? -1.700  14.513  -5.486  1.000 12.499 0 14  DG  B N7    1 ? 
ATOM   589 C  C5    . DG  B 1 14 ? -2.791  14.142  -4.706  1.000 11.551 0 14  DG  B C5    1 ? 
ATOM   590 C  C6    . DG  B 1 14 ? -2.951  14.107  -3.299  1.000 11.344 0 14  DG  B C6    1 ? 
ATOM   591 O  O6    . DG  B 1 14 ? -2.140  14.414  -2.428  1.000 13.678 0 14  DG  B O6    1 ? 
ATOM   592 N  N1    . DG  B 1 14 ? -4.229  13.700  -2.934  1.000 10.912 0 14  DG  B N1    1 ? 
ATOM   593 C  C2    . DG  B 1 14 ? -5.224  13.349  -3.812  1.000 10.272 0 14  DG  B C2    1 ? 
ATOM   594 N  N2    . DG  B 1 14 ? -6.387  12.949  -3.278  1.000 10.269 0 14  DG  B N2    1 ? 
ATOM   595 N  N3    . DG  B 1 14 ? -5.064  13.311  -5.116  1.000 11.081 0 14  DG  B N3    1 ? 
ATOM   596 C  C4    . DG  B 1 14 ? -3.838  13.739  -5.492  1.000 11.622 0 14  DG  B C4    1 ? 
HETATM 597 N  N9A   . GP3 C 2 .  ? -5.580  16.896  -3.887  1.000 10.577 0 101 GP3 A N9A   1 ? 
HETATM 598 C  C8A   . GP3 C 2 .  ? -4.366  17.196  -4.381  1.000 10.285 0 101 GP3 A C8A   1 ? 
HETATM 599 N  N7A   . GP3 C 2 .  ? -3.493  17.335  -3.397  1.000 9.807  0 101 GP3 A N7A   1 ? 
HETATM 600 C  C5A   . GP3 C 2 .  ? -4.157  17.068  -2.239  1.000 9.358  0 101 GP3 A C5A   1 ? 
HETATM 601 C  C6A   . GP3 C 2 .  ? -3.779  17.103  -0.945  1.000 10.016 0 101 GP3 A C6A   1 ? 
HETATM 602 O  O6A   . GP3 C 2 .  ? -2.631  17.260  -0.484  1.000 10.498 0 101 GP3 A O6A   1 ? 
HETATM 603 N  N1A   . GP3 C 2 .  ? -4.708  16.852  -0.011  1.000 9.279  0 101 GP3 A N1A   1 ? 
HETATM 604 C  C2A   . GP3 C 2 .  ? -6.019  16.618  -0.355  1.000 8.965  0 101 GP3 A C2A   1 ? 
HETATM 605 N  N2A   . GP3 C 2 .  ? -6.851  16.414  0.607   1.000 8.673  0 101 GP3 A N2A   1 ? 
HETATM 606 N  N3A   . GP3 C 2 .  ? -6.418  16.590  -1.640  1.000 8.813  0 101 GP3 A N3A   1 ? 
HETATM 607 C  C4A   . GP3 C 2 .  ? -5.455  16.840  -2.555  1.000 9.576  0 101 GP3 A C4A   1 ? 
HETATM 608 O  O5D   . GP3 C 2 .  ? -5.672  19.003  -6.934  1.000 21.648 0 101 GP3 A O5D   1 ? 
HETATM 609 C  C5D   . GP3 C 2 .  ? -6.533  18.189  -7.694  1.000 17.116 0 101 GP3 A C5D   1 ? 
HETATM 610 C  C4D   . GP3 C 2 .  ? -7.365  17.536  -6.639  1.000 15.138 0 101 GP3 A C4D   1 ? 
HETATM 611 O  O4D   . GP3 C 2 .  ? -6.489  16.628  -5.985  1.000 12.783 0 101 GP3 A O4D   1 ? 
HETATM 612 C  C3D   . GP3 C 2 .  ? -7.793  18.460  -5.529  1.000 13.714 0 101 GP3 A C3D   1 ? 
HETATM 613 O  O3D   . GP3 C 2 .  ? -9.014  19.113  -5.904  1.000 14.153 0 101 GP3 A O3D   1 ? 
HETATM 614 C  C2D   . GP3 C 2 .  ? -8.032  17.511  -4.431  1.000 13.852 0 101 GP3 A C2D   1 ? 
HETATM 615 O  O2D   . GP3 C 2 .  ? -9.280  16.782  -4.641  1.000 14.303 0 101 GP3 A O2D   1 ? 
HETATM 616 C  C1D   . GP3 C 2 .  ? -6.869  16.577  -4.584  1.000 12.472 0 101 GP3 A C1D   1 ? 
HETATM 617 P  PA    . GP3 C 2 .  ? -4.370  19.706  -7.720  1.000 23.616 0 101 GP3 A PA    1 ? 
HETATM 618 O  O1A   . GP3 C 2 .  ? -3.699  18.749  -8.576  1.000 24.937 0 101 GP3 A O1A   1 ? 
HETATM 619 O  O2A   . GP3 C 2 .  ? -4.773  21.053  -8.250  1.000 27.836 0 101 GP3 A O2A   1 ? 
HETATM 620 O  O3A   . GP3 C 2 .  ? -3.373  19.795  -6.565  1.000 28.137 0 101 GP3 A O3A   1 ? 
HETATM 621 P  PB    . GP3 C 2 .  ? -2.712  21.189  -5.928  1.000 33.959 0 101 GP3 A PB    1 ? 
HETATM 622 O  O1B   . GP3 C 2 .  ? -1.627  20.800  -5.027  1.000 33.923 0 101 GP3 A O1B   1 ? 
HETATM 623 O  O2B   . GP3 C 2 .  ? -2.577  22.245  -6.971  1.000 38.247 0 101 GP3 A O2B   1 ? 
HETATM 624 O  O3B   . GP3 C 2 .  ? -3.951  21.606  -5.011  1.000 38.006 0 101 GP3 A O3B   1 ? 
HETATM 625 P  PG    . GP3 C 2 .  ? -4.380  23.097  -4.735  1.000 37.485 0 101 GP3 A PG    1 ? 
HETATM 626 O  O1G   . GP3 C 2 .  ? -3.371  23.694  -3.852  1.000 33.246 0 101 GP3 A O1G   1 ? 
HETATM 627 O  O2G   . GP3 C 2 .  ? -4.785  23.718  -6.030  1.000 41.494 0 101 GP3 A O2G   1 ? 
HETATM 628 O  O5E   . GP3 C 2 .  ? -5.614  22.676  -3.844  1.000 30.385 0 101 GP3 A O5E   1 ? 
HETATM 629 C  C5E   . GP3 C 2 .  ? -6.728  21.943  -4.282  1.000 24.743 0 101 GP3 A C5E   1 ? 
HETATM 630 C  C4E   . GP3 C 2 .  ? -7.467  21.441  -3.057  1.000 22.743 0 101 GP3 A C4E   1 ? 
HETATM 631 O  O4E   . GP3 C 2 .  ? -6.746  20.233  -2.636  1.000 19.521 0 101 GP3 A O4E   1 ? 
HETATM 632 C  C3E   . GP3 C 2 .  ? -7.329  22.383  -1.857  1.000 21.895 0 101 GP3 A C3E   1 ? 
HETATM 633 O  O3E   . GP3 C 2 .  ? -8.422  23.371  -1.881  1.000 25.218 0 101 GP3 A O3E   1 ? 
HETATM 634 C  C2E   . GP3 C 2 .  ? -7.499  21.444  -0.709  1.000 20.085 0 101 GP3 A C2E   1 ? 
HETATM 635 O  O2E   . GP3 C 2 .  ? -8.819  20.985  -0.645  1.000 22.780 0 101 GP3 A O2E   1 ? 
HETATM 636 C  C1E   . GP3 C 2 .  ? -6.716  20.212  -1.156  1.000 17.314 0 101 GP3 A C1E   1 ? 
HETATM 637 N  N9B   . GP3 C 2 .  ? -5.311  20.279  -0.834  1.000 13.999 0 101 GP3 A N9B   1 ? 
HETATM 638 C  C8B   . GP3 C 2 .  ? -4.266  20.478  -1.609  1.000 14.293 0 101 GP3 A C8B   1 ? 
HETATM 639 N  N7B   . GP3 C 2 .  ? -3.195  20.434  -0.882  1.000 12.878 0 101 GP3 A N7B   1 ? 
HETATM 640 C  C5B   . GP3 C 2 .  ? -3.527  20.308  0.387   1.000 13.656 0 101 GP3 A C5B   1 ? 
HETATM 641 C  C6B   . GP3 C 2 .  ? -2.793  20.230  1.522   1.000 13.253 0 101 GP3 A C6B   1 ? 
HETATM 642 O  O6B   . GP3 C 2 .  ? -1.571  20.327  1.575   1.000 14.276 0 101 GP3 A O6B   1 ? 
HETATM 643 N  N1B   . GP3 C 2 .  ? -3.445  20.035  2.675   1.000 11.944 0 101 GP3 A N1B   1 ? 
HETATM 644 C  C2B   . GP3 C 2 .  ? -4.811  19.974  2.673   1.000 11.658 0 101 GP3 A C2B   1 ? 
HETATM 645 N  N2B   . GP3 C 2 .  ? -5.432  19.851  3.825   1.000 12.309 0 101 GP3 A N2B   1 ? 
HETATM 646 N  N3B   . GP3 C 2 .  ? -5.520  20.015  1.545   1.000 11.599 0 101 GP3 A N3B   1 ? 
HETATM 647 C  C4B   . GP3 C 2 .  ? -4.846  20.197  0.412   1.000 12.851 0 101 GP3 A C4B   1 ? 
HETATM 648 MG MG    . MG  D 3 .  ? -9.438  -19.427 -0.371  0.330 12.761 0 102 MG  A MG    1 ? 
HETATM 649 MG MG    . MG  E 3 .  ? 0.513   0.063   0.155   1.000 19.354 0 103 MG  A MG    1 ? 
HETATM 650 MG MG    . MG  F 3 .  ? -6.399  3.443   3.330   1.000 11.781 0 104 MG  A MG    1 ? 
HETATM 651 MG MG    . MG  G 3 .  ? 4.723   -7.453  0.282   1.000 36.303 0 105 MG  A MG    1 ? 
HETATM 652 MG MG    . MG  H 3 .  ? 1.046   -17.590 4.139   1.000 36.419 0 106 MG  A MG    1 ? 
HETATM 653 MG MG    . MG  I 3 .  ? -4.566  -23.512 5.024   1.000 43.077 0 107 MG  A MG    1 ? 
HETATM 654 N  N9A   . GP3 J 2 .  ? -4.351  -17.662 0.907   1.000 10.706 0 101 GP3 B N9A   1 ? 
HETATM 655 C  C8A   . GP3 J 2 .  ? -3.616  -17.810 2.007   1.000 10.601 0 101 GP3 B C8A   1 ? 
HETATM 656 N  N7A   . GP3 J 2 .  ? -2.339  -17.782 1.689   1.000 9.749  0 101 GP3 B N7A   1 ? 
HETATM 657 C  C5A   . GP3 J 2 .  ? -2.245  -17.557 0.344   1.000 9.369  0 101 GP3 B C5A   1 ? 
HETATM 658 C  C6A   . GP3 J 2 .  ? -1.221  -17.477 -0.530  1.000 9.708  0 101 GP3 B C6A   1 ? 
HETATM 659 O  O6A   . GP3 J 2 .  ? 0.005   -17.448 -0.287  1.000 10.768 0 101 GP3 B O6A   1 ? 
HETATM 660 N  N1A   . GP3 J 2 .  ? -1.524  -17.299 -1.825  1.000 9.134  0 101 GP3 B N1A   1 ? 
HETATM 661 C  C2A   . GP3 J 2 .  ? -2.808  -17.278 -2.281  1.000 8.787  0 101 GP3 B C2A   1 ? 
HETATM 662 N  N2A   . GP3 J 2 .  ? -2.991  -17.146 -3.548  1.000 8.669  0 101 GP3 B N2A   1 ? 
HETATM 663 N  N3A   . GP3 J 2 .  ? -3.861  -17.367 -1.432  1.000 8.751  0 101 GP3 B N3A   1 ? 
HETATM 664 C  C4A   . GP3 J 2 .  ? -3.518  -17.518 -0.133  1.000 9.368  0 101 GP3 B C4A   1 ? 
HETATM 665 O  O5D   . GP3 J 2 .  ? -5.770  -19.829 3.531   1.000 21.196 0 101 GP3 B O5D   1 ? 
HETATM 666 C  C5D   . GP3 J 2 .  ? -7.037  -19.221 3.620   1.000 17.486 0 101 GP3 B C5D   1 ? 
HETATM 667 C  C4D   . GP3 J 2 .  ? -7.263  -18.696 2.228   1.000 15.558 0 101 GP3 B C4D   1 ? 
HETATM 668 O  O4D   . GP3 J 2 .  ? -6.361  -17.618 2.135   1.000 13.030 0 101 GP3 B O4D   1 ? 
HETATM 669 C  C3D   . GP3 J 2 .  ? -6.852  -19.602 1.090   1.000 14.134 0 101 GP3 B C3D   1 ? 
HETATM 670 O  O3D   . GP3 J 2 .  ? -7.984  -20.423 0.770   1.000 14.854 0 101 GP3 B O3D   1 ? 
HETATM 671 C  C2D   . GP3 J 2 .  ? -6.594  -18.639 0.024   1.000 14.128 0 101 GP3 B C2D   1 ? 
HETATM 672 O  O2D   . GP3 J 2 .  ? -7.840  -18.108 -0.489  1.000 14.281 0 101 GP3 B O2D   1 ? 
HETATM 673 C  C1D   . GP3 J 2 .  ? -5.853  -17.555 0.775   1.000 12.464 0 101 GP3 B C1D   1 ? 
HETATM 674 P  PA    . GP3 J 2 .  ? -5.066  -20.415 4.929   1.000 23.712 0 101 GP3 B PA    1 ? 
HETATM 675 O  O1A   . GP3 J 2 .  ? -5.128  -19.421 5.982   1.000 24.631 0 101 GP3 B O1A   1 ? 
HETATM 676 O  O2A   . GP3 J 2 .  ? -5.511  -21.831 5.181   1.000 27.590 0 101 GP3 B O2A   1 ? 
HETATM 677 O  O3A   . GP3 J 2 .  ? -3.587  -20.329 4.496   1.000 28.071 0 101 GP3 B O3A   1 ? 
HETATM 678 P  PB    . GP3 J 2 .  ? -2.521  -21.609 4.389   1.000 32.776 0 101 GP3 B PB    1 ? 
HETATM 679 O  O1B   . GP3 J 2 .  ? -1.180  -21.040 4.238   1.000 32.580 0 101 GP3 B O1B   1 ? 
HETATM 680 O  O2B   . GP3 J 2 .  ? -2.884  -22.651 5.393   1.000 37.997 0 101 GP3 B O2B   1 ? 
HETATM 681 O  O3B   . GP3 J 2 .  ? -2.942  -22.151 2.939   1.000 38.237 0 101 GP3 B O3B   1 ? 
HETATM 682 P  PG    . GP3 J 2 .  ? -2.974  -23.672 2.543   1.000 37.013 0 101 GP3 B PG    1 ? 
HETATM 683 O  O1G   . GP3 J 2 .  ? -1.580  -24.101 2.396   1.000 34.499 0 101 GP3 B O1G   1 ? 
HETATM 684 O  O2G   . GP3 J 2 .  ? -3.943  -24.393 3.421   1.000 41.819 0 101 GP3 B O2G   1 ? 
HETATM 685 O  O5E   . GP3 J 2 .  ? -3.554  -23.345 1.097   1.000 30.941 0 101 GP3 B O5E   1 ? 
HETATM 686 C  C5E   . GP3 J 2 .  ? -4.857  -22.905 0.794   1.000 24.592 0 101 GP3 B C5E   1 ? 
HETATM 687 C  C4E   . GP3 J 2 .  ? -4.847  -22.414 -0.643  1.000 23.091 0 101 GP3 B C4E   1 ? 
HETATM 688 O  O4E   . GP3 J 2 .  ? -4.231  -21.081 -0.640  1.000 19.727 0 101 GP3 B O4E   1 ? 
HETATM 689 C  C3E   . GP3 J 2 .  ? -3.929  -23.238 -1.541  1.000 22.822 0 101 GP3 B C3E   1 ? 
HETATM 690 O  O3E   . GP3 J 2 .  ? -4.688  -24.378 -2.071  1.000 24.879 0 101 GP3 B O3E   1 ? 
HETATM 691 C  C2E   . GP3 J 2 .  ? -3.585  -22.272 -2.634  1.000 20.612 0 101 GP3 B C2E   1 ? 
HETATM 692 O  O2E   . GP3 J 2 .  ? -4.694  -22.044 -3.488  1.000 24.096 0 101 GP3 B O2E   1 ? 
HETATM 693 C  C1E   . GP3 J 2 .  ? -3.385  -20.980 -1.852  1.000 17.879 0 101 GP3 B C1E   1 ? 
HETATM 694 N  N9B   . GP3 J 2 .  ? -2.013  -20.850 -1.337  1.000 14.529 0 101 GP3 B N9B   1 ? 
HETATM 695 C  C8B   . GP3 J 2 .  ? -1.541  -20.919 -0.110  1.000 14.776 0 101 GP3 B C8B   1 ? 
HETATM 696 N  N7B   . GP3 J 2 .  ? -0.257  -20.702 -0.128  1.000 13.212 0 101 GP3 B N7B   1 ? 
HETATM 697 C  C5B   . GP3 J 2 .  ? 0.149   -20.566 -1.371  1.000 14.136 0 101 GP3 B C5B   1 ? 
HETATM 698 C  C6B   . GP3 J 2 .  ? 1.363   -20.330 -1.913  1.000 13.653 0 101 GP3 B C6B   1 ? 
HETATM 699 O  O6B   . GP3 J 2 .  ? 2.421   -20.272 -1.292  1.000 14.721 0 101 GP3 B O6B   1 ? 
HETATM 700 N  N1B   . GP3 J 2 .  ? 1.423   -20.195 -3.230  1.000 12.408 0 101 GP3 B N1B   1 ? 
HETATM 701 C  C2B   . GP3 J 2 .  ? 0.291   -20.297 -3.993  1.000 11.753 0 101 GP3 B C2B   1 ? 
HETATM 702 N  N2B   . GP3 J 2 .  ? 0.430   -20.229 -5.316  1.000 12.601 0 101 GP3 B N2B   1 ? 
HETATM 703 N  N3B   . GP3 J 2 .  ? -0.900  -20.502 -3.433  1.000 12.489 0 101 GP3 B N3B   1 ? 
HETATM 704 C  C4B   . GP3 J 2 .  ? -0.944  -20.634 -2.120  1.000 13.495 0 101 GP3 B C4B   1 ? 
HETATM 705 MG MG    . MG  K 3 .  ? -10.693 17.870  -5.686  0.330 12.323 0 102 MG  B MG    1 ? 
HETATM 706 MG MG    . MG  L 3 .  ? -2.961  -4.160  -6.119  1.000 11.045 0 103 MG  B MG    1 ? 
HETATM 707 MG MG    . MG  M 3 .  ? -8.879  0.184   3.349   1.000 17.056 0 104 MG  B MG    1 ? 
HETATM 708 MG MG    . MG  N 3 .  ? 2.894   8.073   2.102   1.000 35.054 0 105 MG  B MG    1 ? 
HETATM 709 MG MG    . MG  O 3 .  ? 0.616   17.759  -3.545  1.000 34.893 0 106 MG  B MG    1 ? 
HETATM 710 MG MG    . MG  P 3 .  ? -4.275  22.825  -7.665  1.000 41.892 0 107 MG  B MG    1 ? 
HETATM 711 O  O     . HOH Q 4 .  ? -6.460  22.444  -8.410  1.000 33.836 0 201 HOH A O     1 ? 
HETATM 712 O  O     . HOH Q 4 .  ? 2.900   -7.175  1.157   1.000 25.664 0 202 HOH A O     1 ? 
HETATM 713 O  O     . HOH Q 4 .  ? -5.184  4.835   2.116   1.000 18.494 0 203 HOH A O     1 ? 
HETATM 714 O  O     . HOH Q 4 .  ? 0.482   16.709  9.044   1.000 42.371 0 204 HOH A O     1 ? 
HETATM 715 O  O     . HOH Q 4 .  ? 3.143   -10.211 2.522   1.000 38.699 0 205 HOH A O     1 ? 
HETATM 716 O  O     . HOH Q 4 .  ? 5.869   -4.166  -4.464  1.000 32.207 0 206 HOH A O     1 ? 
HETATM 717 O  O     . HOH Q 4 .  ? -1.151  18.136  -4.072  1.000 19.424 0 207 HOH A O     1 ? 
HETATM 718 O  O     . HOH Q 4 .  ? -9.721  2.315   -1.511  1.000 22.308 0 208 HOH A O     1 ? 
HETATM 719 O  O     . HOH Q 4 .  ? 2.322   4.493   -9.781  1.000 38.154 0 209 HOH A O     1 ? 
HETATM 720 O  O     . HOH Q 4 .  ? 8.293   -5.922  -1.361  1.000 29.057 0 210 HOH A O     1 ? 
HETATM 721 O  O     . HOH Q 4 .  ? -8.435  -19.004 7.429   1.000 27.208 0 211 HOH A O     1 ? 
HETATM 722 O  O     . HOH Q 4 .  ? -7.712  -18.216 10.685  1.000 29.487 0 212 HOH A O     1 ? 
HETATM 723 O  O     . HOH Q 4 .  ? -2.272  10.169  1.111   1.000 20.942 0 213 HOH A O     1 ? 
HETATM 724 O  O     . HOH Q 4 .  ? 2.296   -0.487  -0.843  1.000 18.706 0 214 HOH A O     1 ? 
HETATM 725 O  O     . HOH Q 4 .  ? 0.649   -16.487 2.364   1.000 27.640 0 215 HOH A O     1 ? 
HETATM 726 O  O     . HOH Q 4 .  ? -10.385 8.184   5.280   1.000 14.770 0 216 HOH A O     1 ? 
HETATM 727 O  O     . HOH Q 4 .  ? 0.071   11.332  -0.333  1.000 30.649 0 217 HOH A O     1 ? 
HETATM 728 O  O     . HOH Q 4 .  ? -8.775  21.339  -7.364  1.000 27.335 0 218 HOH A O     1 ? 
HETATM 729 O  O     . HOH Q 4 .  ? -2.604  -8.465  11.178  1.000 33.560 0 219 HOH A O     1 ? 
HETATM 730 O  O     . HOH Q 4 .  ? 1.878   -4.412  -8.800  1.000 35.495 0 220 HOH A O     1 ? 
HETATM 731 O  O     . HOH Q 4 .  ? 1.851   20.903  10.407  1.000 33.784 0 221 HOH A O     1 ? 
HETATM 732 O  O     . HOH Q 4 .  ? 5.503   -7.989  2.100   1.000 28.734 0 222 HOH A O     1 ? 
HETATM 733 O  O     . HOH Q 4 .  ? 0.569   1.936   -0.706  1.000 15.324 0 223 HOH A O     1 ? 
HETATM 734 O  O     . HOH Q 4 .  ? -3.709  3.430   -1.538  1.000 20.366 0 224 HOH A O     1 ? 
HETATM 735 O  O     . HOH Q 4 .  ? -3.292  6.900   -0.234  1.000 21.669 0 225 HOH A O     1 ? 
HETATM 736 O  O     . HOH Q 4 .  ? 2.850   -1.761  -4.951  1.000 25.808 0 226 HOH A O     1 ? 
HETATM 737 O  O     . HOH Q 4 .  ? -6.748  2.173   -8.556  1.000 9.190  0 227 HOH A O     1 ? 
HETATM 738 O  O     . HOH Q 4 .  ? -1.841  -2.721  -9.895  1.000 11.505 0 228 HOH A O     1 ? 
HETATM 739 O  O     . HOH Q 4 .  ? 0.062   -15.798 5.002   1.000 29.062 0 229 HOH A O     1 ? 
HETATM 740 O  O     . HOH Q 4 .  ? -8.935  15.622  -2.165  1.000 20.675 0 230 HOH A O     1 ? 
HETATM 741 O  O     . HOH Q 4 .  ? 5.426   -3.551  -1.662  1.000 26.954 0 231 HOH A O     1 ? 
HETATM 742 O  O     . HOH Q 4 .  ? -0.869  -3.748  -6.119  1.000 19.301 0 232 HOH A O     1 ? 
HETATM 743 O  O     . HOH Q 4 .  ? -7.543  0.026   -4.369  1.000 28.139 0 233 HOH A O     1 ? 
HETATM 744 O  O     . HOH Q 4 .  ? -2.094  13.523  6.732   1.000 21.873 0 234 HOH A O     1 ? 
HETATM 745 O  O     . HOH Q 4 .  ? -0.792  1.300   -11.418 1.000 28.948 0 235 HOH A O     1 ? 
HETATM 746 O  O     . HOH Q 4 .  ? -7.211  4.916   4.439   1.000 13.338 0 236 HOH A O     1 ? 
HETATM 747 O  O     . HOH Q 4 .  ? 0.102   13.724  1.427   1.000 34.699 0 237 HOH A O     1 ? 
HETATM 748 O  O     . HOH Q 4 .  ? -0.728  0.273   -4.079  1.000 18.893 0 238 HOH A O     1 ? 
HETATM 749 O  O     . HOH Q 4 .  ? -7.413  8.268   7.571   1.000 41.078 0 239 HOH A O     1 ? 
HETATM 750 O  O     . HOH Q 4 .  ? -0.786  8.042   -0.129  1.000 23.362 0 240 HOH A O     1 ? 
HETATM 751 O  O     . HOH Q 4 .  ? -1.236  4.157   -0.186  1.000 20.586 0 241 HOH A O     1 ? 
HETATM 752 O  O     . HOH Q 4 .  ? 5.409   -5.532  0.112   1.000 27.959 0 242 HOH A O     1 ? 
HETATM 753 O  O     . HOH Q 4 .  ? -4.988  -9.730  10.963  1.000 27.318 0 243 HOH A O     1 ? 
HETATM 754 O  O     . HOH Q 4 .  ? -3.250  -2.559  -4.720  1.000 18.927 0 244 HOH A O     1 ? 
HETATM 755 O  O     . HOH Q 4 .  ? 2.750   -13.434 4.822   1.000 28.256 0 245 HOH A O     1 ? 
HETATM 756 O  O     . HOH Q 4 .  ? -9.996  12.709  -1.611  1.000 39.571 0 246 HOH A O     1 ? 
HETATM 757 O  O     . HOH Q 4 .  ? -3.223  -2.870  -7.544  1.000 9.440  0 247 HOH A O     1 ? 
HETATM 758 O  O     . HOH Q 4 .  ? 6.461   -7.942  -0.853  1.000 40.980 0 248 HOH A O     1 ? 
HETATM 759 O  O     . HOH Q 4 .  ? -5.072  -8.198  8.672   1.000 27.374 0 249 HOH A O     1 ? 
HETATM 760 O  O     . HOH Q 4 .  ? -7.096  5.928   7.121   1.000 32.223 0 250 HOH A O     1 ? 
HETATM 761 O  O     . HOH Q 4 .  ? -10.484 3.265   -3.682  0.330 44.927 0 251 HOH A O     1 ? 
HETATM 762 O  O     . HOH Q 4 .  ? 4.726   -6.770  -4.112  1.000 29.757 0 252 HOH A O     1 ? 
HETATM 763 O  O     . HOH Q 4 .  ? -0.426  -0.802  -1.505  1.000 20.711 0 253 HOH A O     1 ? 
HETATM 764 O  O     . HOH Q 4 .  ? -9.190  -0.643  -2.807  1.000 44.512 0 254 HOH A O     1 ? 
HETATM 765 O  O     . HOH Q 4 .  ? 4.313   -9.429  -0.102  1.000 37.218 0 255 HOH A O     1 ? 
HETATM 766 O  O     . HOH Q 4 .  ? 2.829   -16.496 4.204   1.000 32.538 0 256 HOH A O     1 ? 
HETATM 767 O  O     . HOH Q 4 .  ? 3.971   -7.033  -1.386  1.000 33.859 0 257 HOH A O     1 ? 
HETATM 768 O  O     . HOH R 4 .  ? -6.683  -23.494 4.412   1.000 31.729 0 201 HOH B O     1 ? 
HETATM 769 O  O     . HOH R 4 .  ? 1.957   7.521   0.354   1.000 25.840 0 202 HOH B O     1 ? 
HETATM 770 O  O     . HOH R 4 .  ? -2.454  -5.399  -4.374  1.000 18.998 0 203 HOH B O     1 ? 
HETATM 771 O  O     . HOH R 4 .  ? 1.815   6.868   -9.224  1.000 26.006 0 204 HOH B O     1 ? 
HETATM 772 O  O     . HOH R 4 .  ? -0.678  -18.184 3.538   1.000 21.294 0 205 HOH B O     1 ? 
HETATM 773 O  O     . HOH R 4 .  ? 2.478   10.578  -0.791  1.000 36.705 0 206 HOH B O     1 ? 
HETATM 774 O  O     . HOH R 4 .  ? -8.532  -3.771  -3.956  1.000 24.675 0 207 HOH B O     1 ? 
HETATM 775 O  O     . HOH R 4 .  ? -2.927  17.391  -13.952 1.000 26.697 0 208 HOH B O     1 ? 
HETATM 776 O  O     . HOH R 4 .  ? -5.473  17.940  -11.582 1.000 27.520 0 209 HOH B O     1 ? 
HETATM 777 O  O     . HOH R 4 .  ? 5.301   6.965   5.453   1.000 27.865 0 210 HOH B O     1 ? 
HETATM 778 O  O     . HOH R 4 .  ? 2.861   8.491   -11.162 1.000 33.377 0 211 HOH B O     1 ? 
HETATM 779 O  O     . HOH R 4 .  ? -0.505  16.509  -2.291  1.000 26.966 0 212 HOH B O     1 ? 
HETATM 780 O  O     . HOH R 4 .  ? -4.095  4.208   8.425   1.000 35.156 0 213 HOH B O     1 ? 
HETATM 781 O  O     . HOH R 4 .  ? 1.447   -11.276 0.896   1.000 30.557 0 214 HOH B O     1 ? 
HETATM 782 O  O     . HOH R 4 .  ? -0.671  1.943   5.691   1.000 25.529 0 215 HOH B O     1 ? 
HETATM 783 O  O     . HOH R 4 .  ? 1.258   0.773   2.049   1.000 18.052 0 216 HOH B O     1 ? 
HETATM 784 O  O     . HOH R 4 .  ? 0.533   15.808  -4.693  1.000 26.418 0 217 HOH B O     1 ? 
HETATM 785 O  O     . HOH R 4 .  ? 10.261  -20.022 -6.722  1.000 34.476 0 218 HOH B O     1 ? 
HETATM 786 O  O     . HOH R 4 .  ? 3.039   4.202   4.287   1.000 26.501 0 219 HOH B O     1 ? 
HETATM 787 O  O     . HOH R 4 .  ? -7.341  1.998   7.129   1.000 11.511 0 220 HOH B O     1 ? 
HETATM 788 O  O     . HOH R 4 .  ? -4.499  -9.323  -9.736  1.000 16.470 0 221 HOH B O     1 ? 
HETATM 789 O  O     . HOH R 4 .  ? 0.349   -1.839  1.020   1.000 14.428 0 222 HOH B O     1 ? 
HETATM 790 O  O     . HOH R 4 .  ? 0.204   -10.348 -1.779  1.000 20.990 0 223 HOH B O     1 ? 
HETATM 791 O  O     . HOH R 4 .  ? 2.007   4.697   6.703   1.000 33.604 0 224 HOH B O     1 ? 
HETATM 792 O  O     . HOH R 4 .  ? 4.522   8.745   1.070   1.000 29.913 0 225 HOH B O     1 ? 
HETATM 793 O  O     . HOH R 4 .  ? -8.235  -22.583 2.474   1.000 34.089 0 226 HOH B O     1 ? 
HETATM 794 O  O     . HOH R 4 .  ? 3.818   -13.404 -6.175  1.000 23.052 0 227 HOH B O     1 ? 
HETATM 795 O  O     . HOH R 4 .  ? -6.413  -16.781 -2.452  1.000 20.309 0 228 HOH B O     1 ? 
HETATM 796 O  O     . HOH R 4 .  ? -1.824  -7.241  -1.309  1.000 21.118 0 229 HOH B O     1 ? 
HETATM 797 O  O     . HOH R 4 .  ? -10.008 -3.448  3.519   1.000 9.785  0 230 HOH B O     1 ? 
HETATM 798 O  O     . HOH R 4 .  ? -3.426  -3.942  -0.546  1.000 19.881 0 231 HOH B O     1 ? 
HETATM 799 O  O     . HOH R 4 .  ? -4.655  3.288   4.504   1.000 20.135 0 232 HOH B O     1 ? 
HETATM 800 O  O     . HOH R 4 .  ? -2.852  -5.681  -7.450  1.000 12.330 0 233 HOH B O     1 ? 
HETATM 801 O  O     . HOH R 4 .  ? -8.658  -1.299  -0.490  1.000 31.354 0 234 HOH B O     1 ? 
HETATM 802 O  O     . HOH R 4 .  ? 4.514   -16.199 -0.862  1.000 28.900 0 235 HOH B O     1 ? 
HETATM 803 O  O     . HOH R 4 .  ? 6.858   -19.350 -0.399  1.000 31.474 0 236 HOH B O     1 ? 
HETATM 804 O  O     . HOH R 4 .  ? 2.782   -13.523 -0.536  1.000 34.747 0 237 HOH B O     1 ? 
HETATM 805 O  O     . HOH R 4 .  ? -2.817  -0.538  3.047   1.000 20.900 0 238 HOH B O     1 ? 
HETATM 806 O  O     . HOH R 4 .  ? 3.735   6.212   2.751   1.000 27.221 0 239 HOH B O     1 ? 
HETATM 807 O  O     . HOH R 4 .  ? -5.696  1.837   2.000   1.000 19.314 0 240 HOH B O     1 ? 
HETATM 808 O  O     . HOH R 4 .  ? 0.567   9.393   -12.304 1.000 25.672 0 241 HOH B O     1 ? 
HETATM 809 O  O     . HOH R 4 .  ? -0.537  -4.296  -0.372  1.000 20.126 0 242 HOH B O     1 ? 
HETATM 810 O  O     . HOH R 4 .  ? 0.404   -8.086  -0.021  1.000 22.999 0 243 HOH B O     1 ? 
HETATM 811 O  O     . HOH R 4 .  ? 3.001   13.969  -3.030  1.000 27.876 0 244 HOH B O     1 ? 
HETATM 812 O  O     . HOH R 4 .  ? -7.167  -14.045 -3.690  1.000 34.879 0 245 HOH B O     1 ? 
HETATM 813 O  O     . HOH R 4 .  ? 3.851   8.700   3.831   1.000 39.251 0 246 HOH B O     1 ? 
HETATM 814 O  O     . HOH R 4 .  ? -7.247  2.070   4.466   1.000 9.131  0 247 HOH B O     1 ? 
HETATM 815 O  O     . HOH R 4 .  ? -0.524  7.664   -10.356 1.000 29.461 0 248 HOH B O     1 ? 
HETATM 816 O  O     . HOH R 4 .  ? 5.682   -20.521 1.574   1.000 39.282 0 249 HOH B O     1 ? 
HETATM 817 O  O     . HOH R 4 .  ? 0.599   7.095   5.895   1.000 35.837 0 250 HOH B O     1 ? 
HETATM 818 O  O     . HOH R 4 .  ? 4.006   7.010   -13.234 1.000 36.649 0 251 HOH B O     1 ? 
HETATM 819 O  O     . HOH R 4 .  ? -1.287  0.695   0.994   1.000 19.205 0 252 HOH B O     1 ? 
HETATM 820 O  O     . HOH R 4 .  ? 2.252   16.756  -2.665  1.000 36.827 0 253 HOH B O     1 ? 
HETATM 821 O  O     . HOH R 4 .  ? 1.934   9.900   2.088   1.000 36.493 0 254 HOH B O     1 ? 
HETATM 822 O  O     . HOH R 4 .  ? 1.514   7.428   3.073   1.000 33.187 0 255 HOH B O     1 ? 
# 
loop_
_pdbx_poly_seq_scheme.asym_id 
_pdbx_poly_seq_scheme.entity_id 
_pdbx_poly_seq_scheme.seq_id 
_pdbx_poly_seq_scheme.mon_id 
_pdbx_poly_seq_scheme.ndb_seq_num 
_pdbx_poly_seq_scheme.pdb_seq_num 
_pdbx_poly_seq_scheme.auth_seq_num 
_pdbx_poly_seq_scheme.pdb_mon_id 
_pdbx_poly_seq_scheme.auth_mon_id 
_pdbx_poly_seq_scheme.pdb_strand_id 
_pdbx_poly_seq_scheme.pdb_ins_code 
_pdbx_poly_seq_scheme.hetero 
A 1 1  LKC 1  1  1  LKC LCC A . n 
A 1 2  LCC 2  2  2  LCC LCC A . n 
A 1 3  LCC 3  3  3  LCC LCC A . n 
A 1 4  LCG 4  4  4  LCG LCG A . n 
A 1 5  A   5  5  5  A   A   A . n 
A 1 6  C   6  6  6  C   C   A . n 
A 1 7  U   7  7  7  U   U   A . n 
A 1 8  U   8  8  8  U   U   A . n 
A 1 9  A   9  9  9  A   A   A . n 
A 1 10 A   10 10 10 A   A   A . n 
A 1 11 G   11 11 11 G   G   A . n 
A 1 12 U   12 12 12 U   U   A . n 
A 1 13 C   13 13 13 C   C   A . n 
A 1 14 DG  14 14 14 DG  DG  A . n 
B 1 1  LKC 1  1  1  LKC LCC B . n 
B 1 2  LCC 2  2  2  LCC LCC B . n 
B 1 3  LCC 3  3  3  LCC LCC B . n 
B 1 4  LCG 4  4  4  LCG LCG B . n 
B 1 5  A   5  5  5  A   A   B . n 
B 1 6  C   6  6  6  C   C   B . n 
B 1 7  U   7  7  7  U   U   B . n 
B 1 8  U   8  8  8  U   U   B . n 
B 1 9  A   9  9  9  A   A   B . n 
B 1 10 A   10 10 10 A   A   B . n 
B 1 11 G   11 11 11 G   G   B . n 
B 1 12 U   12 12 12 U   U   B . n 
B 1 13 C   13 13 13 C   C   B . n 
B 1 14 DG  14 14 14 DG  DG  B . n 
# 
loop_
_pdbx_nonpoly_scheme.asym_id 
_pdbx_nonpoly_scheme.entity_id 
_pdbx_nonpoly_scheme.mon_id 
_pdbx_nonpoly_scheme.ndb_seq_num 
_pdbx_nonpoly_scheme.pdb_seq_num 
_pdbx_nonpoly_scheme.auth_seq_num 
_pdbx_nonpoly_scheme.pdb_mon_id 
_pdbx_nonpoly_scheme.auth_mon_id 
_pdbx_nonpoly_scheme.pdb_strand_id 
_pdbx_nonpoly_scheme.pdb_ins_code 
C 2 GP3 1  101 101 GP3 GP3 A . 
D 3 MG  1  102 2   MG  MG  A . 
E 3 MG  1  103 4   MG  MG  A . 
F 3 MG  1  104 5   MG  MG  A . 
G 3 MG  1  105 6   MG  MG  A . 
H 3 MG  1  106 11  MG  MG  A . 
I 3 MG  1  107 12  MG  MG  A . 
J 2 GP3 1  101 101 GP3 GP3 B . 
K 3 MG  1  102 1   MG  MG  B . 
L 3 MG  1  103 3   MG  MG  B . 
M 3 MG  1  104 7   MG  MG  B . 
N 3 MG  1  105 8   MG  MG  B . 
O 3 MG  1  106 9   MG  MG  B . 
P 3 MG  1  107 10  MG  MG  B . 
Q 4 HOH 1  201 100 HOH HOH A . 
Q 4 HOH 2  202 37  HOH HOH A . 
Q 4 HOH 3  203 18  HOH HOH A . 
Q 4 HOH 4  204 98  HOH HOH A . 
Q 4 HOH 5  205 108 HOH HOH A . 
Q 4 HOH 6  206 56  HOH HOH A . 
Q 4 HOH 7  207 30  HOH HOH A . 
Q 4 HOH 8  208 48  HOH HOH A . 
Q 4 HOH 9  209 119 HOH HOH A . 
Q 4 HOH 10 210 33  HOH HOH A . 
Q 4 HOH 11 211 69  HOH HOH A . 
Q 4 HOH 12 212 70  HOH HOH A . 
Q 4 HOH 13 213 21  HOH HOH A . 
Q 4 HOH 14 214 12  HOH HOH A . 
Q 4 HOH 15 215 67  HOH HOH A . 
Q 4 HOH 16 216 72  HOH HOH A . 
Q 4 HOH 17 217 79  HOH HOH A . 
Q 4 HOH 18 218 101 HOH HOH A . 
Q 4 HOH 19 219 112 HOH HOH A . 
Q 4 HOH 20 220 93  HOH HOH A . 
Q 4 HOH 21 221 99  HOH HOH A . 
Q 4 HOH 22 222 41  HOH HOH A . 
Q 4 HOH 23 223 7   HOH HOH A . 
Q 4 HOH 24 224 86  HOH HOH A . 
Q 4 HOH 25 225 46  HOH HOH A . 
Q 4 HOH 26 226 25  HOH HOH A . 
Q 4 HOH 27 227 14  HOH HOH A . 
Q 4 HOH 28 228 23  HOH HOH A . 
Q 4 HOH 29 229 111 HOH HOH A . 
Q 4 HOH 30 230 31  HOH HOH A . 
Q 4 HOH 31 231 32  HOH HOH A . 
Q 4 HOH 32 232 5   HOH HOH A . 
Q 4 HOH 33 233 61  HOH HOH A . 
Q 4 HOH 34 234 29  HOH HOH A . 
Q 4 HOH 35 235 118 HOH HOH A . 
Q 4 HOH 36 236 19  HOH HOH A . 
Q 4 HOH 37 237 80  HOH HOH A . 
Q 4 HOH 38 238 22  HOH HOH A . 
Q 4 HOH 39 239 114 HOH HOH A . 
Q 4 HOH 40 240 47  HOH HOH A . 
Q 4 HOH 41 241 45  HOH HOH A . 
Q 4 HOH 42 242 40  HOH HOH A . 
Q 4 HOH 43 243 89  HOH HOH A . 
Q 4 HOH 44 244 2   HOH HOH A . 
Q 4 HOH 45 245 42  HOH HOH A . 
Q 4 HOH 46 246 115 HOH HOH A . 
Q 4 HOH 47 247 1   HOH HOH A . 
Q 4 HOH 48 248 117 HOH HOH A . 
Q 4 HOH 49 249 95  HOH HOH A . 
Q 4 HOH 50 250 113 HOH HOH A . 
Q 4 HOH 51 251 87  HOH HOH A . 
Q 4 HOH 52 252 57  HOH HOH A . 
Q 4 HOH 53 253 9   HOH HOH A . 
Q 4 HOH 54 254 62  HOH HOH A . 
Q 4 HOH 55 255 64  HOH HOH A . 
Q 4 HOH 56 256 43  HOH HOH A . 
Q 4 HOH 57 257 63  HOH HOH A . 
R 4 HOH 1  201 102 HOH HOH B . 
R 4 HOH 2  202 52  HOH HOH B . 
R 4 HOH 3  203 6   HOH HOH B . 
R 4 HOH 4  204 120 HOH HOH B . 
R 4 HOH 5  205 44  HOH HOH B . 
R 4 HOH 6  206 78  HOH HOH B . 
R 4 HOH 7  207 49  HOH HOH B . 
R 4 HOH 8  208 85  HOH HOH B . 
R 4 HOH 9  209 84  HOH HOH B . 
R 4 HOH 10 210 51  HOH HOH B . 
R 4 HOH 11 211 74  HOH HOH B . 
R 4 HOH 12 212 81  HOH HOH B . 
R 4 HOH 13 213 96  HOH HOH B . 
R 4 HOH 14 214 109 HOH HOH B . 
R 4 HOH 15 215 20  HOH HOH B . 
R 4 HOH 16 216 8   HOH HOH B . 
R 4 HOH 17 217 82  HOH HOH B . 
R 4 HOH 18 218 110 HOH HOH B . 
R 4 HOH 19 219 50  HOH HOH B . 
R 4 HOH 20 220 24  HOH HOH B . 
R 4 HOH 21 221 34  HOH HOH B . 
R 4 HOH 22 222 10  HOH HOH B . 
R 4 HOH 23 223 27  HOH HOH B . 
R 4 HOH 24 224 83  HOH HOH B . 
R 4 HOH 25 225 53  HOH HOH B . 
R 4 HOH 26 226 103 HOH HOH B . 
R 4 HOH 27 227 28  HOH HOH B . 
R 4 HOH 28 228 68  HOH HOH B . 
R 4 HOH 29 229 36  HOH HOH B . 
R 4 HOH 30 230 3   HOH HOH B . 
R 4 HOH 31 231 58  HOH HOH B . 
R 4 HOH 32 232 16  HOH HOH B . 
R 4 HOH 33 233 4   HOH HOH B . 
R 4 HOH 34 234 59  HOH HOH B . 
R 4 HOH 35 235 66  HOH HOH B . 
R 4 HOH 36 236 88  HOH HOH B . 
R 4 HOH 37 237 65  HOH HOH B . 
R 4 HOH 38 238 13  HOH HOH B . 
R 4 HOH 39 239 75  HOH HOH B . 
R 4 HOH 40 240 17  HOH HOH B . 
R 4 HOH 41 241 73  HOH HOH B . 
R 4 HOH 42 242 35  HOH HOH B . 
R 4 HOH 43 243 26  HOH HOH B . 
R 4 HOH 44 244 55  HOH HOH B . 
R 4 HOH 45 245 94  HOH HOH B . 
R 4 HOH 46 246 116 HOH HOH B . 
R 4 HOH 47 247 15  HOH HOH B . 
R 4 HOH 48 248 92  HOH HOH B . 
R 4 HOH 49 249 71  HOH HOH B . 
R 4 HOH 50 250 97  HOH HOH B . 
R 4 HOH 51 251 91  HOH HOH B . 
R 4 HOH 52 252 11  HOH HOH B . 
R 4 HOH 53 253 54  HOH HOH B . 
R 4 HOH 54 254 76  HOH HOH B . 
R 4 HOH 55 255 77  HOH HOH B . 
# 
_pdbx_struct_assembly.id                   1 
_pdbx_struct_assembly.details              author_and_software_defined_assembly 
_pdbx_struct_assembly.method_details       PISA 
_pdbx_struct_assembly.oligomeric_details   dimeric 
_pdbx_struct_assembly.oligomeric_count     2 
# 
_pdbx_struct_assembly_gen.assembly_id       1 
_pdbx_struct_assembly_gen.oper_expression   1 
_pdbx_struct_assembly_gen.asym_id_list      A,B,C,D,E,F,G,H,I,J,K,L,M,N,O,P,Q,R 
# 
loop_
_pdbx_struct_assembly_prop.biol_id 
_pdbx_struct_assembly_prop.type 
_pdbx_struct_assembly_prop.value 
_pdbx_struct_assembly_prop.details 
1 'ABSA (A^2)' 3090 ? 
1 MORE         -13  ? 
1 'SSA (A^2)'  5270 ? 
# 
_pdbx_struct_oper_list.id                   1 
_pdbx_struct_oper_list.type                 'identity operation' 
_pdbx_struct_oper_list.name                 1_555 
_pdbx_struct_oper_list.symmetry_operation   x,y,z 
_pdbx_struct_oper_list.matrix[1][1]         1.0000000000 
_pdbx_struct_oper_list.matrix[1][2]         0.0000000000 
_pdbx_struct_oper_list.matrix[1][3]         0.0000000000 
_pdbx_struct_oper_list.vector[1]            0.0000000000 
_pdbx_struct_oper_list.matrix[2][1]         0.0000000000 
_pdbx_struct_oper_list.matrix[2][2]         1.0000000000 
_pdbx_struct_oper_list.matrix[2][3]         0.0000000000 
_pdbx_struct_oper_list.vector[2]            0.0000000000 
_pdbx_struct_oper_list.matrix[3][1]         0.0000000000 
_pdbx_struct_oper_list.matrix[3][2]         0.0000000000 
_pdbx_struct_oper_list.matrix[3][3]         1.0000000000 
_pdbx_struct_oper_list.vector[3]            0.0000000000 
# 
loop_
_pdbx_struct_special_symmetry.id 
_pdbx_struct_special_symmetry.PDB_model_num 
_pdbx_struct_special_symmetry.auth_asym_id 
_pdbx_struct_special_symmetry.auth_comp_id 
_pdbx_struct_special_symmetry.auth_seq_id 
_pdbx_struct_special_symmetry.PDB_ins_code 
_pdbx_struct_special_symmetry.label_asym_id 
_pdbx_struct_special_symmetry.label_comp_id 
_pdbx_struct_special_symmetry.label_seq_id 
1 1 A MG  102 ? D MG  . 
2 1 A HOH 251 ? Q HOH . 
# 
loop_
_pdbx_struct_conn_angle.id 
_pdbx_struct_conn_angle.ptnr1_label_atom_id 
_pdbx_struct_conn_angle.ptnr1_label_alt_id 
_pdbx_struct_conn_angle.ptnr1_label_asym_id 
_pdbx_struct_conn_angle.ptnr1_label_comp_id 
_pdbx_struct_conn_angle.ptnr1_label_seq_id 
_pdbx_struct_conn_angle.ptnr1_auth_atom_id 
_pdbx_struct_conn_angle.ptnr1_auth_asym_id 
_pdbx_struct_conn_angle.ptnr1_auth_comp_id 
_pdbx_struct_conn_angle.ptnr1_auth_seq_id 
_pdbx_struct_conn_angle.ptnr1_PDB_ins_code 
_pdbx_struct_conn_angle.ptnr1_symmetry 
_pdbx_struct_conn_angle.ptnr2_label_atom_id 
_pdbx_struct_conn_angle.ptnr2_label_alt_id 
_pdbx_struct_conn_angle.ptnr2_label_asym_id 
_pdbx_struct_conn_angle.ptnr2_label_comp_id 
_pdbx_struct_conn_angle.ptnr2_label_seq_id 
_pdbx_struct_conn_angle.ptnr2_auth_atom_id 
_pdbx_struct_conn_angle.ptnr2_auth_asym_id 
_pdbx_struct_conn_angle.ptnr2_auth_comp_id 
_pdbx_struct_conn_angle.ptnr2_auth_seq_id 
_pdbx_struct_conn_angle.ptnr2_PDB_ins_code 
_pdbx_struct_conn_angle.ptnr2_symmetry 
_pdbx_struct_conn_angle.ptnr3_label_atom_id 
_pdbx_struct_conn_angle.ptnr3_label_alt_id 
_pdbx_struct_conn_angle.ptnr3_label_asym_id 
_pdbx_struct_conn_angle.ptnr3_label_comp_id 
_pdbx_struct_conn_angle.ptnr3_label_seq_id 
_pdbx_struct_conn_angle.ptnr3_auth_atom_id 
_pdbx_struct_conn_angle.ptnr3_auth_asym_id 
_pdbx_struct_conn_angle.ptnr3_auth_comp_id 
_pdbx_struct_conn_angle.ptnr3_auth_seq_id 
_pdbx_struct_conn_angle.ptnr3_PDB_ins_code 
_pdbx_struct_conn_angle.ptnr3_symmetry 
_pdbx_struct_conn_angle.value 
_pdbx_struct_conn_angle.value_esd 
1   OP1 ? A C   6 ? A C   6   ? 1_555 MG ? M MG . ? B MG 104 ? 2_565 O   ? Q HOH . ? A HOH 247 ? 3_455 39.9  ? 
2   OP1 ? A C   6 ? A C   6   ? 1_555 MG ? M MG . ? B MG 104 ? 2_565 OP1 ? B C   6 ? B C   6   ? 1_555 31.9  ? 
3   O   ? Q HOH . ? A HOH 247 ? 3_455 MG ? M MG . ? B MG 104 ? 2_565 OP1 ? B C   6 ? B C   6   ? 1_555 9.2   ? 
4   OP1 ? A C   6 ? A C   6   ? 1_555 MG ? M MG . ? B MG 104 ? 2_565 O   ? R HOH . ? B HOH 247 ? 1_555 22.9  ? 
5   O   ? Q HOH . ? A HOH 247 ? 3_455 MG ? M MG . ? B MG 104 ? 2_565 O   ? R HOH . ? B HOH 247 ? 1_555 18.0  ? 
6   OP1 ? B C   6 ? B C   6   ? 1_555 MG ? M MG . ? B MG 104 ? 2_565 O   ? R HOH . ? B HOH 247 ? 1_555 12.6  ? 
7   O3D ? C GP3 . ? A GP3 101 ? 1_555 MG ? K MG . ? B MG 102 ? 1_555 O2D ? C GP3 . ? A GP3 101 ? 1_555 79.5  ? 
8   O3D ? C GP3 . ? A GP3 101 ? 1_555 MG ? K MG . ? B MG 102 ? 1_555 O3D ? C GP3 . ? A GP3 101 ? 1_555 0.0   ? 
9   O2D ? C GP3 . ? A GP3 101 ? 1_555 MG ? K MG . ? B MG 102 ? 1_555 O3D ? C GP3 . ? A GP3 101 ? 1_555 79.5  ? 
10  O3D ? C GP3 . ? A GP3 101 ? 1_555 MG ? K MG . ? B MG 102 ? 1_555 O2D ? C GP3 . ? A GP3 101 ? 1_555 79.5  ? 
11  O2D ? C GP3 . ? A GP3 101 ? 1_555 MG ? K MG . ? B MG 102 ? 1_555 O2D ? C GP3 . ? A GP3 101 ? 1_555 0.0   ? 
12  O3D ? C GP3 . ? A GP3 101 ? 1_555 MG ? K MG . ? B MG 102 ? 1_555 O2D ? C GP3 . ? A GP3 101 ? 1_555 79.5  ? 
13  O2A ? C GP3 . ? A GP3 101 ? 1_555 MG ? P MG . ? B MG 107 ? 1_555 O2B ? C GP3 . ? A GP3 101 ? 1_555 93.4  ? 
14  O2A ? C GP3 . ? A GP3 101 ? 1_555 MG ? P MG . ? B MG 107 ? 1_555 O3B ? C GP3 . ? A GP3 101 ? 1_555 85.5  ? 
15  O2B ? C GP3 . ? A GP3 101 ? 1_555 MG ? P MG . ? B MG 107 ? 1_555 O3B ? C GP3 . ? A GP3 101 ? 1_555 56.8  ? 
16  O2A ? C GP3 . ? A GP3 101 ? 1_555 MG ? P MG . ? B MG 107 ? 1_555 O2G ? C GP3 . ? A GP3 101 ? 1_555 127.7 ? 
17  O2B ? C GP3 . ? A GP3 101 ? 1_555 MG ? P MG . ? B MG 107 ? 1_555 O2G ? C GP3 . ? A GP3 101 ? 1_555 93.9  ? 
18  O3B ? C GP3 . ? A GP3 101 ? 1_555 MG ? P MG . ? B MG 107 ? 1_555 O2G ? C GP3 . ? A GP3 101 ? 1_555 57.1  ? 
19  O2A ? C GP3 . ? A GP3 101 ? 1_555 MG ? P MG . ? B MG 107 ? 1_555 O   ? Q HOH . ? A HOH 201 ? 1_555 60.9  ? 
20  O2B ? C GP3 . ? A GP3 101 ? 1_555 MG ? P MG . ? B MG 107 ? 1_555 O   ? Q HOH . ? A HOH 201 ? 1_555 152.9 ? 
21  O3B ? C GP3 . ? A GP3 101 ? 1_555 MG ? P MG . ? B MG 107 ? 1_555 O   ? Q HOH . ? A HOH 201 ? 1_555 108.8 ? 
22  O2G ? C GP3 . ? A GP3 101 ? 1_555 MG ? P MG . ? B MG 107 ? 1_555 O   ? Q HOH . ? A HOH 201 ? 1_555 95.6  ? 
23  O3D ? J GP3 . ? B GP3 101 ? 1_555 MG ? D MG . ? A MG 102 ? 1_555 O2D ? J GP3 . ? B GP3 101 ? 1_555 78.4  ? 
24  O3D ? J GP3 . ? B GP3 101 ? 1_555 MG ? D MG . ? A MG 102 ? 1_555 O3D ? J GP3 . ? B GP3 101 ? 2_565 100.0 ? 
25  O2D ? J GP3 . ? B GP3 101 ? 1_555 MG ? D MG . ? A MG 102 ? 1_555 O3D ? J GP3 . ? B GP3 101 ? 2_565 112.2 ? 
26  O3D ? J GP3 . ? B GP3 101 ? 1_555 MG ? D MG . ? A MG 102 ? 1_555 O2D ? J GP3 . ? B GP3 101 ? 3_455 113.8 ? 
27  O2D ? J GP3 . ? B GP3 101 ? 1_555 MG ? D MG . ? A MG 102 ? 1_555 O2D ? J GP3 . ? B GP3 101 ? 3_455 96.4  ? 
28  O3D ? J GP3 . ? B GP3 101 ? 2_565 MG ? D MG . ? A MG 102 ? 1_555 O2D ? J GP3 . ? B GP3 101 ? 3_455 139.5 ? 
29  O   ? Q HOH . ? A HOH 214 ? 1_555 MG ? E MG . ? A MG 103 ? 1_555 O   ? Q HOH . ? A HOH 223 ? 1_555 90.9  ? 
30  O   ? Q HOH . ? A HOH 214 ? 1_555 MG ? E MG . ? A MG 103 ? 1_555 O   ? Q HOH . ? A HOH 253 ? 1_555 84.1  ? 
31  O   ? Q HOH . ? A HOH 223 ? 1_555 MG ? E MG . ? A MG 103 ? 1_555 O   ? Q HOH . ? A HOH 253 ? 1_555 93.2  ? 
32  O   ? Q HOH . ? A HOH 214 ? 1_555 MG ? E MG . ? A MG 103 ? 1_555 O   ? R HOH . ? B HOH 216 ? 1_555 102.0 ? 
33  O   ? Q HOH . ? A HOH 223 ? 1_555 MG ? E MG . ? A MG 103 ? 1_555 O   ? R HOH . ? B HOH 216 ? 1_555 93.3  ? 
34  O   ? Q HOH . ? A HOH 253 ? 1_555 MG ? E MG . ? A MG 103 ? 1_555 O   ? R HOH . ? B HOH 216 ? 1_555 171.0 ? 
35  O   ? Q HOH . ? A HOH 214 ? 1_555 MG ? E MG . ? A MG 103 ? 1_555 O   ? R HOH . ? B HOH 222 ? 1_555 91.4  ? 
36  O   ? Q HOH . ? A HOH 223 ? 1_555 MG ? E MG . ? A MG 103 ? 1_555 O   ? R HOH . ? B HOH 222 ? 1_555 177.0 ? 
37  O   ? Q HOH . ? A HOH 253 ? 1_555 MG ? E MG . ? A MG 103 ? 1_555 O   ? R HOH . ? B HOH 222 ? 1_555 85.3  ? 
38  O   ? R HOH . ? B HOH 216 ? 1_555 MG ? E MG . ? A MG 103 ? 1_555 O   ? R HOH . ? B HOH 222 ? 1_555 87.9  ? 
39  O   ? Q HOH . ? A HOH 214 ? 1_555 MG ? E MG . ? A MG 103 ? 1_555 O   ? R HOH . ? B HOH 252 ? 1_555 175.2 ? 
40  O   ? Q HOH . ? A HOH 223 ? 1_555 MG ? E MG . ? A MG 103 ? 1_555 O   ? R HOH . ? B HOH 252 ? 1_555 85.2  ? 
41  O   ? Q HOH . ? A HOH 253 ? 1_555 MG ? E MG . ? A MG 103 ? 1_555 O   ? R HOH . ? B HOH 252 ? 1_555 93.3  ? 
42  O   ? R HOH . ? B HOH 216 ? 1_555 MG ? E MG . ? A MG 103 ? 1_555 O   ? R HOH . ? B HOH 252 ? 1_555 81.1  ? 
43  O   ? R HOH . ? B HOH 222 ? 1_555 MG ? E MG . ? A MG 103 ? 1_555 O   ? R HOH . ? B HOH 252 ? 1_555 92.4  ? 
44  O   ? Q HOH . ? A HOH 203 ? 1_555 MG ? F MG . ? A MG 104 ? 1_555 O   ? Q HOH . ? A HOH 227 ? 3_455 91.7  ? 
45  O   ? Q HOH . ? A HOH 203 ? 1_555 MG ? F MG . ? A MG 104 ? 1_555 O   ? Q HOH . ? A HOH 236 ? 1_555 93.6  ? 
46  O   ? Q HOH . ? A HOH 227 ? 3_455 MG ? F MG . ? A MG 104 ? 1_555 O   ? Q HOH . ? A HOH 236 ? 1_555 88.0  ? 
47  O   ? Q HOH . ? A HOH 203 ? 1_555 MG ? F MG . ? A MG 104 ? 1_555 O   ? R HOH . ? B HOH 232 ? 1_555 84.1  ? 
48  O   ? Q HOH . ? A HOH 227 ? 3_455 MG ? F MG . ? A MG 104 ? 1_555 O   ? R HOH . ? B HOH 232 ? 1_555 175.2 ? 
49  O   ? Q HOH . ? A HOH 236 ? 1_555 MG ? F MG . ? A MG 104 ? 1_555 O   ? R HOH . ? B HOH 232 ? 1_555 94.6  ? 
50  O   ? Q HOH . ? A HOH 203 ? 1_555 MG ? F MG . ? A MG 104 ? 1_555 O   ? R HOH . ? B HOH 240 ? 1_555 87.2  ? 
51  O   ? Q HOH . ? A HOH 227 ? 3_455 MG ? F MG . ? A MG 104 ? 1_555 O   ? R HOH . ? B HOH 240 ? 1_555 86.3  ? 
52  O   ? Q HOH . ? A HOH 236 ? 1_555 MG ? F MG . ? A MG 104 ? 1_555 O   ? R HOH . ? B HOH 240 ? 1_555 174.3 ? 
53  O   ? R HOH . ? B HOH 232 ? 1_555 MG ? F MG . ? A MG 104 ? 1_555 O   ? R HOH . ? B HOH 240 ? 1_555 91.1  ? 
54  O   ? Q HOH . ? A HOH 203 ? 1_555 MG ? F MG . ? A MG 104 ? 1_555 O   ? R HOH . ? B HOH 247 ? 1_555 172.0 ? 
55  O   ? Q HOH . ? A HOH 227 ? 3_455 MG ? F MG . ? A MG 104 ? 1_555 O   ? R HOH . ? B HOH 247 ? 1_555 94.9  ? 
56  O   ? Q HOH . ? A HOH 236 ? 1_555 MG ? F MG . ? A MG 104 ? 1_555 O   ? R HOH . ? B HOH 247 ? 1_555 91.0  ? 
57  O   ? R HOH . ? B HOH 232 ? 1_555 MG ? F MG . ? A MG 104 ? 1_555 O   ? R HOH . ? B HOH 247 ? 1_555 89.1  ? 
58  O   ? R HOH . ? B HOH 240 ? 1_555 MG ? F MG . ? A MG 104 ? 1_555 O   ? R HOH . ? B HOH 247 ? 1_555 88.7  ? 
59  O   ? Q HOH . ? A HOH 202 ? 1_555 MG ? G MG . ? A MG 105 ? 1_555 O   ? Q HOH . ? A HOH 222 ? 1_555 89.7  ? 
60  O   ? Q HOH . ? A HOH 202 ? 1_555 MG ? G MG . ? A MG 105 ? 1_555 O   ? Q HOH . ? A HOH 242 ? 1_555 101.9 ? 
61  O   ? Q HOH . ? A HOH 222 ? 1_555 MG ? G MG . ? A MG 105 ? 1_555 O   ? Q HOH . ? A HOH 242 ? 1_555 101.0 ? 
62  O   ? Q HOH . ? A HOH 202 ? 1_555 MG ? G MG . ? A MG 105 ? 1_555 O   ? Q HOH . ? A HOH 248 ? 1_555 170.8 ? 
63  O   ? Q HOH . ? A HOH 222 ? 1_555 MG ? G MG . ? A MG 105 ? 1_555 O   ? Q HOH . ? A HOH 248 ? 1_555 95.9  ? 
64  O   ? Q HOH . ? A HOH 242 ? 1_555 MG ? G MG . ? A MG 105 ? 1_555 O   ? Q HOH . ? A HOH 248 ? 1_555 84.1  ? 
65  O   ? Q HOH . ? A HOH 202 ? 1_555 MG ? G MG . ? A MG 105 ? 1_555 O   ? Q HOH . ? A HOH 255 ? 1_555 91.9  ? 
66  O   ? Q HOH . ? A HOH 222 ? 1_555 MG ? G MG . ? A MG 105 ? 1_555 O   ? Q HOH . ? A HOH 255 ? 1_555 89.5  ? 
67  O   ? Q HOH . ? A HOH 242 ? 1_555 MG ? G MG . ? A MG 105 ? 1_555 O   ? Q HOH . ? A HOH 255 ? 1_555 162.6 ? 
68  O   ? Q HOH . ? A HOH 248 ? 1_555 MG ? G MG . ? A MG 105 ? 1_555 O   ? Q HOH . ? A HOH 255 ? 1_555 81.0  ? 
69  O   ? Q HOH . ? A HOH 202 ? 1_555 MG ? G MG . ? A MG 105 ? 1_555 O   ? Q HOH . ? A HOH 257 ? 1_555 89.6  ? 
70  O   ? Q HOH . ? A HOH 222 ? 1_555 MG ? G MG . ? A MG 105 ? 1_555 O   ? Q HOH . ? A HOH 257 ? 1_555 177.6 ? 
71  O   ? Q HOH . ? A HOH 242 ? 1_555 MG ? G MG . ? A MG 105 ? 1_555 O   ? Q HOH . ? A HOH 257 ? 1_555 81.4  ? 
72  O   ? Q HOH . ? A HOH 248 ? 1_555 MG ? G MG . ? A MG 105 ? 1_555 O   ? Q HOH . ? A HOH 257 ? 1_555 84.5  ? 
73  O   ? Q HOH . ? A HOH 255 ? 1_555 MG ? G MG . ? A MG 105 ? 1_555 O   ? Q HOH . ? A HOH 257 ? 1_555 88.2  ? 
74  O   ? Q HOH . ? A HOH 215 ? 1_555 MG ? H MG . ? A MG 106 ? 1_555 O   ? Q HOH . ? A HOH 229 ? 1_555 79.8  ? 
75  O   ? Q HOH . ? A HOH 215 ? 1_555 MG ? H MG . ? A MG 106 ? 1_555 O   ? Q HOH . ? A HOH 256 ? 1_555 85.1  ? 
76  O   ? Q HOH . ? A HOH 229 ? 1_555 MG ? H MG . ? A MG 106 ? 1_555 O   ? Q HOH . ? A HOH 256 ? 1_555 86.8  ? 
77  O   ? Q HOH . ? A HOH 215 ? 1_555 MG ? H MG . ? A MG 106 ? 1_555 O   ? R HOH . ? B HOH 205 ? 1_555 74.4  ? 
78  O   ? Q HOH . ? A HOH 229 ? 1_555 MG ? H MG . ? A MG 106 ? 1_555 O   ? R HOH . ? B HOH 205 ? 1_555 88.5  ? 
79  O   ? Q HOH . ? A HOH 256 ? 1_555 MG ? H MG . ? A MG 106 ? 1_555 O   ? R HOH . ? B HOH 205 ? 1_555 159.5 ? 
80  O2A ? J GP3 . ? B GP3 101 ? 1_555 MG ? I MG . ? A MG 107 ? 1_555 O2B ? J GP3 . ? B GP3 101 ? 1_555 91.3  ? 
81  O2A ? J GP3 . ? B GP3 101 ? 1_555 MG ? I MG . ? A MG 107 ? 1_555 O3B ? J GP3 . ? B GP3 101 ? 1_555 85.8  ? 
82  O2B ? J GP3 . ? B GP3 101 ? 1_555 MG ? I MG . ? A MG 107 ? 1_555 O3B ? J GP3 . ? B GP3 101 ? 1_555 56.8  ? 
83  O2A ? J GP3 . ? B GP3 101 ? 1_555 MG ? I MG . ? A MG 107 ? 1_555 O2G ? J GP3 . ? B GP3 101 ? 1_555 128.4 ? 
84  O2B ? J GP3 . ? B GP3 101 ? 1_555 MG ? I MG . ? A MG 107 ? 1_555 O2G ? J GP3 . ? B GP3 101 ? 1_555 94.7  ? 
85  O3B ? J GP3 . ? B GP3 101 ? 1_555 MG ? I MG . ? A MG 107 ? 1_555 O2G ? J GP3 . ? B GP3 101 ? 1_555 56.7  ? 
86  O2A ? J GP3 . ? B GP3 101 ? 1_555 MG ? I MG . ? A MG 107 ? 1_555 O   ? R HOH . ? B HOH 201 ? 1_555 63.0  ? 
87  O2B ? J GP3 . ? B GP3 101 ? 1_555 MG ? I MG . ? A MG 107 ? 1_555 O   ? R HOH . ? B HOH 201 ? 1_555 152.7 ? 
88  O3B ? J GP3 . ? B GP3 101 ? 1_555 MG ? I MG . ? A MG 107 ? 1_555 O   ? R HOH . ? B HOH 201 ? 1_555 109.0 ? 
89  O2G ? J GP3 . ? B GP3 101 ? 1_555 MG ? I MG . ? A MG 107 ? 1_555 O   ? R HOH . ? B HOH 201 ? 1_555 94.8  ? 
90  O   ? Q HOH . ? A HOH 207 ? 1_555 MG ? O MG . ? B MG 106 ? 1_555 O   ? R HOH . ? B HOH 212 ? 1_555 77.6  ? 
91  O   ? Q HOH . ? A HOH 207 ? 1_555 MG ? O MG . ? B MG 106 ? 1_555 O   ? R HOH . ? B HOH 217 ? 1_555 89.8  ? 
92  O   ? R HOH . ? B HOH 212 ? 1_555 MG ? O MG . ? B MG 106 ? 1_555 O   ? R HOH . ? B HOH 217 ? 1_555 76.7  ? 
93  O   ? Q HOH . ? A HOH 207 ? 1_555 MG ? O MG . ? B MG 106 ? 1_555 O   ? R HOH . ? B HOH 253 ? 1_555 159.9 ? 
94  O   ? R HOH . ? B HOH 212 ? 1_555 MG ? O MG . ? B MG 106 ? 1_555 O   ? R HOH . ? B HOH 253 ? 1_555 83.2  ? 
95  O   ? R HOH . ? B HOH 217 ? 1_555 MG ? O MG . ? B MG 106 ? 1_555 O   ? R HOH . ? B HOH 253 ? 1_555 80.2  ? 
96  O   ? Q HOH . ? A HOH 232 ? 1_555 MG ? L MG . ? B MG 103 ? 1_555 O   ? Q HOH . ? A HOH 244 ? 1_555 89.3  ? 
97  O   ? Q HOH . ? A HOH 232 ? 1_555 MG ? L MG . ? B MG 103 ? 1_555 O   ? Q HOH . ? A HOH 247 ? 1_555 90.3  ? 
98  O   ? Q HOH . ? A HOH 244 ? 1_555 MG ? L MG . ? B MG 103 ? 1_555 O   ? Q HOH . ? A HOH 247 ? 1_555 88.0  ? 
99  O   ? Q HOH . ? A HOH 232 ? 1_555 MG ? L MG . ? B MG 103 ? 1_555 O   ? R HOH . ? B HOH 203 ? 1_555 83.3  ? 
100 O   ? Q HOH . ? A HOH 244 ? 1_555 MG ? L MG . ? B MG 103 ? 1_555 O   ? R HOH . ? B HOH 203 ? 1_555 86.2  ? 
101 O   ? Q HOH . ? A HOH 247 ? 1_555 MG ? L MG . ? B MG 103 ? 1_555 O   ? R HOH . ? B HOH 203 ? 1_555 171.4 ? 
102 O   ? Q HOH . ? A HOH 232 ? 1_555 MG ? L MG . ? B MG 103 ? 1_555 O   ? R HOH . ? B HOH 230 ? 2_565 173.4 ? 
103 O   ? Q HOH . ? A HOH 244 ? 1_555 MG ? L MG . ? B MG 103 ? 1_555 O   ? R HOH . ? B HOH 230 ? 2_565 87.5  ? 
104 O   ? Q HOH . ? A HOH 247 ? 1_555 MG ? L MG . ? B MG 103 ? 1_555 O   ? R HOH . ? B HOH 230 ? 2_565 95.4  ? 
105 O   ? R HOH . ? B HOH 203 ? 1_555 MG ? L MG . ? B MG 103 ? 1_555 O   ? R HOH . ? B HOH 230 ? 2_565 90.8  ? 
106 O   ? Q HOH . ? A HOH 232 ? 1_555 MG ? L MG . ? B MG 103 ? 1_555 O   ? R HOH . ? B HOH 233 ? 1_555 95.3  ? 
107 O   ? Q HOH . ? A HOH 244 ? 1_555 MG ? L MG . ? B MG 103 ? 1_555 O   ? R HOH . ? B HOH 233 ? 1_555 175.3 ? 
108 O   ? Q HOH . ? A HOH 247 ? 1_555 MG ? L MG . ? B MG 103 ? 1_555 O   ? R HOH . ? B HOH 233 ? 1_555 91.4  ? 
109 O   ? R HOH . ? B HOH 203 ? 1_555 MG ? L MG . ? B MG 103 ? 1_555 O   ? R HOH . ? B HOH 233 ? 1_555 94.9  ? 
110 O   ? R HOH . ? B HOH 230 ? 2_565 MG ? L MG . ? B MG 103 ? 1_555 O   ? R HOH . ? B HOH 233 ? 1_555 88.0  ? 
111 O   ? R HOH . ? B HOH 202 ? 1_555 MG ? N MG . ? B MG 105 ? 1_555 O   ? R HOH . ? B HOH 225 ? 1_555 91.3  ? 
112 O   ? R HOH . ? B HOH 202 ? 1_555 MG ? N MG . ? B MG 105 ? 1_555 O   ? R HOH . ? B HOH 239 ? 1_555 101.7 ? 
113 O   ? R HOH . ? B HOH 225 ? 1_555 MG ? N MG . ? B MG 105 ? 1_555 O   ? R HOH . ? B HOH 239 ? 1_555 97.2  ? 
114 O   ? R HOH . ? B HOH 202 ? 1_555 MG ? N MG . ? B MG 105 ? 1_555 O   ? R HOH . ? B HOH 246 ? 1_555 177.8 ? 
115 O   ? R HOH . ? B HOH 225 ? 1_555 MG ? N MG . ? B MG 105 ? 1_555 O   ? R HOH . ? B HOH 246 ? 1_555 87.4  ? 
116 O   ? R HOH . ? B HOH 239 ? 1_555 MG ? N MG . ? B MG 105 ? 1_555 O   ? R HOH . ? B HOH 246 ? 1_555 80.2  ? 
117 O   ? R HOH . ? B HOH 202 ? 1_555 MG ? N MG . ? B MG 105 ? 1_555 O   ? R HOH . ? B HOH 254 ? 1_555 91.1  ? 
118 O   ? R HOH . ? B HOH 225 ? 1_555 MG ? N MG . ? B MG 105 ? 1_555 O   ? R HOH . ? B HOH 254 ? 1_555 94.4  ? 
119 O   ? R HOH . ? B HOH 239 ? 1_555 MG ? N MG . ? B MG 105 ? 1_555 O   ? R HOH . ? B HOH 254 ? 1_555 162.4 ? 
120 O   ? R HOH . ? B HOH 246 ? 1_555 MG ? N MG . ? B MG 105 ? 1_555 O   ? R HOH . ? B HOH 254 ? 1_555 87.3  ? 
121 O   ? R HOH . ? B HOH 202 ? 1_555 MG ? N MG . ? B MG 105 ? 1_555 O   ? R HOH . ? B HOH 255 ? 1_555 90.8  ? 
122 O   ? R HOH . ? B HOH 225 ? 1_555 MG ? N MG . ? B MG 105 ? 1_555 O   ? R HOH . ? B HOH 255 ? 1_555 176.9 ? 
123 O   ? R HOH . ? B HOH 239 ? 1_555 MG ? N MG . ? B MG 105 ? 1_555 O   ? R HOH . ? B HOH 255 ? 1_555 80.0  ? 
124 O   ? R HOH . ? B HOH 246 ? 1_555 MG ? N MG . ? B MG 105 ? 1_555 O   ? R HOH . ? B HOH 255 ? 1_555 90.7  ? 
125 O   ? R HOH . ? B HOH 254 ? 1_555 MG ? N MG . ? B MG 105 ? 1_555 O   ? R HOH . ? B HOH 255 ? 1_555 88.0  ? 
# 
loop_
_pdbx_audit_revision_history.ordinal 
_pdbx_audit_revision_history.data_content_type 
_pdbx_audit_revision_history.major_revision 
_pdbx_audit_revision_history.minor_revision 
_pdbx_audit_revision_history.revision_date 
1 'Structure model' 1 0 2021-09-08 
2 'Structure model' 1 1 2021-10-20 
3 'Structure model' 1 2 2022-03-23 
4 'Structure model' 1 3 2023-10-18 
# 
_pdbx_audit_revision_details.ordinal             1 
_pdbx_audit_revision_details.revision_ordinal    1 
_pdbx_audit_revision_details.data_content_type   'Structure model' 
_pdbx_audit_revision_details.provider            repository 
_pdbx_audit_revision_details.type                'Initial release' 
_pdbx_audit_revision_details.description         ? 
_pdbx_audit_revision_details.details             ? 
# 
loop_
_pdbx_audit_revision_group.ordinal 
_pdbx_audit_revision_group.revision_ordinal 
_pdbx_audit_revision_group.data_content_type 
_pdbx_audit_revision_group.group 
1 2 'Structure model' 'Database references'    
2 3 'Structure model' 'Database references'    
3 4 'Structure model' 'Data collection'        
4 4 'Structure model' 'Refinement description' 
# 
loop_
_pdbx_audit_revision_category.ordinal 
_pdbx_audit_revision_category.revision_ordinal 
_pdbx_audit_revision_category.data_content_type 
_pdbx_audit_revision_category.category 
1 2 'Structure model' citation                      
2 3 'Structure model' citation_author               
3 4 'Structure model' chem_comp_atom                
4 4 'Structure model' chem_comp_bond                
5 4 'Structure model' pdbx_initial_refinement_model 
# 
loop_
_pdbx_audit_revision_item.ordinal 
_pdbx_audit_revision_item.revision_ordinal 
_pdbx_audit_revision_item.data_content_type 
_pdbx_audit_revision_item.item 
1 2 'Structure model' '_citation.journal_volume'          
2 2 'Structure model' '_citation.page_first'              
3 2 'Structure model' '_citation.page_last'               
4 2 'Structure model' '_citation.title'                   
5 3 'Structure model' '_citation_author.identifier_ORCID' 
# 
loop_
_software.citation_id 
_software.classification 
_software.compiler_name 
_software.compiler_version 
_software.contact_author 
_software.contact_author_email 
_software.date 
_software.description 
_software.dependencies 
_software.hardware 
_software.language 
_software.location 
_software.mods 
_software.name 
_software.os 
_software.os_version 
_software.type 
_software.version 
_software.pdbx_ordinal 
? refinement       ? ? ? ? ? ? ? ? ? ? ? REFMAC   ? ? ? 5.8.0267 1 
? 'data reduction' ? ? ? ? ? ? ? ? ? ? ? HKL-2000 ? ? ? .        2 
? 'data scaling'   ? ? ? ? ? ? ? ? ? ? ? HKL-2000 ? ? ? .        3 
? phasing          ? ? ? ? ? ? ? ? ? ? ? PHASER   ? ? ? .        4 
# 
_pdbx_entry_details.entry_id                 7KUL 
_pdbx_entry_details.has_ligand_of_interest   Y 
_pdbx_entry_details.compound_details         ? 
_pdbx_entry_details.source_details           ? 
_pdbx_entry_details.nonpolymer_details       ? 
_pdbx_entry_details.sequence_details         ? 
# 
loop_
_pdbx_validate_close_contact.id 
_pdbx_validate_close_contact.PDB_model_num 
_pdbx_validate_close_contact.auth_atom_id_1 
_pdbx_validate_close_contact.auth_asym_id_1 
_pdbx_validate_close_contact.auth_comp_id_1 
_pdbx_validate_close_contact.auth_seq_id_1 
_pdbx_validate_close_contact.PDB_ins_code_1 
_pdbx_validate_close_contact.label_alt_id_1 
_pdbx_validate_close_contact.auth_atom_id_2 
_pdbx_validate_close_contact.auth_asym_id_2 
_pdbx_validate_close_contact.auth_comp_id_2 
_pdbx_validate_close_contact.auth_seq_id_2 
_pdbx_validate_close_contact.PDB_ins_code_2 
_pdbx_validate_close_contact.label_alt_id_2 
_pdbx_validate_close_contact.dist 
1 1 O2A B GP3 101 ? ? O B HOH 201 ? ? 2.17 
2 1 O2A A GP3 101 ? ? O A HOH 201 ? ? 2.19 
# 
_pdbx_validate_symm_contact.id                1 
_pdbx_validate_symm_contact.PDB_model_num     1 
_pdbx_validate_symm_contact.auth_atom_id_1    O 
_pdbx_validate_symm_contact.auth_asym_id_1    A 
_pdbx_validate_symm_contact.auth_comp_id_1    HOH 
_pdbx_validate_symm_contact.auth_seq_id_1     254 
_pdbx_validate_symm_contact.PDB_ins_code_1    ? 
_pdbx_validate_symm_contact.label_alt_id_1    ? 
_pdbx_validate_symm_contact.site_symmetry_1   1_555 
_pdbx_validate_symm_contact.auth_atom_id_2    O 
_pdbx_validate_symm_contact.auth_asym_id_2    A 
_pdbx_validate_symm_contact.auth_comp_id_2    HOH 
_pdbx_validate_symm_contact.auth_seq_id_2     254 
_pdbx_validate_symm_contact.PDB_ins_code_2    ? 
_pdbx_validate_symm_contact.label_alt_id_2    ? 
_pdbx_validate_symm_contact.site_symmetry_2   2_565 
_pdbx_validate_symm_contact.dist              2.08 
# 
loop_
_pdbx_validate_rmsd_angle.id 
_pdbx_validate_rmsd_angle.PDB_model_num 
_pdbx_validate_rmsd_angle.auth_atom_id_1 
_pdbx_validate_rmsd_angle.auth_asym_id_1 
_pdbx_validate_rmsd_angle.auth_comp_id_1 
_pdbx_validate_rmsd_angle.auth_seq_id_1 
_pdbx_validate_rmsd_angle.PDB_ins_code_1 
_pdbx_validate_rmsd_angle.label_alt_id_1 
_pdbx_validate_rmsd_angle.auth_atom_id_2 
_pdbx_validate_rmsd_angle.auth_asym_id_2 
_pdbx_validate_rmsd_angle.auth_comp_id_2 
_pdbx_validate_rmsd_angle.auth_seq_id_2 
_pdbx_validate_rmsd_angle.PDB_ins_code_2 
_pdbx_validate_rmsd_angle.label_alt_id_2 
_pdbx_validate_rmsd_angle.auth_atom_id_3 
_pdbx_validate_rmsd_angle.auth_asym_id_3 
_pdbx_validate_rmsd_angle.auth_comp_id_3 
_pdbx_validate_rmsd_angle.auth_seq_id_3 
_pdbx_validate_rmsd_angle.PDB_ins_code_3 
_pdbx_validate_rmsd_angle.label_alt_id_3 
_pdbx_validate_rmsd_angle.angle_value 
_pdbx_validate_rmsd_angle.angle_target_value 
_pdbx_validate_rmsd_angle.angle_deviation 
_pdbx_validate_rmsd_angle.angle_standard_deviation 
_pdbx_validate_rmsd_angle.linker_flag 
1 1 "O5'" A U  7  ? ? P A U  7  ? ? OP2 A U  7  ? ? 99.92 105.70 -5.78 0.90 N 
2 1 "O5'" A DG 14 ? ? P A DG 14 ? ? OP2 A DG 14 ? ? 97.91 105.70 -7.79 0.90 N 
3 1 "O5'" B U  7  ? ? P B U  7  ? ? OP2 B U  7  ? ? 99.11 105.70 -6.59 0.90 N 
4 1 "O5'" B DG 14 ? ? P B DG 14 ? ? OP2 B DG 14 ? ? 97.89 105.70 -7.81 0.90 N 
# 
loop_
_chem_comp_atom.comp_id 
_chem_comp_atom.atom_id 
_chem_comp_atom.type_symbol 
_chem_comp_atom.pdbx_aromatic_flag 
_chem_comp_atom.pdbx_stereo_config 
_chem_comp_atom.pdbx_ordinal 
A   OP3    O  N N 1   
A   P      P  N N 2   
A   OP1    O  N N 3   
A   OP2    O  N N 4   
A   "O5'"  O  N N 5   
A   "C5'"  C  N N 6   
A   "C4'"  C  N R 7   
A   "O4'"  O  N N 8   
A   "C3'"  C  N S 9   
A   "O3'"  O  N N 10  
A   "C2'"  C  N R 11  
A   "O2'"  O  N N 12  
A   "C1'"  C  N R 13  
A   N9     N  Y N 14  
A   C8     C  Y N 15  
A   N7     N  Y N 16  
A   C5     C  Y N 17  
A   C6     C  Y N 18  
A   N6     N  N N 19  
A   N1     N  Y N 20  
A   C2     C  Y N 21  
A   N3     N  Y N 22  
A   C4     C  Y N 23  
A   HOP3   H  N N 24  
A   HOP2   H  N N 25  
A   "H5'"  H  N N 26  
A   "H5''" H  N N 27  
A   "H4'"  H  N N 28  
A   "H3'"  H  N N 29  
A   "HO3'" H  N N 30  
A   "H2'"  H  N N 31  
A   "HO2'" H  N N 32  
A   "H1'"  H  N N 33  
A   H8     H  N N 34  
A   H61    H  N N 35  
A   H62    H  N N 36  
A   H2     H  N N 37  
C   OP3    O  N N 38  
C   P      P  N N 39  
C   OP1    O  N N 40  
C   OP2    O  N N 41  
C   "O5'"  O  N N 42  
C   "C5'"  C  N N 43  
C   "C4'"  C  N R 44  
C   "O4'"  O  N N 45  
C   "C3'"  C  N S 46  
C   "O3'"  O  N N 47  
C   "C2'"  C  N R 48  
C   "O2'"  O  N N 49  
C   "C1'"  C  N R 50  
C   N1     N  N N 51  
C   C2     C  N N 52  
C   O2     O  N N 53  
C   N3     N  N N 54  
C   C4     C  N N 55  
C   N4     N  N N 56  
C   C5     C  N N 57  
C   C6     C  N N 58  
C   HOP3   H  N N 59  
C   HOP2   H  N N 60  
C   "H5'"  H  N N 61  
C   "H5''" H  N N 62  
C   "H4'"  H  N N 63  
C   "H3'"  H  N N 64  
C   "HO3'" H  N N 65  
C   "H2'"  H  N N 66  
C   "HO2'" H  N N 67  
C   "H1'"  H  N N 68  
C   H41    H  N N 69  
C   H42    H  N N 70  
C   H5     H  N N 71  
C   H6     H  N N 72  
DG  OP3    O  N N 73  
DG  P      P  N N 74  
DG  OP1    O  N N 75  
DG  OP2    O  N N 76  
DG  "O5'"  O  N N 77  
DG  "C5'"  C  N N 78  
DG  "C4'"  C  N R 79  
DG  "O4'"  O  N N 80  
DG  "C3'"  C  N S 81  
DG  "O3'"  O  N N 82  
DG  "C2'"  C  N N 83  
DG  "C1'"  C  N R 84  
DG  N9     N  Y N 85  
DG  C8     C  Y N 86  
DG  N7     N  Y N 87  
DG  C5     C  Y N 88  
DG  C6     C  N N 89  
DG  O6     O  N N 90  
DG  N1     N  N N 91  
DG  C2     C  N N 92  
DG  N2     N  N N 93  
DG  N3     N  N N 94  
DG  C4     C  Y N 95  
DG  HOP3   H  N N 96  
DG  HOP2   H  N N 97  
DG  "H5'"  H  N N 98  
DG  "H5''" H  N N 99  
DG  "H4'"  H  N N 100 
DG  "H3'"  H  N N 101 
DG  "HO3'" H  N N 102 
DG  "H2'"  H  N N 103 
DG  "H2''" H  N N 104 
DG  "H1'"  H  N N 105 
DG  H8     H  N N 106 
DG  H1     H  N N 107 
DG  H21    H  N N 108 
DG  H22    H  N N 109 
G   OP3    O  N N 110 
G   P      P  N N 111 
G   OP1    O  N N 112 
G   OP2    O  N N 113 
G   "O5'"  O  N N 114 
G   "C5'"  C  N N 115 
G   "C4'"  C  N R 116 
G   "O4'"  O  N N 117 
G   "C3'"  C  N S 118 
G   "O3'"  O  N N 119 
G   "C2'"  C  N R 120 
G   "O2'"  O  N N 121 
G   "C1'"  C  N R 122 
G   N9     N  Y N 123 
G   C8     C  Y N 124 
G   N7     N  Y N 125 
G   C5     C  Y N 126 
G   C6     C  N N 127 
G   O6     O  N N 128 
G   N1     N  N N 129 
G   C2     C  N N 130 
G   N2     N  N N 131 
G   N3     N  N N 132 
G   C4     C  Y N 133 
G   HOP3   H  N N 134 
G   HOP2   H  N N 135 
G   "H5'"  H  N N 136 
G   "H5''" H  N N 137 
G   "H4'"  H  N N 138 
G   "H3'"  H  N N 139 
G   "HO3'" H  N N 140 
G   "H2'"  H  N N 141 
G   "HO2'" H  N N 142 
G   "H1'"  H  N N 143 
G   H8     H  N N 144 
G   H1     H  N N 145 
G   H21    H  N N 146 
G   H22    H  N N 147 
GP3 N9A    N  Y N 148 
GP3 C8A    C  Y N 149 
GP3 N7A    N  Y N 150 
GP3 C5A    C  Y N 151 
GP3 C6A    C  N N 152 
GP3 O6A    O  N N 153 
GP3 N1A    N  N N 154 
GP3 C2A    C  N N 155 
GP3 N2A    N  N N 156 
GP3 N3A    N  N N 157 
GP3 C4A    C  Y N 158 
GP3 O5D    O  N N 159 
GP3 C5D    C  N N 160 
GP3 C4D    C  N R 161 
GP3 O4D    O  N N 162 
GP3 C3D    C  N S 163 
GP3 O3D    O  N N 164 
GP3 C2D    C  N R 165 
GP3 O2D    O  N N 166 
GP3 C1D    C  N R 167 
GP3 PA     P  N R 168 
GP3 O1A    O  N N 169 
GP3 O2A    O  N N 170 
GP3 O3A    O  N N 171 
GP3 PB     P  N N 172 
GP3 O1B    O  N N 173 
GP3 O2B    O  N N 174 
GP3 O3B    O  N N 175 
GP3 PG     P  N R 176 
GP3 O1G    O  N N 177 
GP3 O2G    O  N N 178 
GP3 O5E    O  N N 179 
GP3 C5E    C  N N 180 
GP3 C4E    C  N R 181 
GP3 O4E    O  N N 182 
GP3 C3E    C  N S 183 
GP3 O3E    O  N N 184 
GP3 C2E    C  N R 185 
GP3 O2E    O  N N 186 
GP3 C1E    C  N R 187 
GP3 N9B    N  Y N 188 
GP3 C8B    C  Y N 189 
GP3 N7B    N  Y N 190 
GP3 C5B    C  Y N 191 
GP3 C6B    C  N N 192 
GP3 O6B    O  N N 193 
GP3 N1B    N  N N 194 
GP3 C2B    C  N N 195 
GP3 N2B    N  N N 196 
GP3 N3B    N  N N 197 
GP3 C4B    C  Y N 198 
GP3 H8A    H  N N 199 
GP3 H1A    H  N N 200 
GP3 H21A   H  N N 201 
GP3 H22A   H  N N 202 
GP3 H51A   H  N N 203 
GP3 H52A   H  N N 204 
GP3 H4D    H  N N 205 
GP3 H3D    H  N N 206 
GP3 HO3A   H  N N 207 
GP3 H2D    H  N N 208 
GP3 HO2A   H  N N 209 
GP3 H1D    H  N N 210 
GP3 HOA2   H  N N 211 
GP3 HOB2   H  N N 212 
GP3 HOG2   H  N N 213 
GP3 H51B   H  N N 214 
GP3 H52B   H  N N 215 
GP3 H4E    H  N N 216 
GP3 H3E    H  N N 217 
GP3 HO3B   H  N N 218 
GP3 H2E    H  N N 219 
GP3 HO2B   H  N N 220 
GP3 H1E    H  N N 221 
GP3 H8B    H  N N 222 
GP3 H1B    H  N N 223 
GP3 H21B   H  N N 224 
GP3 H22B   H  N N 225 
HOH O      O  N N 226 
HOH H1     H  N N 227 
HOH H2     H  N N 228 
LCC "O5'"  O  N N 229 
LCC "C5'"  C  N N 230 
LCC "C4'"  C  N R 231 
LCC "O4'"  O  N N 232 
LCC "C1'"  C  N R 233 
LCC N1     N  N N 234 
LCC C6     C  N N 235 
LCC C5     C  N N 236 
LCC C5M    C  N N 237 
LCC C4     C  N N 238 
LCC N4     N  N N 239 
LCC N3     N  N N 240 
LCC C2     C  N N 241 
LCC O2     O  N N 242 
LCC "C3'"  C  N S 243 
LCC "C2'"  C  N R 244 
LCC "O2'"  O  N N 245 
LCC "O3'"  O  N N 246 
LCC "C6'"  C  N N 247 
LCC P      P  N N 248 
LCC O1P    O  N N 249 
LCC O2P    O  N N 250 
LCC OXT    O  N N 251 
LCC "H5'1" H  N N 252 
LCC "H5'2" H  N N 253 
LCC "H1'"  H  N N 254 
LCC H6     H  N N 255 
LCC H5M1   H  N N 256 
LCC H5M2   H  N N 257 
LCC H5M3   H  N N 258 
LCC H41    H  N N 259 
LCC H42    H  N N 260 
LCC "H3'"  H  N N 261 
LCC "H2'1" H  N N 262 
LCC H3T    H  N N 263 
LCC "H6'1" H  N N 264 
LCC "H6'2" H  N N 265 
LCC H1P    H  N N 266 
LCC HXT    H  N N 267 
LCG P      P  N N 268 
LCG OP1    O  N N 269 
LCG "O5'"  O  N N 270 
LCG "C5'"  C  N N 271 
LCG "C3'"  C  N S 272 
LCG "C6'"  C  N N 273 
LCG N9     N  Y N 274 
LCG C8     C  Y N 275 
LCG C4     C  Y N 276 
LCG N7     N  Y N 277 
LCG C5     C  Y N 278 
LCG C6     C  N N 279 
LCG "C2'"  C  N R 280 
LCG O6     O  N N 281 
LCG "C4'"  C  N R 282 
LCG "C1'"  C  N R 283 
LCG C2     C  N N 284 
LCG N1     N  N N 285 
LCG "O4'"  O  N N 286 
LCG OP2    O  N N 287 
LCG N2     N  N N 288 
LCG N3     N  N N 289 
LCG "O2'"  O  N N 290 
LCG "O3'"  O  N N 291 
LCG OP3    O  N N 292 
LCG "H5'"  H  N N 293 
LCG "H5''" H  N N 294 
LCG "H3'"  H  N N 295 
LCG "H6'1" H  N N 296 
LCG "H6'2" H  N N 297 
LCG H8     H  N N 298 
LCG "H2'"  H  N N 299 
LCG "H1'"  H  N N 300 
LCG H1     H  N N 301 
LCG HOP2   H  N N 302 
LCG H21    H  N N 303 
LCG H22    H  N N 304 
LCG "HO3'" H  N N 305 
LCG HOP3   H  N N 306 
LKC N1     N  N N 307 
LKC C2     C  N N 308 
LKC N3     N  N N 309 
LKC C4     C  N N 310 
LKC C5     C  N N 311 
LKC C6     C  N N 312 
LKC O2     O  N N 313 
LKC N4     N  N N 314 
LKC "C1'"  C  N R 315 
LKC "C2'"  C  N R 316 
LKC "C3'"  C  N S 317 
LKC "C4'"  C  N S 318 
LKC "O4'"  O  N N 319 
LKC "O3'"  O  N N 320 
LKC "C5'"  C  N N 321 
LKC "O5'"  O  N N 322 
LKC C5A    C  N N 323 
LKC "O2'"  O  N N 324 
LKC "C6'"  C  N N 325 
LKC H6     H  N N 326 
LKC H41    H  N N 327 
LKC H42    H  N N 328 
LKC "H1'"  H  N N 329 
LKC "H2'1" H  N N 330 
LKC "H3'"  H  N N 331 
LKC H3T    H  N N 332 
LKC "H5'1" H  N N 333 
LKC "H5'2" H  N N 334 
LKC H5T    H  N N 335 
LKC H5M1   H  N N 336 
LKC H5M2   H  N N 337 
LKC H5M3   H  N N 338 
LKC "H6'1" H  N N 339 
LKC "H6'2" H  N N 340 
MG  MG     MG N N 341 
U   OP3    O  N N 342 
U   P      P  N N 343 
U   OP1    O  N N 344 
U   OP2    O  N N 345 
U   "O5'"  O  N N 346 
U   "C5'"  C  N N 347 
U   "C4'"  C  N R 348 
U   "O4'"  O  N N 349 
U   "C3'"  C  N S 350 
U   "O3'"  O  N N 351 
U   "C2'"  C  N R 352 
U   "O2'"  O  N N 353 
U   "C1'"  C  N R 354 
U   N1     N  N N 355 
U   C2     C  N N 356 
U   O2     O  N N 357 
U   N3     N  N N 358 
U   C4     C  N N 359 
U   O4     O  N N 360 
U   C5     C  N N 361 
U   C6     C  N N 362 
U   HOP3   H  N N 363 
U   HOP2   H  N N 364 
U   "H5'"  H  N N 365 
U   "H5''" H  N N 366 
U   "H4'"  H  N N 367 
U   "H3'"  H  N N 368 
U   "HO3'" H  N N 369 
U   "H2'"  H  N N 370 
U   "HO2'" H  N N 371 
U   "H1'"  H  N N 372 
U   H3     H  N N 373 
U   H5     H  N N 374 
U   H6     H  N N 375 
# 
loop_
_chem_comp_bond.comp_id 
_chem_comp_bond.atom_id_1 
_chem_comp_bond.atom_id_2 
_chem_comp_bond.value_order 
_chem_comp_bond.pdbx_aromatic_flag 
_chem_comp_bond.pdbx_stereo_config 
_chem_comp_bond.pdbx_ordinal 
A   OP3   P      sing N N 1   
A   OP3   HOP3   sing N N 2   
A   P     OP1    doub N N 3   
A   P     OP2    sing N N 4   
A   P     "O5'"  sing N N 5   
A   OP2   HOP2   sing N N 6   
A   "O5'" "C5'"  sing N N 7   
A   "C5'" "C4'"  sing N N 8   
A   "C5'" "H5'"  sing N N 9   
A   "C5'" "H5''" sing N N 10  
A   "C4'" "O4'"  sing N N 11  
A   "C4'" "C3'"  sing N N 12  
A   "C4'" "H4'"  sing N N 13  
A   "O4'" "C1'"  sing N N 14  
A   "C3'" "O3'"  sing N N 15  
A   "C3'" "C2'"  sing N N 16  
A   "C3'" "H3'"  sing N N 17  
A   "O3'" "HO3'" sing N N 18  
A   "C2'" "O2'"  sing N N 19  
A   "C2'" "C1'"  sing N N 20  
A   "C2'" "H2'"  sing N N 21  
A   "O2'" "HO2'" sing N N 22  
A   "C1'" N9     sing N N 23  
A   "C1'" "H1'"  sing N N 24  
A   N9    C8     sing Y N 25  
A   N9    C4     sing Y N 26  
A   C8    N7     doub Y N 27  
A   C8    H8     sing N N 28  
A   N7    C5     sing Y N 29  
A   C5    C6     sing Y N 30  
A   C5    C4     doub Y N 31  
A   C6    N6     sing N N 32  
A   C6    N1     doub Y N 33  
A   N6    H61    sing N N 34  
A   N6    H62    sing N N 35  
A   N1    C2     sing Y N 36  
A   C2    N3     doub Y N 37  
A   C2    H2     sing N N 38  
A   N3    C4     sing Y N 39  
C   OP3   P      sing N N 40  
C   OP3   HOP3   sing N N 41  
C   P     OP1    doub N N 42  
C   P     OP2    sing N N 43  
C   P     "O5'"  sing N N 44  
C   OP2   HOP2   sing N N 45  
C   "O5'" "C5'"  sing N N 46  
C   "C5'" "C4'"  sing N N 47  
C   "C5'" "H5'"  sing N N 48  
C   "C5'" "H5''" sing N N 49  
C   "C4'" "O4'"  sing N N 50  
C   "C4'" "C3'"  sing N N 51  
C   "C4'" "H4'"  sing N N 52  
C   "O4'" "C1'"  sing N N 53  
C   "C3'" "O3'"  sing N N 54  
C   "C3'" "C2'"  sing N N 55  
C   "C3'" "H3'"  sing N N 56  
C   "O3'" "HO3'" sing N N 57  
C   "C2'" "O2'"  sing N N 58  
C   "C2'" "C1'"  sing N N 59  
C   "C2'" "H2'"  sing N N 60  
C   "O2'" "HO2'" sing N N 61  
C   "C1'" N1     sing N N 62  
C   "C1'" "H1'"  sing N N 63  
C   N1    C2     sing N N 64  
C   N1    C6     sing N N 65  
C   C2    O2     doub N N 66  
C   C2    N3     sing N N 67  
C   N3    C4     doub N N 68  
C   C4    N4     sing N N 69  
C   C4    C5     sing N N 70  
C   N4    H41    sing N N 71  
C   N4    H42    sing N N 72  
C   C5    C6     doub N N 73  
C   C5    H5     sing N N 74  
C   C6    H6     sing N N 75  
DG  OP3   P      sing N N 76  
DG  OP3   HOP3   sing N N 77  
DG  P     OP1    doub N N 78  
DG  P     OP2    sing N N 79  
DG  P     "O5'"  sing N N 80  
DG  OP2   HOP2   sing N N 81  
DG  "O5'" "C5'"  sing N N 82  
DG  "C5'" "C4'"  sing N N 83  
DG  "C5'" "H5'"  sing N N 84  
DG  "C5'" "H5''" sing N N 85  
DG  "C4'" "O4'"  sing N N 86  
DG  "C4'" "C3'"  sing N N 87  
DG  "C4'" "H4'"  sing N N 88  
DG  "O4'" "C1'"  sing N N 89  
DG  "C3'" "O3'"  sing N N 90  
DG  "C3'" "C2'"  sing N N 91  
DG  "C3'" "H3'"  sing N N 92  
DG  "O3'" "HO3'" sing N N 93  
DG  "C2'" "C1'"  sing N N 94  
DG  "C2'" "H2'"  sing N N 95  
DG  "C2'" "H2''" sing N N 96  
DG  "C1'" N9     sing N N 97  
DG  "C1'" "H1'"  sing N N 98  
DG  N9    C8     sing Y N 99  
DG  N9    C4     sing Y N 100 
DG  C8    N7     doub Y N 101 
DG  C8    H8     sing N N 102 
DG  N7    C5     sing Y N 103 
DG  C5    C6     sing N N 104 
DG  C5    C4     doub Y N 105 
DG  C6    O6     doub N N 106 
DG  C6    N1     sing N N 107 
DG  N1    C2     sing N N 108 
DG  N1    H1     sing N N 109 
DG  C2    N2     sing N N 110 
DG  C2    N3     doub N N 111 
DG  N2    H21    sing N N 112 
DG  N2    H22    sing N N 113 
DG  N3    C4     sing N N 114 
G   OP3   P      sing N N 115 
G   OP3   HOP3   sing N N 116 
G   P     OP1    doub N N 117 
G   P     OP2    sing N N 118 
G   P     "O5'"  sing N N 119 
G   OP2   HOP2   sing N N 120 
G   "O5'" "C5'"  sing N N 121 
G   "C5'" "C4'"  sing N N 122 
G   "C5'" "H5'"  sing N N 123 
G   "C5'" "H5''" sing N N 124 
G   "C4'" "O4'"  sing N N 125 
G   "C4'" "C3'"  sing N N 126 
G   "C4'" "H4'"  sing N N 127 
G   "O4'" "C1'"  sing N N 128 
G   "C3'" "O3'"  sing N N 129 
G   "C3'" "C2'"  sing N N 130 
G   "C3'" "H3'"  sing N N 131 
G   "O3'" "HO3'" sing N N 132 
G   "C2'" "O2'"  sing N N 133 
G   "C2'" "C1'"  sing N N 134 
G   "C2'" "H2'"  sing N N 135 
G   "O2'" "HO2'" sing N N 136 
G   "C1'" N9     sing N N 137 
G   "C1'" "H1'"  sing N N 138 
G   N9    C8     sing Y N 139 
G   N9    C4     sing Y N 140 
G   C8    N7     doub Y N 141 
G   C8    H8     sing N N 142 
G   N7    C5     sing Y N 143 
G   C5    C6     sing N N 144 
G   C5    C4     doub Y N 145 
G   C6    O6     doub N N 146 
G   C6    N1     sing N N 147 
G   N1    C2     sing N N 148 
G   N1    H1     sing N N 149 
G   C2    N2     sing N N 150 
G   C2    N3     doub N N 151 
G   N2    H21    sing N N 152 
G   N2    H22    sing N N 153 
G   N3    C4     sing N N 154 
GP3 N9A   C8A    sing Y N 155 
GP3 N9A   C4A    sing Y N 156 
GP3 N9A   C1D    sing N N 157 
GP3 C8A   N7A    doub Y N 158 
GP3 C8A   H8A    sing N N 159 
GP3 N7A   C5A    sing Y N 160 
GP3 C5A   C6A    sing N N 161 
GP3 C5A   C4A    doub Y N 162 
GP3 C6A   O6A    doub N N 163 
GP3 C6A   N1A    sing N N 164 
GP3 N1A   C2A    sing N N 165 
GP3 N1A   H1A    sing N N 166 
GP3 C2A   N2A    sing N N 167 
GP3 C2A   N3A    doub N N 168 
GP3 N2A   H21A   sing N N 169 
GP3 N2A   H22A   sing N N 170 
GP3 N3A   C4A    sing N N 171 
GP3 O5D   C5D    sing N N 172 
GP3 O5D   PA     sing N N 173 
GP3 C5D   C4D    sing N N 174 
GP3 C5D   H51A   sing N N 175 
GP3 C5D   H52A   sing N N 176 
GP3 C4D   O4D    sing N N 177 
GP3 C4D   C3D    sing N N 178 
GP3 C4D   H4D    sing N N 179 
GP3 O4D   C1D    sing N N 180 
GP3 C3D   O3D    sing N N 181 
GP3 C3D   C2D    sing N N 182 
GP3 C3D   H3D    sing N N 183 
GP3 O3D   HO3A   sing N N 184 
GP3 C2D   O2D    sing N N 185 
GP3 C2D   C1D    sing N N 186 
GP3 C2D   H2D    sing N N 187 
GP3 O2D   HO2A   sing N N 188 
GP3 C1D   H1D    sing N N 189 
GP3 PA    O1A    doub N N 190 
GP3 PA    O2A    sing N N 191 
GP3 PA    O3A    sing N N 192 
GP3 O2A   HOA2   sing N N 193 
GP3 O3A   PB     sing N N 194 
GP3 PB    O1B    doub N N 195 
GP3 PB    O2B    sing N N 196 
GP3 PB    O3B    sing N N 197 
GP3 O2B   HOB2   sing N N 198 
GP3 O3B   PG     sing N N 199 
GP3 PG    O1G    doub N N 200 
GP3 PG    O2G    sing N N 201 
GP3 PG    O5E    sing N N 202 
GP3 O2G   HOG2   sing N N 203 
GP3 O5E   C5E    sing N N 204 
GP3 C5E   C4E    sing N N 205 
GP3 C5E   H51B   sing N N 206 
GP3 C5E   H52B   sing N N 207 
GP3 C4E   O4E    sing N N 208 
GP3 C4E   C3E    sing N N 209 
GP3 C4E   H4E    sing N N 210 
GP3 O4E   C1E    sing N N 211 
GP3 C3E   O3E    sing N N 212 
GP3 C3E   C2E    sing N N 213 
GP3 C3E   H3E    sing N N 214 
GP3 O3E   HO3B   sing N N 215 
GP3 C2E   O2E    sing N N 216 
GP3 C2E   C1E    sing N N 217 
GP3 C2E   H2E    sing N N 218 
GP3 O2E   HO2B   sing N N 219 
GP3 C1E   N9B    sing N N 220 
GP3 C1E   H1E    sing N N 221 
GP3 N9B   C8B    sing Y N 222 
GP3 N9B   C4B    sing Y N 223 
GP3 C8B   N7B    doub Y N 224 
GP3 C8B   H8B    sing N N 225 
GP3 N7B   C5B    sing Y N 226 
GP3 C5B   C6B    sing N N 227 
GP3 C5B   C4B    doub Y N 228 
GP3 C6B   O6B    doub N N 229 
GP3 C6B   N1B    sing N N 230 
GP3 N1B   C2B    sing N N 231 
GP3 N1B   H1B    sing N N 232 
GP3 C2B   N2B    sing N N 233 
GP3 C2B   N3B    doub N N 234 
GP3 N2B   H21B   sing N N 235 
GP3 N2B   H22B   sing N N 236 
GP3 N3B   C4B    sing N N 237 
HOH O     H1     sing N N 238 
HOH O     H2     sing N N 239 
LCC "O5'" "C5'"  sing N N 240 
LCC "O5'" P      sing N N 241 
LCC "C5'" "C4'"  sing N N 242 
LCC "C5'" "H5'1" sing N N 243 
LCC "C5'" "H5'2" sing N N 244 
LCC "C4'" "O4'"  sing N N 245 
LCC "C4'" "C3'"  sing N N 246 
LCC "C4'" "C6'"  sing N N 247 
LCC "O4'" "C1'"  sing N N 248 
LCC "C1'" N1     sing N N 249 
LCC "C1'" "C2'"  sing N N 250 
LCC "C1'" "H1'"  sing N N 251 
LCC N1    C6     sing N N 252 
LCC N1    C2     sing N N 253 
LCC C6    C5     doub N N 254 
LCC C6    H6     sing N N 255 
LCC C5    C5M    sing N N 256 
LCC C5    C4     sing N N 257 
LCC C5M   H5M1   sing N N 258 
LCC C5M   H5M2   sing N N 259 
LCC C5M   H5M3   sing N N 260 
LCC C4    N4     sing N N 261 
LCC C4    N3     doub N N 262 
LCC N4    H41    sing N N 263 
LCC N4    H42    sing N N 264 
LCC N3    C2     sing N N 265 
LCC C2    O2     doub N N 266 
LCC "C3'" "C2'"  sing N N 267 
LCC "C3'" "O3'"  sing N N 268 
LCC "C3'" "H3'"  sing N N 269 
LCC "C2'" "O2'"  sing N N 270 
LCC "C2'" "H2'1" sing N N 271 
LCC "O2'" "C6'"  sing N N 272 
LCC "O3'" H3T    sing N N 273 
LCC "C6'" "H6'1" sing N N 274 
LCC "C6'" "H6'2" sing N N 275 
LCC P     O1P    sing N N 276 
LCC P     O2P    doub N N 277 
LCC P     OXT    sing N N 278 
LCC O1P   H1P    sing N N 279 
LCC OXT   HXT    sing N N 280 
LCG P     OP1    doub N N 281 
LCG P     "O5'"  sing N N 282 
LCG P     OP2    sing N N 283 
LCG P     OP3    sing N N 284 
LCG "O5'" "C5'"  sing N N 285 
LCG "C5'" "C4'"  sing N N 286 
LCG "C5'" "H5'"  sing N N 287 
LCG "C5'" "H5''" sing N N 288 
LCG "C3'" "C2'"  sing N N 289 
LCG "C3'" "C4'"  sing N N 290 
LCG "C3'" "O3'"  sing N N 291 
LCG "C3'" "H3'"  sing N N 292 
LCG "C6'" "C4'"  sing N N 293 
LCG "C6'" "O2'"  sing N N 294 
LCG "C6'" "H6'1" sing N N 295 
LCG "C6'" "H6'2" sing N N 296 
LCG N9    C8     sing Y N 297 
LCG N9    C4     sing Y N 298 
LCG N9    "C1'"  sing N N 299 
LCG C8    N7     doub Y N 300 
LCG C8    H8     sing N N 301 
LCG C4    C5     doub Y N 302 
LCG C4    N3     sing N N 303 
LCG N7    C5     sing Y N 304 
LCG C5    C6     sing N N 305 
LCG C6    O6     doub N N 306 
LCG C6    N1     sing N N 307 
LCG "C2'" "C1'"  sing N N 308 
LCG "C2'" "O2'"  sing N N 309 
LCG "C2'" "H2'"  sing N N 310 
LCG "C4'" "O4'"  sing N N 311 
LCG "C1'" "O4'"  sing N N 312 
LCG "C1'" "H1'"  sing N N 313 
LCG C2    N1     sing N N 314 
LCG C2    N2     sing N N 315 
LCG C2    N3     doub N N 316 
LCG N1    H1     sing N N 317 
LCG OP2   HOP2   sing N N 318 
LCG N2    H21    sing N N 319 
LCG N2    H22    sing N N 320 
LCG "O3'" "HO3'" sing N N 321 
LCG OP3   HOP3   sing N N 322 
LKC N1    C2     sing N N 323 
LKC N1    C6     sing N N 324 
LKC N1    "C1'"  sing N N 325 
LKC C2    N3     sing N N 326 
LKC C2    O2     doub N N 327 
LKC N3    C4     doub N N 328 
LKC C4    C5     sing N N 329 
LKC C4    N4     sing N N 330 
LKC C5    C6     doub N N 331 
LKC C5    C5A    sing N N 332 
LKC C6    H6     sing N N 333 
LKC N4    H41    sing N N 334 
LKC N4    H42    sing N N 335 
LKC "C1'" "C2'"  sing N N 336 
LKC "C1'" "O4'"  sing N N 337 
LKC "C1'" "H1'"  sing N N 338 
LKC "C2'" "C3'"  sing N N 339 
LKC "C2'" "O2'"  sing N N 340 
LKC "C2'" "H2'1" sing N N 341 
LKC "C3'" "C4'"  sing N N 342 
LKC "C3'" "O3'"  sing N N 343 
LKC "C3'" "H3'"  sing N N 344 
LKC "C4'" "O4'"  sing N N 345 
LKC "C4'" "C5'"  sing N N 346 
LKC "C4'" "C6'"  sing N N 347 
LKC "O3'" H3T    sing N N 348 
LKC "C5'" "O5'"  sing N N 349 
LKC "C5'" "H5'1" sing N N 350 
LKC "C5'" "H5'2" sing N N 351 
LKC "O5'" H5T    sing N N 352 
LKC C5A   H5M1   sing N N 353 
LKC C5A   H5M2   sing N N 354 
LKC C5A   H5M3   sing N N 355 
LKC "O2'" "C6'"  sing N N 356 
LKC "C6'" "H6'1" sing N N 357 
LKC "C6'" "H6'2" sing N N 358 
U   OP3   P      sing N N 359 
U   OP3   HOP3   sing N N 360 
U   P     OP1    doub N N 361 
U   P     OP2    sing N N 362 
U   P     "O5'"  sing N N 363 
U   OP2   HOP2   sing N N 364 
U   "O5'" "C5'"  sing N N 365 
U   "C5'" "C4'"  sing N N 366 
U   "C5'" "H5'"  sing N N 367 
U   "C5'" "H5''" sing N N 368 
U   "C4'" "O4'"  sing N N 369 
U   "C4'" "C3'"  sing N N 370 
U   "C4'" "H4'"  sing N N 371 
U   "O4'" "C1'"  sing N N 372 
U   "C3'" "O3'"  sing N N 373 
U   "C3'" "C2'"  sing N N 374 
U   "C3'" "H3'"  sing N N 375 
U   "O3'" "HO3'" sing N N 376 
U   "C2'" "O2'"  sing N N 377 
U   "C2'" "C1'"  sing N N 378 
U   "C2'" "H2'"  sing N N 379 
U   "O2'" "HO2'" sing N N 380 
U   "C1'" N1     sing N N 381 
U   "C1'" "H1'"  sing N N 382 
U   N1    C2     sing N N 383 
U   N1    C6     sing N N 384 
U   C2    O2     doub N N 385 
U   C2    N3     sing N N 386 
U   N3    C4     sing N N 387 
U   N3    H3     sing N N 388 
U   C4    O4     doub N N 389 
U   C4    C5     sing N N 390 
U   C5    C6     doub N N 391 
U   C5    H5     sing N N 392 
U   C6    H6     sing N N 393 
# 
_ndb_struct_conf_na.entry_id   7KUL 
_ndb_struct_conf_na.feature    'a-form double helix' 
# 
loop_
_ndb_struct_na_base_pair.model_number 
_ndb_struct_na_base_pair.i_label_asym_id 
_ndb_struct_na_base_pair.i_label_comp_id 
_ndb_struct_na_base_pair.i_label_seq_id 
_ndb_struct_na_base_pair.i_symmetry 
_ndb_struct_na_base_pair.j_label_asym_id 
_ndb_struct_na_base_pair.j_label_comp_id 
_ndb_struct_na_base_pair.j_label_seq_id 
_ndb_struct_na_base_pair.j_symmetry 
_ndb_struct_na_base_pair.shear 
_ndb_struct_na_base_pair.stretch 
_ndb_struct_na_base_pair.stagger 
_ndb_struct_na_base_pair.buckle 
_ndb_struct_na_base_pair.propeller 
_ndb_struct_na_base_pair.opening 
_ndb_struct_na_base_pair.pair_number 
_ndb_struct_na_base_pair.pair_name 
_ndb_struct_na_base_pair.i_auth_asym_id 
_ndb_struct_na_base_pair.i_auth_seq_id 
_ndb_struct_na_base_pair.i_PDB_ins_code 
_ndb_struct_na_base_pair.j_auth_asym_id 
_ndb_struct_na_base_pair.j_auth_seq_id 
_ndb_struct_na_base_pair.j_PDB_ins_code 
_ndb_struct_na_base_pair.hbond_type_28 
_ndb_struct_na_base_pair.hbond_type_12 
1 A LCG 4  1_555 B C   13 1_555 -0.261 -0.208 0.005  -5.502 -13.358 -0.914 1  A_LCG4:C13_B A 4  ? B 13 ? 19 1 
1 A A   5  1_555 B U   12 1_555 -0.078 -0.061 0.017  3.037  -8.704  -2.822 2  A_A5:U12_B   A 5  ? B 12 ? 20 1 
1 A C   6  1_555 B G   11 1_555 0.209  -0.159 -0.005 8.087  -16.589 0.672  3  A_C6:G11_B   A 6  ? B 11 ? 19 1 
1 A U   7  1_555 B A   10 1_555 0.058  -0.121 0.127  0.861  -14.773 3.519  4  A_U7:A10_B   A 7  ? B 10 ? 20 1 
1 A U   8  1_555 B A   9  1_555 -0.178 -0.263 0.064  -1.056 -12.028 2.607  5  A_U8:A9_B    A 8  ? B 9  ? 20 1 
1 A A   9  1_555 B U   8  1_555 0.205  -0.293 0.146  0.789  -12.211 2.604  6  A_A9:U8_B    A 9  ? B 8  ? 20 1 
1 A A   10 1_555 B U   7  1_555 -0.050 -0.108 0.099  -2.490 -14.982 2.854  7  A_A10:U7_B   A 10 ? B 7  ? 20 1 
1 A G   11 1_555 B C   6  1_555 -0.211 -0.125 -0.040 -8.675 -16.572 0.741  8  A_G11:C6_B   A 11 ? B 6  ? 19 1 
1 A U   12 1_555 B A   5  1_555 0.204  -0.073 0.014  -3.743 -8.313  -3.161 9  A_U12:A5_B   A 12 ? B 5  ? 20 1 
1 A C   13 1_555 B LCG 4  1_555 0.299  -0.201 -0.011 4.863  -12.552 -1.163 10 A_C13:LCG4_B A 13 ? B 4  ? 19 1 
# 
loop_
_ndb_struct_na_base_pair_step.model_number 
_ndb_struct_na_base_pair_step.i_label_asym_id_1 
_ndb_struct_na_base_pair_step.i_label_comp_id_1 
_ndb_struct_na_base_pair_step.i_label_seq_id_1 
_ndb_struct_na_base_pair_step.i_symmetry_1 
_ndb_struct_na_base_pair_step.j_label_asym_id_1 
_ndb_struct_na_base_pair_step.j_label_comp_id_1 
_ndb_struct_na_base_pair_step.j_label_seq_id_1 
_ndb_struct_na_base_pair_step.j_symmetry_1 
_ndb_struct_na_base_pair_step.i_label_asym_id_2 
_ndb_struct_na_base_pair_step.i_label_comp_id_2 
_ndb_struct_na_base_pair_step.i_label_seq_id_2 
_ndb_struct_na_base_pair_step.i_symmetry_2 
_ndb_struct_na_base_pair_step.j_label_asym_id_2 
_ndb_struct_na_base_pair_step.j_label_comp_id_2 
_ndb_struct_na_base_pair_step.j_label_seq_id_2 
_ndb_struct_na_base_pair_step.j_symmetry_2 
_ndb_struct_na_base_pair_step.shift 
_ndb_struct_na_base_pair_step.slide 
_ndb_struct_na_base_pair_step.rise 
_ndb_struct_na_base_pair_step.tilt 
_ndb_struct_na_base_pair_step.roll 
_ndb_struct_na_base_pair_step.twist 
_ndb_struct_na_base_pair_step.x_displacement 
_ndb_struct_na_base_pair_step.y_displacement 
_ndb_struct_na_base_pair_step.helical_rise 
_ndb_struct_na_base_pair_step.inclination 
_ndb_struct_na_base_pair_step.tip 
_ndb_struct_na_base_pair_step.helical_twist 
_ndb_struct_na_base_pair_step.step_number 
_ndb_struct_na_base_pair_step.step_name 
_ndb_struct_na_base_pair_step.i_auth_asym_id_1 
_ndb_struct_na_base_pair_step.i_auth_seq_id_1 
_ndb_struct_na_base_pair_step.i_PDB_ins_code_1 
_ndb_struct_na_base_pair_step.j_auth_asym_id_1 
_ndb_struct_na_base_pair_step.j_auth_seq_id_1 
_ndb_struct_na_base_pair_step.j_PDB_ins_code_1 
_ndb_struct_na_base_pair_step.i_auth_asym_id_2 
_ndb_struct_na_base_pair_step.i_auth_seq_id_2 
_ndb_struct_na_base_pair_step.i_PDB_ins_code_2 
_ndb_struct_na_base_pair_step.j_auth_asym_id_2 
_ndb_struct_na_base_pair_step.j_auth_seq_id_2 
_ndb_struct_na_base_pair_step.j_PDB_ins_code_2 
1 A LCG 4  1_555 B C 13 1_555 A A 5  1_555 B U   12 1_555 -0.471 -1.231 3.074 -1.594 3.837  31.493 -2.897 0.591  2.927 7.031  
2.920  31.759 1 AA_LCG4A5:U12C13_BB A 4  ? B 13 ? A 5  ? B 12 ? 
1 A A   5  1_555 B U 12 1_555 A C 6  1_555 B G   11 1_555 0.570  -1.405 3.124 0.600  4.148  33.807 -3.014 -0.885 2.946 7.099  
-1.026 34.059 2 AA_A5C6:G11U12_BB   A 5  ? B 12 ? A 6  ? B 11 ? 
1 A C   6  1_555 B G 11 1_555 A U 7  1_555 B A   10 1_555 -0.200 -1.718 3.400 -2.243 11.832 30.391 -5.005 -0.014 2.577 21.537 
4.082  32.638 3 AA_C6U7:A10G11_BB   A 6  ? B 11 ? A 7  ? B 10 ? 
1 A U   7  1_555 B A 10 1_555 A U 8  1_555 B A   9  1_555 -0.352 -1.222 3.268 -0.784 9.971  29.422 -4.089 0.515  2.726 18.954 
1.491  31.039 4 AA_U7U8:A9A10_BB    A 7  ? B 10 ? A 8  ? B 9  ? 
1 A U   8  1_555 B A 9  1_555 A A 9  1_555 B U   8  1_555 -0.013 -1.397 3.179 -0.527 15.284 34.853 -3.883 -0.040 2.382 24.132 
0.832  37.965 5 AA_U8A9:U8A9_BB     A 8  ? B 9  ? A 9  ? B 8  ? 
1 A A   9  1_555 B U 8  1_555 A A 10 1_555 B U   7  1_555 0.347  -1.241 3.304 1.489  10.275 29.210 -4.214 -0.376 2.734 19.610 
-2.841 30.962 6 AA_A9A10:U7U8_BB    A 9  ? B 8  ? A 10 ? B 7  ? 
1 A A   10 1_555 B U 7  1_555 A G 11 1_555 B C   6  1_555 0.190  -1.741 3.377 2.430  11.501 30.356 -5.008 0.062  2.572 20.999 
-4.437 32.503 7 AA_A10G11:C6U7_BB   A 10 ? B 7  ? A 11 ? B 6  ? 
1 A G   11 1_555 B C 6  1_555 A U 12 1_555 B A   5  1_555 -0.536 -1.386 3.136 -0.942 4.215  34.255 -2.947 0.767  2.962 7.121  
1.591  34.518 8 AA_G11U12:A5C6_BB   A 11 ? B 6  ? A 12 ? B 5  ? 
1 A U   12 1_555 B A 5  1_555 A C 13 1_555 B LCG 4  1_555 0.423  -1.242 3.068 1.816  3.850  31.118 -2.959 -0.468 2.916 7.135  
-3.365 31.401 9 AA_U12C13:LCG4A5_BB A 12 ? B 5  ? A 13 ? B 4  ? 
# 
loop_
_pdbx_audit_support.funding_organization 
_pdbx_audit_support.country 
_pdbx_audit_support.grant_number 
_pdbx_audit_support.ordinal 
'National Science Foundation (NSF, United States)' 'United States' 1607034 1 
'Howard Hughes Medical Institute (HHMI)'           'United States' ?       2 
# 
_pdbx_entity_instance_feature.ordinal        1 
_pdbx_entity_instance_feature.comp_id        GP3 
_pdbx_entity_instance_feature.asym_id        ? 
_pdbx_entity_instance_feature.seq_num        ? 
_pdbx_entity_instance_feature.auth_comp_id   GP3 
_pdbx_entity_instance_feature.auth_asym_id   ? 
_pdbx_entity_instance_feature.auth_seq_num   ? 
_pdbx_entity_instance_feature.feature_type   'SUBJECT OF INVESTIGATION' 
_pdbx_entity_instance_feature.details        ? 
# 
loop_
_pdbx_entity_nonpoly.entity_id 
_pdbx_entity_nonpoly.name 
_pdbx_entity_nonpoly.comp_id 
2 "DIGUANOSINE-5'-TRIPHOSPHATE" GP3 
3 'MAGNESIUM ION'               MG  
4 water                         HOH 
# 
_pdbx_initial_refinement_model.id               1 
_pdbx_initial_refinement_model.entity_id_list   ? 
_pdbx_initial_refinement_model.type             'experimental model' 
_pdbx_initial_refinement_model.source_name      PDB 
_pdbx_initial_refinement_model.accession_code   5UEE 
_pdbx_initial_refinement_model.details          ? 
# 
